data_7ECG
# 
_entry.id   7ECG 
# 
_audit_conform.dict_name       mmcif_pdbx.dic 
_audit_conform.dict_version    5.387 
_audit_conform.dict_location   http://mmcif.pdb.org/dictionaries/ascii/mmcif_pdbx.dic 
# 
loop_
_database_2.database_id 
_database_2.database_code 
_database_2.pdbx_database_accession 
_database_2.pdbx_DOI 
PDB   7ECG         pdb_00007ecg 10.2210/pdb7ecg/pdb 
WWPDB D_1300021166 ?            ?                   
# 
loop_
_pdbx_audit_revision_history.ordinal 
_pdbx_audit_revision_history.data_content_type 
_pdbx_audit_revision_history.major_revision 
_pdbx_audit_revision_history.minor_revision 
_pdbx_audit_revision_history.revision_date 
1 'Structure model' 1 0 2021-06-09 
2 'Structure model' 1 1 2021-06-23 
3 'Structure model' 1 2 2024-03-27 
# 
_pdbx_audit_revision_details.ordinal             1 
_pdbx_audit_revision_details.revision_ordinal    1 
_pdbx_audit_revision_details.data_content_type   'Structure model' 
_pdbx_audit_revision_details.provider            repository 
_pdbx_audit_revision_details.type                'Initial release' 
_pdbx_audit_revision_details.description         ? 
_pdbx_audit_revision_details.details             ? 
# 
loop_
_pdbx_audit_revision_group.ordinal 
_pdbx_audit_revision_group.revision_ordinal 
_pdbx_audit_revision_group.data_content_type 
_pdbx_audit_revision_group.group 
1 2 'Structure model' 'Database references'    
2 3 'Structure model' 'Data collection'        
3 3 'Structure model' 'Database references'    
4 3 'Structure model' 'Refinement description' 
# 
loop_
_pdbx_audit_revision_category.ordinal 
_pdbx_audit_revision_category.revision_ordinal 
_pdbx_audit_revision_category.data_content_type 
_pdbx_audit_revision_category.category 
1 2 'Structure model' citation           
2 2 'Structure model' citation_author    
3 3 'Structure model' chem_comp_atom     
4 3 'Structure model' chem_comp_bond     
5 3 'Structure model' database_2         
6 3 'Structure model' struct_ncs_dom_lim 
# 
loop_
_pdbx_audit_revision_item.ordinal 
_pdbx_audit_revision_item.revision_ordinal 
_pdbx_audit_revision_item.data_content_type 
_pdbx_audit_revision_item.item 
1  2 'Structure model' '_citation.journal_volume'              
2  2 'Structure model' '_citation.page_first'                  
3  2 'Structure model' '_citation.page_last'                   
4  2 'Structure model' '_citation_author.identifier_ORCID'     
5  3 'Structure model' '_database_2.pdbx_DOI'                  
6  3 'Structure model' '_database_2.pdbx_database_accession'   
7  3 'Structure model' '_struct_ncs_dom_lim.beg_auth_comp_id'  
8  3 'Structure model' '_struct_ncs_dom_lim.beg_label_asym_id' 
9  3 'Structure model' '_struct_ncs_dom_lim.beg_label_comp_id' 
10 3 'Structure model' '_struct_ncs_dom_lim.beg_label_seq_id'  
11 3 'Structure model' '_struct_ncs_dom_lim.end_auth_comp_id'  
12 3 'Structure model' '_struct_ncs_dom_lim.end_label_asym_id' 
13 3 'Structure model' '_struct_ncs_dom_lim.end_label_comp_id' 
14 3 'Structure model' '_struct_ncs_dom_lim.end_label_seq_id'  
# 
_pdbx_database_status.status_code                     REL 
_pdbx_database_status.status_code_sf                  REL 
_pdbx_database_status.status_code_mr                  ? 
_pdbx_database_status.entry_id                        7ECG 
_pdbx_database_status.recvd_initial_deposition_date   2021-03-12 
_pdbx_database_status.SG_entry                        N 
_pdbx_database_status.deposit_site                    PDBJ 
_pdbx_database_status.process_site                    PDBJ 
_pdbx_database_status.status_code_cs                  ? 
_pdbx_database_status.status_code_nmr_data            ? 
_pdbx_database_status.methods_development_category    ? 
_pdbx_database_status.pdb_format_compatible           Y 
# 
loop_
_audit_author.name 
_audit_author.pdbx_ordinal 
_audit_author.identifier_ORCID 
'Geng, Y.' 1 ? 
'Liu, C.'  2 ? 
'Cai, Q.'  3 ? 
'Luo, Z.'  4 ? 
'Zhu, G.'  5 ? 
# 
_citation.abstract                  ? 
_citation.abstract_id_CAS           ? 
_citation.book_id_ISBN              ? 
_citation.book_publisher            ? 
_citation.book_publisher_city       ? 
_citation.book_title                ? 
_citation.coordinate_linkage        ? 
_citation.country                   UK 
_citation.database_id_Medline       ? 
_citation.details                   ? 
_citation.id                        primary 
_citation.journal_abbrev            'Nucleic Acids Res.' 
_citation.journal_id_ASTM           NARHAD 
_citation.journal_id_CSD            0389 
_citation.journal_id_ISSN           1362-4962 
_citation.journal_full              ? 
_citation.journal_issue             ? 
_citation.journal_volume            49 
_citation.language                  ? 
_citation.page_first                5881 
_citation.page_last                 5890 
_citation.title                     
'Crystal structure of parallel G-quadruplex formed by the two-repeat ALS- and FTD-related GGGGCC sequence.' 
_citation.year                      2021 
_citation.database_id_CSD           ? 
_citation.pdbx_database_id_DOI      10.1093/nar/gkab302 
_citation.pdbx_database_id_PubMed   34048588 
_citation.pdbx_database_id_patent   ? 
_citation.unpublished_flag          ? 
# 
loop_
_citation_author.citation_id 
_citation_author.name 
_citation_author.ordinal 
_citation_author.identifier_ORCID 
primary 'Geng, Y.'   1  ? 
primary 'Liu, C.'    2  ? 
primary 'Cai, Q.'    3  ? 
primary 'Luo, Z.'    4  ? 
primary 'Miao, H.'   5  ? 
primary 'Shi, X.'    6  ? 
primary 'Xu, N.'     7  ? 
primary 'Fung, C.P.' 8  ? 
primary 'Choy, T.T.' 9  ? 
primary 'Yan, B.'    10 ? 
primary 'Li, N.'     11 ? 
primary 'Qian, P.'   12 ? 
primary 'Zhou, B.'   13 ? 
primary 'Zhu, G.'    14 ? 
# 
loop_
_entity.id 
_entity.type 
_entity.src_method 
_entity.pdbx_description 
_entity.formula_weight 
_entity.pdbx_number_of_molecules 
_entity.pdbx_ec 
_entity.pdbx_mutation 
_entity.pdbx_fragment 
_entity.details 
1 polymer     syn 
;DNA (5'-D(*GP*GP*GP*GP*CP*CP*GP*GP*GP*GP*CP*C)-3')
;
3745.416 3  ? ? ? ? 
2 non-polymer syn 'BARIUM ION'                                         137.327  5  ? ? ? ? 
3 water       nat water                                                18.015   11 ? ? ? ? 
# 
_entity_poly.entity_id                      1 
_entity_poly.type                           polydeoxyribonucleotide 
_entity_poly.nstd_linkage                   no 
_entity_poly.nstd_monomer                   no 
_entity_poly.pdbx_seq_one_letter_code       '(DG)(DG)(DG)(DG)(DC)(DC)(DG)(DG)(DG)(DG)(DC)(DC)' 
_entity_poly.pdbx_seq_one_letter_code_can   GGGGCCGGGGCC 
_entity_poly.pdbx_strand_id                 A,B,C 
_entity_poly.pdbx_target_identifier         ? 
# 
loop_
_pdbx_entity_nonpoly.entity_id 
_pdbx_entity_nonpoly.name 
_pdbx_entity_nonpoly.comp_id 
2 'BARIUM ION' BA  
3 water        HOH 
# 
loop_
_entity_poly_seq.entity_id 
_entity_poly_seq.num 
_entity_poly_seq.mon_id 
_entity_poly_seq.hetero 
1 1  DG n 
1 2  DG n 
1 3  DG n 
1 4  DG n 
1 5  DC n 
1 6  DC n 
1 7  DG n 
1 8  DG n 
1 9  DG n 
1 10 DG n 
1 11 DC n 
1 12 DC n 
# 
_pdbx_entity_src_syn.entity_id              1 
_pdbx_entity_src_syn.pdbx_src_id            1 
_pdbx_entity_src_syn.pdbx_alt_source_flag   sample 
_pdbx_entity_src_syn.pdbx_beg_seq_num       1 
_pdbx_entity_src_syn.pdbx_end_seq_num       12 
_pdbx_entity_src_syn.organism_scientific    'Homo sapiens' 
_pdbx_entity_src_syn.organism_common_name   ? 
_pdbx_entity_src_syn.ncbi_taxonomy_id       9606 
_pdbx_entity_src_syn.details                ? 
# 
loop_
_chem_comp.id 
_chem_comp.type 
_chem_comp.mon_nstd_flag 
_chem_comp.name 
_chem_comp.pdbx_synonyms 
_chem_comp.formula 
_chem_comp.formula_weight 
BA  non-polymer   . 'BARIUM ION'                         ? 'Ba 2'            137.327 
DC  'DNA linking' y "2'-DEOXYCYTIDINE-5'-MONOPHOSPHATE"  ? 'C9 H14 N3 O7 P'  307.197 
DG  'DNA linking' y "2'-DEOXYGUANOSINE-5'-MONOPHOSPHATE" ? 'C10 H14 N5 O7 P' 347.221 
HOH non-polymer   . WATER                                ? 'H2 O'            18.015  
# 
loop_
_pdbx_poly_seq_scheme.asym_id 
_pdbx_poly_seq_scheme.entity_id 
_pdbx_poly_seq_scheme.seq_id 
_pdbx_poly_seq_scheme.mon_id 
_pdbx_poly_seq_scheme.ndb_seq_num 
_pdbx_poly_seq_scheme.pdb_seq_num 
_pdbx_poly_seq_scheme.auth_seq_num 
_pdbx_poly_seq_scheme.pdb_mon_id 
_pdbx_poly_seq_scheme.auth_mon_id 
_pdbx_poly_seq_scheme.pdb_strand_id 
_pdbx_poly_seq_scheme.pdb_ins_code 
_pdbx_poly_seq_scheme.hetero 
A 1 1  DG 1  1  1  DG DG A . n 
A 1 2  DG 2  2  2  DG DG A . n 
A 1 3  DG 3  3  3  DG DG A . n 
A 1 4  DG 4  4  4  DG DG A . n 
A 1 5  DC 5  5  5  DC DC A . n 
A 1 6  DC 6  6  6  DC DC A . n 
A 1 7  DG 7  7  7  DG DG A . n 
A 1 8  DG 8  8  8  DG DG A . n 
A 1 9  DG 9  9  9  DG DG A . n 
A 1 10 DG 10 10 10 DG DG A . n 
A 1 11 DC 11 11 11 DC DC A . n 
A 1 12 DC 12 12 12 DC DC A . n 
B 1 1  DG 1  1  1  DG DG B . n 
B 1 2  DG 2  2  2  DG DG B . n 
B 1 3  DG 3  3  3  DG DG B . n 
B 1 4  DG 4  4  4  DG DG B . n 
B 1 5  DC 5  5  5  DC DC B . n 
B 1 6  DC 6  6  6  DC DC B . n 
B 1 7  DG 7  7  7  DG DG B . n 
B 1 8  DG 8  8  8  DG DG B . n 
B 1 9  DG 9  9  9  DG DG B . n 
B 1 10 DG 10 10 10 DG DG B . n 
B 1 11 DC 11 11 11 DC DC B . n 
B 1 12 DC 12 12 ?  ?  ?  B . n 
C 1 1  DG 1  1  1  DG DG C . n 
C 1 2  DG 2  2  2  DG DG C . n 
C 1 3  DG 3  3  3  DG DG C . n 
C 1 4  DG 4  4  4  DG DG C . n 
C 1 5  DC 5  5  ?  ?  ?  C . n 
C 1 6  DC 6  6  ?  ?  ?  C . n 
C 1 7  DG 7  7  7  DG DG C . n 
C 1 8  DG 8  8  8  DG DG C . n 
C 1 9  DG 9  9  9  DG DG C . n 
C 1 10 DG 10 10 10 DG DG C . n 
C 1 11 DC 11 11 11 DC DC C . n 
C 1 12 DC 12 12 12 DC DC C . n 
# 
loop_
_pdbx_nonpoly_scheme.asym_id 
_pdbx_nonpoly_scheme.entity_id 
_pdbx_nonpoly_scheme.mon_id 
_pdbx_nonpoly_scheme.ndb_seq_num 
_pdbx_nonpoly_scheme.pdb_seq_num 
_pdbx_nonpoly_scheme.auth_seq_num 
_pdbx_nonpoly_scheme.pdb_mon_id 
_pdbx_nonpoly_scheme.auth_mon_id 
_pdbx_nonpoly_scheme.pdb_strand_id 
_pdbx_nonpoly_scheme.pdb_ins_code 
D 2 BA  1 101 3  BA  BA  A . 
E 2 BA  1 102 4  BA  BA  A . 
F 2 BA  1 103 5  BA  BA  A . 
G 2 BA  1 101 1  BA  BA  C . 
H 2 BA  1 102 2  BA  BA  C . 
I 3 HOH 1 201 1  HOH HOH A . 
I 3 HOH 2 202 2  HOH HOH A . 
I 3 HOH 3 203 6  HOH HOH A . 
I 3 HOH 4 204 7  HOH HOH A . 
I 3 HOH 5 205 4  HOH HOH A . 
I 3 HOH 6 206 5  HOH HOH A . 
J 3 HOH 1 101 8  HOH HOH B . 
J 3 HOH 2 102 10 HOH HOH B . 
J 3 HOH 3 103 3  HOH HOH B . 
J 3 HOH 4 104 11 HOH HOH B . 
K 3 HOH 1 201 9  HOH HOH C . 
# 
loop_
_software.citation_id 
_software.classification 
_software.compiler_name 
_software.compiler_version 
_software.contact_author 
_software.contact_author_email 
_software.date 
_software.description 
_software.dependencies 
_software.hardware 
_software.language 
_software.location 
_software.mods 
_software.name 
_software.os 
_software.os_version 
_software.type 
_software.version 
_software.pdbx_ordinal 
? 'data scaling'    ? ? ? ? ? ? ? ? ? ? ? HKL-2000    ? ? ? .        1 
? refinement        ? ? ? ? ? ? ? ? ? ? ? REFMAC      ? ? ? 5.8.0266 2 
? 'data extraction' ? ? ? ? ? ? ? ? ? ? ? PDB_EXTRACT ? ? ? 3.27     3 
? 'data reduction'  ? ? ? ? ? ? ? ? ? ? ? HKL-2000    ? ? ? .        4 
? phasing           ? ? ? ? ? ? ? ? ? ? ? PHASER      ? ? ? .        5 
# 
_cell.angle_alpha                  90.000 
_cell.angle_alpha_esd              ? 
_cell.angle_beta                   90.000 
_cell.angle_beta_esd               ? 
_cell.angle_gamma                  90.000 
_cell.angle_gamma_esd              ? 
_cell.entry_id                     7ECG 
_cell.details                      ? 
_cell.formula_units_Z              ? 
_cell.length_a                     55.613 
_cell.length_a_esd                 ? 
_cell.length_b                     60.817 
_cell.length_b_esd                 ? 
_cell.length_c                     109.605 
_cell.length_c_esd                 ? 
_cell.volume                       ? 
_cell.volume_esd                   ? 
_cell.Z_PDB                        48 
_cell.reciprocal_angle_alpha       ? 
_cell.reciprocal_angle_beta        ? 
_cell.reciprocal_angle_gamma       ? 
_cell.reciprocal_angle_alpha_esd   ? 
_cell.reciprocal_angle_beta_esd    ? 
_cell.reciprocal_angle_gamma_esd   ? 
_cell.reciprocal_length_a          ? 
_cell.reciprocal_length_b          ? 
_cell.reciprocal_length_c          ? 
_cell.reciprocal_length_a_esd      ? 
_cell.reciprocal_length_b_esd      ? 
_cell.reciprocal_length_c_esd      ? 
_cell.pdbx_unique_axis             ? 
# 
_symmetry.entry_id                         7ECG 
_symmetry.cell_setting                     ? 
_symmetry.Int_Tables_number                22 
_symmetry.space_group_name_Hall            ? 
_symmetry.space_group_name_H-M             'F 2 2 2' 
_symmetry.pdbx_full_space_group_name_H-M   ? 
# 
_exptl.absorpt_coefficient_mu     ? 
_exptl.absorpt_correction_T_max   ? 
_exptl.absorpt_correction_T_min   ? 
_exptl.absorpt_correction_type    ? 
_exptl.absorpt_process_details    ? 
_exptl.entry_id                   7ECG 
_exptl.crystals_number            1 
_exptl.details                    ? 
_exptl.method                     'X-RAY DIFFRACTION' 
_exptl.method_details             ? 
# 
_exptl_crystal.colour                      ? 
_exptl_crystal.density_diffrn              ? 
_exptl_crystal.density_Matthews            2.06 
_exptl_crystal.density_method              ? 
_exptl_crystal.density_percent_sol         40.35 
_exptl_crystal.description                 'THE ENTRY CONTAINS FRIEDEL PAIRS IN I/F_PLUS/MINUS COLUMNS.' 
_exptl_crystal.F_000                       ? 
_exptl_crystal.id                          1 
_exptl_crystal.preparation                 ? 
_exptl_crystal.size_max                    ? 
_exptl_crystal.size_mid                    ? 
_exptl_crystal.size_min                    ? 
_exptl_crystal.size_rad                    ? 
_exptl_crystal.colour_lustre               ? 
_exptl_crystal.colour_modifier             ? 
_exptl_crystal.colour_primary              ? 
_exptl_crystal.density_meas                ? 
_exptl_crystal.density_meas_esd            ? 
_exptl_crystal.density_meas_gt             ? 
_exptl_crystal.density_meas_lt             ? 
_exptl_crystal.density_meas_temp           ? 
_exptl_crystal.density_meas_temp_esd       ? 
_exptl_crystal.density_meas_temp_gt        ? 
_exptl_crystal.density_meas_temp_lt        ? 
_exptl_crystal.pdbx_crystal_image_url      ? 
_exptl_crystal.pdbx_crystal_image_format   ? 
_exptl_crystal.pdbx_mosaicity              ? 
_exptl_crystal.pdbx_mosaicity_esd          ? 
# 
_exptl_crystal_grow.apparatus       ? 
_exptl_crystal_grow.atmosphere      ? 
_exptl_crystal_grow.crystal_id      1 
_exptl_crystal_grow.details         ? 
_exptl_crystal_grow.method          EVAPORATION 
_exptl_crystal_grow.method_ref      ? 
_exptl_crystal_grow.pH              7.0 
_exptl_crystal_grow.pressure        ? 
_exptl_crystal_grow.pressure_esd    ? 
_exptl_crystal_grow.seeding         ? 
_exptl_crystal_grow.seeding_ref     ? 
_exptl_crystal_grow.temp            289 
_exptl_crystal_grow.temp_details    ? 
_exptl_crystal_grow.temp_esd        ? 
_exptl_crystal_grow.time            ? 
_exptl_crystal_grow.pdbx_details    
;40 mM Sodium Cacodylate trihydrate pH 7.0, 10% MPD, 12 mM spermine tetrahydrochloride, 80 mM KCl and 20 mM MgCl2 with the reservoir buffer of 17.5% MPD
;
_exptl_crystal_grow.pdbx_pH_range   ? 
# 
_diffrn.ambient_environment              ? 
_diffrn.ambient_temp                     100 
_diffrn.ambient_temp_details             ? 
_diffrn.ambient_temp_esd                 ? 
_diffrn.crystal_id                       1 
_diffrn.crystal_support                  ? 
_diffrn.crystal_treatment                ? 
_diffrn.details                          ? 
_diffrn.id                               1 
_diffrn.ambient_pressure                 ? 
_diffrn.ambient_pressure_esd             ? 
_diffrn.ambient_pressure_gt              ? 
_diffrn.ambient_pressure_lt              ? 
_diffrn.ambient_temp_gt                  ? 
_diffrn.ambient_temp_lt                  ? 
_diffrn.pdbx_serial_crystal_experiment   N 
# 
_diffrn_detector.details                      ? 
_diffrn_detector.detector                     PIXEL 
_diffrn_detector.diffrn_id                    1 
_diffrn_detector.type                         'DECTRIS EIGER X 16M' 
_diffrn_detector.area_resol_mean              ? 
_diffrn_detector.dtime                        ? 
_diffrn_detector.pdbx_frames_total            ? 
_diffrn_detector.pdbx_collection_time_total   ? 
_diffrn_detector.pdbx_collection_date         2018-07-14 
_diffrn_detector.pdbx_frequency               ? 
# 
_diffrn_radiation.collimation                      ? 
_diffrn_radiation.diffrn_id                        1 
_diffrn_radiation.filter_edge                      ? 
_diffrn_radiation.inhomogeneity                    ? 
_diffrn_radiation.monochromator                    'double crystal' 
_diffrn_radiation.polarisn_norm                    ? 
_diffrn_radiation.polarisn_ratio                   ? 
_diffrn_radiation.probe                            ? 
_diffrn_radiation.type                             ? 
_diffrn_radiation.xray_symbol                      ? 
_diffrn_radiation.wavelength_id                    1 
_diffrn_radiation.pdbx_monochromatic_or_laue_m_l   M 
_diffrn_radiation.pdbx_wavelength_list             ? 
_diffrn_radiation.pdbx_wavelength                  ? 
_diffrn_radiation.pdbx_diffrn_protocol             'SINGLE WAVELENGTH' 
_diffrn_radiation.pdbx_analyzer                    ? 
_diffrn_radiation.pdbx_scattering_type             x-ray 
# 
_diffrn_radiation_wavelength.id           1 
_diffrn_radiation_wavelength.wavelength   0.97913 
_diffrn_radiation_wavelength.wt           1.0 
# 
_diffrn_source.current                     ? 
_diffrn_source.details                     ? 
_diffrn_source.diffrn_id                   1 
_diffrn_source.power                       ? 
_diffrn_source.size                        ? 
_diffrn_source.source                      SYNCHROTRON 
_diffrn_source.target                      ? 
_diffrn_source.type                        'SSRF BEAMLINE BL17U' 
_diffrn_source.voltage                     ? 
_diffrn_source.take-off_angle              ? 
_diffrn_source.pdbx_wavelength_list        0.97913 
_diffrn_source.pdbx_wavelength             ? 
_diffrn_source.pdbx_synchrotron_beamline   BL17U 
_diffrn_source.pdbx_synchrotron_site       SSRF 
# 
_reflns.B_iso_Wilson_estimate            ? 
_reflns.entry_id                         7ECG 
_reflns.data_reduction_details           ? 
_reflns.data_reduction_method            ? 
_reflns.d_resolution_high                1.970 
_reflns.d_resolution_low                 50.000 
_reflns.details                          ? 
_reflns.limit_h_max                      ? 
_reflns.limit_h_min                      ? 
_reflns.limit_k_max                      ? 
_reflns.limit_k_min                      ? 
_reflns.limit_l_max                      ? 
_reflns.limit_l_min                      ? 
_reflns.number_all                       ? 
_reflns.number_obs                       6636 
_reflns.observed_criterion               ? 
_reflns.observed_criterion_F_max         ? 
_reflns.observed_criterion_F_min         ? 
_reflns.observed_criterion_I_max         ? 
_reflns.observed_criterion_I_min         ? 
_reflns.observed_criterion_sigma_F       ? 
_reflns.observed_criterion_sigma_I       ? 
_reflns.percent_possible_obs             97.900 
_reflns.R_free_details                   ? 
_reflns.Rmerge_F_all                     ? 
_reflns.Rmerge_F_obs                     ? 
_reflns.Friedel_coverage                 ? 
_reflns.number_gt                        ? 
_reflns.threshold_expression             ? 
_reflns.pdbx_redundancy                  10.500 
_reflns.pdbx_Rmerge_I_obs                0.083 
_reflns.pdbx_Rmerge_I_all                ? 
_reflns.pdbx_Rsym_value                  ? 
_reflns.pdbx_netI_over_av_sigmaI         ? 
_reflns.pdbx_netI_over_sigmaI            15.700 
_reflns.pdbx_res_netI_over_av_sigmaI_2   ? 
_reflns.pdbx_res_netI_over_sigmaI_2      ? 
_reflns.pdbx_chi_squared                 3.051 
_reflns.pdbx_scaling_rejects             ? 
_reflns.pdbx_d_res_high_opt              ? 
_reflns.pdbx_d_res_low_opt               ? 
_reflns.pdbx_d_res_opt_method            ? 
_reflns.phase_calculation_details        ? 
_reflns.pdbx_Rrim_I_all                  0.088 
_reflns.pdbx_Rpim_I_all                  0.027 
_reflns.pdbx_d_opt                       ? 
_reflns.pdbx_number_measured_all         69658 
_reflns.pdbx_diffrn_id                   1 
_reflns.pdbx_ordinal                     1 
_reflns.pdbx_CC_half                     ? 
_reflns.pdbx_CC_star                     ? 
_reflns.pdbx_R_split                     ? 
# 
loop_
_reflns_shell.d_res_high 
_reflns_shell.d_res_low 
_reflns_shell.meanI_over_sigI_all 
_reflns_shell.meanI_over_sigI_obs 
_reflns_shell.number_measured_all 
_reflns_shell.number_measured_obs 
_reflns_shell.number_possible 
_reflns_shell.number_unique_all 
_reflns_shell.number_unique_obs 
_reflns_shell.percent_possible_all 
_reflns_shell.percent_possible_obs 
_reflns_shell.Rmerge_F_all 
_reflns_shell.Rmerge_F_obs 
_reflns_shell.Rmerge_I_all 
_reflns_shell.Rmerge_I_obs 
_reflns_shell.meanI_over_sigI_gt 
_reflns_shell.meanI_over_uI_all 
_reflns_shell.meanI_over_uI_gt 
_reflns_shell.number_measured_gt 
_reflns_shell.number_unique_gt 
_reflns_shell.percent_possible_gt 
_reflns_shell.Rmerge_F_gt 
_reflns_shell.Rmerge_I_gt 
_reflns_shell.pdbx_redundancy 
_reflns_shell.pdbx_Rsym_value 
_reflns_shell.pdbx_chi_squared 
_reflns_shell.pdbx_netI_over_sigmaI_all 
_reflns_shell.pdbx_netI_over_sigmaI_obs 
_reflns_shell.pdbx_Rrim_I_all 
_reflns_shell.pdbx_Rpim_I_all 
_reflns_shell.pdbx_rejects 
_reflns_shell.pdbx_ordinal 
_reflns_shell.pdbx_diffrn_id 
_reflns_shell.pdbx_CC_half 
_reflns_shell.pdbx_CC_star 
_reflns_shell.pdbx_R_split 
1.970 2.000  ? ? ? ? ? ? 301 93.200  ? ? ? ? 0.870 ? ? ? ? ? ? ? ? 5.600  ? 0.696  ? ? 0.952 0.375 ? 1  1 0.751 ? ? 
2.000 2.040  ? ? ? ? ? ? 322 96.700  ? ? ? ? 0.799 ? ? ? ? ? ? ? ? 6.600  ? 0.627  ? ? 0.858 0.306 ? 2  1 0.921 ? ? 
2.040 2.080  ? ? ? ? ? ? 331 99.400  ? ? ? ? 0.768 ? ? ? ? ? ? ? ? 7.600  ? 0.716  ? ? 0.819 0.278 ? 3  1 0.930 ? ? 
2.080 2.120  ? ? ? ? ? ? 320 99.400  ? ? ? ? 0.635 ? ? ? ? ? ? ? ? 8.400  ? 1.542  ? ? 0.681 0.236 ? 4  1 0.382 ? ? 
2.120 2.170  ? ? ? ? ? ? 356 98.600  ? ? ? ? 0.645 ? ? ? ? ? ? ? ? 9.900  ? 0.836  ? ? 0.678 0.206 ? 5  1 0.963 ? ? 
2.170 2.220  ? ? ? ? ? ? 318 100.000 ? ? ? ? 0.561 ? ? ? ? ? ? ? ? 11.100 ? 0.833  ? ? 0.587 0.172 ? 6  1 0.979 ? ? 
2.220 2.270  ? ? ? ? ? ? 339 99.100  ? ? ? ? 0.508 ? ? ? ? ? ? ? ? 11.700 ? 0.780  ? ? 0.530 0.152 ? 7  1 0.990 ? ? 
2.270 2.340  ? ? ? ? ? ? 331 99.400  ? ? ? ? 0.417 ? ? ? ? ? ? ? ? 12.000 ? 0.909  ? ? 0.436 0.123 ? 8  1 0.987 ? ? 
2.340 2.400  ? ? ? ? ? ? 337 100.000 ? ? ? ? 0.312 ? ? ? ? ? ? ? ? 12.300 ? 1.111  ? ? 0.325 0.091 ? 9  1 0.990 ? ? 
2.400 2.480  ? ? ? ? ? ? 306 95.300  ? ? ? ? 0.223 ? ? ? ? ? ? ? ? 11.100 ? 1.382  ? ? 0.233 0.068 ? 10 1 0.993 ? ? 
2.480 2.570  ? ? ? ? ? ? 343 98.300  ? ? ? ? 0.191 ? ? ? ? ? ? ? ? 12.100 ? 1.566  ? ? 0.200 0.057 ? 11 1 0.994 ? ? 
2.570 2.670  ? ? ? ? ? ? 320 100.000 ? ? ? ? 0.145 ? ? ? ? ? ? ? ? 13.500 ? 1.702  ? ? 0.151 0.041 ? 12 1 0.997 ? ? 
2.670 2.800  ? ? ? ? ? ? 363 100.000 ? ? ? ? 0.150 ? ? ? ? ? ? ? ? 12.900 ? 2.191  ? ? 0.157 0.044 ? 13 1 0.994 ? ? 
2.800 2.940  ? ? ? ? ? ? 325 99.400  ? ? ? ? 0.119 ? ? ? ? ? ? ? ? 12.500 ? 2.971  ? ? 0.125 0.037 ? 14 1 0.995 ? ? 
2.940 3.130  ? ? ? ? ? ? 332 99.100  ? ? ? ? 0.088 ? ? ? ? ? ? ? ? 11.800 ? 3.356  ? ? 0.093 0.029 ? 15 1 0.999 ? ? 
3.130 3.370  ? ? ? ? ? ? 325 96.400  ? ? ? ? 0.068 ? ? ? ? ? ? ? ? 11.300 ? 4.754  ? ? 0.072 0.023 ? 16 1 0.997 ? ? 
3.370 3.710  ? ? ? ? ? ? 319 92.700  ? ? ? ? 0.074 ? ? ? ? ? ? ? ? 9.800  ? 6.137  ? ? 0.078 0.025 ? 17 1 0.999 ? ? 
3.710 4.240  ? ? ? ? ? ? 347 100.000 ? ? ? ? 0.066 ? ? ? ? ? ? ? ? 11.000 ? 7.667  ? ? 0.070 0.021 ? 18 1 0.998 ? ? 
4.240 5.350  ? ? ? ? ? ? 351 99.700  ? ? ? ? 0.062 ? ? ? ? ? ? ? ? 9.800  ? 7.877  ? ? 0.066 0.021 ? 19 1 0.996 ? ? 
5.350 50.000 ? ? ? ? ? ? 350 92.100  ? ? ? ? 0.063 ? ? ? ? ? ? ? ? 8.300  ? 13.911 ? ? 0.067 0.022 ? 20 1 0.997 ? ? 
# 
_refine.aniso_B[1][1]                            3.3000 
_refine.aniso_B[1][2]                            -0.0000 
_refine.aniso_B[1][3]                            -0.0000 
_refine.aniso_B[2][2]                            -3.8200 
_refine.aniso_B[2][3]                            -0.0000 
_refine.aniso_B[3][3]                            0.5200 
_refine.B_iso_max                                183.470 
_refine.B_iso_mean                               65.6210 
_refine.B_iso_min                                29.690 
_refine.correlation_coeff_Fo_to_Fc               0.9590 
_refine.correlation_coeff_Fo_to_Fc_free          0.9600 
_refine.details                                  
'HYDROGENS HAVE BEEN ADDED IN THE RIDING POSITIONS U VALUES      : REFINED INDIVIDUALLY' 
_refine.diff_density_max                         ? 
_refine.diff_density_max_esd                     ? 
_refine.diff_density_min                         ? 
_refine.diff_density_min_esd                     ? 
_refine.diff_density_rms                         ? 
_refine.diff_density_rms_esd                     ? 
_refine.entry_id                                 7ECG 
_refine.pdbx_refine_id                           'X-RAY DIFFRACTION' 
_refine.ls_abs_structure_details                 ? 
_refine.ls_abs_structure_Flack                   ? 
_refine.ls_abs_structure_Flack_esd               ? 
_refine.ls_abs_structure_Rogers                  ? 
_refine.ls_abs_structure_Rogers_esd              ? 
_refine.ls_d_res_high                            1.9700 
_refine.ls_d_res_low                             24.8100 
_refine.ls_extinction_coef                       ? 
_refine.ls_extinction_coef_esd                   ? 
_refine.ls_extinction_expression                 ? 
_refine.ls_extinction_method                     ? 
_refine.ls_goodness_of_fit_all                   ? 
_refine.ls_goodness_of_fit_all_esd               ? 
_refine.ls_goodness_of_fit_obs                   ? 
_refine.ls_goodness_of_fit_obs_esd               ? 
_refine.ls_hydrogen_treatment                    ? 
_refine.ls_matrix_type                           ? 
_refine.ls_number_constraints                    ? 
_refine.ls_number_parameters                     ? 
_refine.ls_number_reflns_all                     ? 
_refine.ls_number_reflns_obs                     6332 
_refine.ls_number_reflns_R_free                  304 
_refine.ls_number_reflns_R_work                  ? 
_refine.ls_number_restraints                     ? 
_refine.ls_percent_reflns_obs                    97.4900 
_refine.ls_percent_reflns_R_free                 4.6000 
_refine.ls_R_factor_all                          ? 
_refine.ls_R_factor_obs                          0.2366 
_refine.ls_R_factor_R_free                       0.2537 
_refine.ls_R_factor_R_free_error                 ? 
_refine.ls_R_factor_R_free_error_details         ? 
_refine.ls_R_factor_R_work                       0.2357 
_refine.ls_R_Fsqd_factor_obs                     ? 
_refine.ls_R_I_factor_obs                        ? 
_refine.ls_redundancy_reflns_all                 ? 
_refine.ls_redundancy_reflns_obs                 ? 
_refine.ls_restrained_S_all                      ? 
_refine.ls_restrained_S_obs                      ? 
_refine.ls_shift_over_esd_max                    ? 
_refine.ls_shift_over_esd_mean                   ? 
_refine.ls_structure_factor_coef                 ? 
_refine.ls_weighting_details                     ? 
_refine.ls_weighting_scheme                      ? 
_refine.ls_wR_factor_all                         ? 
_refine.ls_wR_factor_obs                         ? 
_refine.ls_wR_factor_R_free                      ? 
_refine.ls_wR_factor_R_work                      ? 
_refine.occupancy_max                            ? 
_refine.occupancy_min                            ? 
_refine.solvent_model_details                    MASK 
_refine.solvent_model_param_bsol                 ? 
_refine.solvent_model_param_ksol                 ? 
_refine.pdbx_R_complete                          ? 
_refine.ls_R_factor_gt                           ? 
_refine.ls_goodness_of_fit_gt                    ? 
_refine.ls_goodness_of_fit_ref                   ? 
_refine.ls_shift_over_su_max                     ? 
_refine.ls_shift_over_su_max_lt                  ? 
_refine.ls_shift_over_su_mean                    ? 
_refine.ls_shift_over_su_mean_lt                 ? 
_refine.pdbx_ls_sigma_I                          ? 
_refine.pdbx_ls_sigma_F                          0.000 
_refine.pdbx_ls_sigma_Fsqd                       ? 
_refine.pdbx_data_cutoff_high_absF               ? 
_refine.pdbx_data_cutoff_high_rms_absF           ? 
_refine.pdbx_data_cutoff_low_absF                ? 
_refine.pdbx_isotropic_thermal_model             ? 
_refine.pdbx_ls_cross_valid_method               THROUGHOUT 
_refine.pdbx_method_to_determine_struct          SAD 
_refine.pdbx_starting_model                      ? 
_refine.pdbx_stereochemistry_target_values       'MAXIMUM LIKELIHOOD' 
_refine.pdbx_R_Free_selection_details            RANDOM 
_refine.pdbx_stereochem_target_val_spec_case     ? 
_refine.pdbx_overall_ESU_R                       0.2130 
_refine.pdbx_overall_ESU_R_Free                  0.1710 
_refine.pdbx_solvent_vdw_probe_radii             1.2000 
_refine.pdbx_solvent_ion_probe_radii             0.8000 
_refine.pdbx_solvent_shrinkage_radii             0.8000 
_refine.pdbx_real_space_R                        ? 
_refine.pdbx_density_correlation                 ? 
_refine.pdbx_pd_number_of_powder_patterns        ? 
_refine.pdbx_pd_number_of_points                 ? 
_refine.pdbx_pd_meas_number_of_points            ? 
_refine.pdbx_pd_proc_ls_prof_R_factor            ? 
_refine.pdbx_pd_proc_ls_prof_wR_factor           ? 
_refine.pdbx_pd_Marquardt_correlation_coeff      ? 
_refine.pdbx_pd_Fsqrd_R_factor                   ? 
_refine.pdbx_pd_ls_matrix_band_width             ? 
_refine.pdbx_overall_phase_error                 ? 
_refine.pdbx_overall_SU_R_free_Cruickshank_DPI   ? 
_refine.pdbx_overall_SU_R_free_Blow_DPI          ? 
_refine.pdbx_overall_SU_R_Blow_DPI               ? 
_refine.pdbx_TLS_residual_ADP_flag               ? 
_refine.pdbx_diffrn_id                           1 
_refine.overall_SU_B                             5.2060 
_refine.overall_SU_ML                            0.1380 
_refine.overall_SU_R_Cruickshank_DPI             0.2129 
_refine.overall_SU_R_free                        ? 
_refine.overall_FOM_free_R_set                   ? 
_refine.overall_FOM_work_R_set                   ? 
_refine.pdbx_average_fsc_overall                 ? 
_refine.pdbx_average_fsc_work                    ? 
_refine.pdbx_average_fsc_free                    ? 
# 
_refine_hist.pdbx_refine_id                   'X-RAY DIFFRACTION' 
_refine_hist.cycle_id                         final 
_refine_hist.details                          ? 
_refine_hist.d_res_high                       1.9700 
_refine_hist.d_res_low                        24.8100 
_refine_hist.number_atoms_solvent             11 
_refine_hist.number_atoms_total               706 
_refine_hist.number_reflns_all                ? 
_refine_hist.number_reflns_obs                ? 
_refine_hist.number_reflns_R_free             ? 
_refine_hist.number_reflns_R_work             ? 
_refine_hist.R_factor_all                     ? 
_refine_hist.R_factor_obs                     ? 
_refine_hist.R_factor_R_free                  ? 
_refine_hist.R_factor_R_work                  ? 
_refine_hist.pdbx_number_residues_total       33 
_refine_hist.pdbx_B_iso_mean_ligand           53.75 
_refine_hist.pdbx_B_iso_mean_solvent          59.14 
_refine_hist.pdbx_number_atoms_protein        0 
_refine_hist.pdbx_number_atoms_nucleic_acid   690 
_refine_hist.pdbx_number_atoms_ligand         5 
_refine_hist.pdbx_number_atoms_lipid          ? 
_refine_hist.pdbx_number_atoms_carb           ? 
_refine_hist.pdbx_pseudo_atom_details         ? 
# 
loop_
_refine_ls_restr.pdbx_refine_id 
_refine_ls_restr.criterion 
_refine_ls_restr.dev_ideal 
_refine_ls_restr.dev_ideal_target 
_refine_ls_restr.number 
_refine_ls_restr.rejects 
_refine_ls_restr.type 
_refine_ls_restr.weight 
_refine_ls_restr.pdbx_restraint_function 
'X-RAY DIFFRACTION' ? 0.007 0.011 776  ? r_bond_refined_d     ? ? 
'X-RAY DIFFRACTION' ? 0.006 0.020 366  ? r_bond_other_d       ? ? 
'X-RAY DIFFRACTION' ? 1.286 1.126 1196 ? r_angle_refined_deg  ? ? 
'X-RAY DIFFRACTION' ? 1.545 3.000 861  ? r_angle_other_deg    ? ? 
'X-RAY DIFFRACTION' ? 0.083 0.200 99   ? r_chiral_restr       ? ? 
'X-RAY DIFFRACTION' ? 0.014 0.020 435  ? r_gen_planes_refined ? ? 
'X-RAY DIFFRACTION' ? 0.002 0.020 198  ? r_gen_planes_other   ? ? 
# 
loop_
_refine_ls_restr_ncs.pdbx_refine_id 
_refine_ls_restr_ncs.dom_id 
_refine_ls_restr_ncs.ncs_model_details 
_refine_ls_restr_ncs.rms_dev_B_iso 
_refine_ls_restr_ncs.rms_dev_position 
_refine_ls_restr_ncs.weight_B_iso 
_refine_ls_restr_ncs.weight_position 
_refine_ls_restr_ncs.pdbx_ordinal 
_refine_ls_restr_ncs.pdbx_type 
_refine_ls_restr_ncs.pdbx_asym_id 
_refine_ls_restr_ncs.pdbx_auth_asym_id 
_refine_ls_restr_ncs.pdbx_number 
_refine_ls_restr_ncs.pdbx_rms 
_refine_ls_restr_ncs.pdbx_weight 
_refine_ls_restr_ncs.pdbx_ens_id 
'X-RAY DIFFRACTION' 1 ? ? 0.110 ? 0.050 1 'interatomic distance' ? A 862 ? ? 1 
'X-RAY DIFFRACTION' 2 ? ? 0.110 ? 0.050 2 'interatomic distance' ? C 862 ? ? 1 
'X-RAY DIFFRACTION' 1 ? ? 0.130 ? 0.050 3 'interatomic distance' ? B 787 ? ? 2 
'X-RAY DIFFRACTION' 2 ? ? 0.130 ? 0.050 4 'interatomic distance' ? C 787 ? ? 2 
# 
_refine_ls_shell.pdbx_refine_id                   'X-RAY DIFFRACTION' 
_refine_ls_shell.d_res_high                       1.97 
_refine_ls_shell.d_res_low                        2.0160 
_refine_ls_shell.number_reflns_all                ? 
_refine_ls_shell.number_reflns_obs                ? 
_refine_ls_shell.number_reflns_R_free             17 
_refine_ls_shell.number_reflns_R_work             411 
_refine_ls_shell.percent_reflns_obs               89.1700 
_refine_ls_shell.percent_reflns_R_free            ? 
_refine_ls_shell.R_factor_all                     ? 
_refine_ls_shell.R_factor_obs                     ? 
_refine_ls_shell.R_factor_R_free                  0.3830 
_refine_ls_shell.R_factor_R_free_error            0.0000 
_refine_ls_shell.R_factor_R_work                  0.4140 
_refine_ls_shell.redundancy_reflns_all            ? 
_refine_ls_shell.redundancy_reflns_obs            ? 
_refine_ls_shell.wR_factor_all                    ? 
_refine_ls_shell.wR_factor_obs                    ? 
_refine_ls_shell.wR_factor_R_free                 ? 
_refine_ls_shell.wR_factor_R_work                 ? 
_refine_ls_shell.pdbx_R_complete                  ? 
_refine_ls_shell.pdbx_total_number_of_bins_used   ? 
_refine_ls_shell.pdbx_phase_error                 ? 
_refine_ls_shell.pdbx_fsc_work                    ? 
_refine_ls_shell.pdbx_fsc_free                    ? 
# 
loop_
_struct_ncs_dom.pdbx_ens_id 
_struct_ncs_dom.id 
_struct_ncs_dom.details 
1 1 A 
1 2 C 
2 1 B 
2 2 C 
# 
loop_
_struct_ncs_dom_lim.pdbx_ens_id 
_struct_ncs_dom_lim.dom_id 
_struct_ncs_dom_lim.pdbx_component_id 
_struct_ncs_dom_lim.beg_label_asym_id 
_struct_ncs_dom_lim.beg_label_comp_id 
_struct_ncs_dom_lim.beg_label_seq_id 
_struct_ncs_dom_lim.beg_label_alt_id 
_struct_ncs_dom_lim.end_label_asym_id 
_struct_ncs_dom_lim.end_label_comp_id 
_struct_ncs_dom_lim.end_label_seq_id 
_struct_ncs_dom_lim.end_label_alt_id 
_struct_ncs_dom_lim.beg_auth_asym_id 
_struct_ncs_dom_lim.beg_auth_comp_id 
_struct_ncs_dom_lim.beg_auth_seq_id 
_struct_ncs_dom_lim.end_auth_asym_id 
_struct_ncs_dom_lim.end_auth_comp_id 
_struct_ncs_dom_lim.end_auth_seq_id 
_struct_ncs_dom_lim.pdbx_refine_code 
_struct_ncs_dom_lim.selection_details 
1 1 0 A DG 1 . A DC 12 . A DG 1 A DC 12 0 ? 
1 2 0 C DG 1 . C DC 12 . C DG 1 C DC 12 0 ? 
2 1 0 B DG 1 . B DC 11 . B DG 1 B DC 11 0 ? 
2 2 0 C DG 1 . C DC 11 . C DG 1 C DC 11 0 ? 
# 
loop_
_struct_ncs_ens.id 
_struct_ncs_ens.details 
1 ? 
2 ? 
# 
_struct.entry_id                     7ECG 
_struct.title                        'Crystal Structure of d(G4C2)2-Ba in F222 space group' 
_struct.pdbx_model_details           ? 
_struct.pdbx_formula_weight          ? 
_struct.pdbx_formula_weight_method   ? 
_struct.pdbx_model_type_details      ? 
_struct.pdbx_CASP_flag               N 
# 
_struct_keywords.entry_id        7ECG 
_struct_keywords.text            'DNA, G-quadruplex' 
_struct_keywords.pdbx_keywords   DNA 
# 
loop_
_struct_asym.id 
_struct_asym.pdbx_blank_PDB_chainid_flag 
_struct_asym.pdbx_modified 
_struct_asym.entity_id 
_struct_asym.details 
A N N 1 ? 
B N N 1 ? 
C N N 1 ? 
D N N 2 ? 
E N N 2 ? 
F N N 2 ? 
G N N 2 ? 
H N N 2 ? 
I N N 3 ? 
J N N 3 ? 
K N N 3 ? 
# 
_struct_ref.id                         1 
_struct_ref.db_name                    PDB 
_struct_ref.db_code                    7ECG 
_struct_ref.pdbx_db_accession          7ECG 
_struct_ref.pdbx_db_isoform            ? 
_struct_ref.entity_id                  1 
_struct_ref.pdbx_seq_one_letter_code   ? 
_struct_ref.pdbx_align_begin           1 
# 
loop_
_struct_ref_seq.align_id 
_struct_ref_seq.ref_id 
_struct_ref_seq.pdbx_PDB_id_code 
_struct_ref_seq.pdbx_strand_id 
_struct_ref_seq.seq_align_beg 
_struct_ref_seq.pdbx_seq_align_beg_ins_code 
_struct_ref_seq.seq_align_end 
_struct_ref_seq.pdbx_seq_align_end_ins_code 
_struct_ref_seq.pdbx_db_accession 
_struct_ref_seq.db_align_beg 
_struct_ref_seq.pdbx_db_align_beg_ins_code 
_struct_ref_seq.db_align_end 
_struct_ref_seq.pdbx_db_align_end_ins_code 
_struct_ref_seq.pdbx_auth_seq_align_beg 
_struct_ref_seq.pdbx_auth_seq_align_end 
1 1 7ECG A 1 ? 12 ? 7ECG 1 ? 12 ? 1 12 
2 1 7ECG B 1 ? 12 ? 7ECG 1 ? 12 ? 1 12 
3 1 7ECG C 1 ? 12 ? 7ECG 1 ? 12 ? 1 12 
# 
loop_
_pdbx_struct_assembly.id 
_pdbx_struct_assembly.details 
_pdbx_struct_assembly.method_details 
_pdbx_struct_assembly.oligomeric_details 
_pdbx_struct_assembly.oligomeric_count 
1 author_defined_assembly ? tetrameric 4 
2 author_defined_assembly ? tetrameric 4 
# 
loop_
_pdbx_struct_assembly_gen.assembly_id 
_pdbx_struct_assembly_gen.oper_expression 
_pdbx_struct_assembly_gen.asym_id_list 
1 1 A,D,E,F,I   
1 2 A,D,E,F,I   
1 3 A,D,E,F,I   
1 4 A,D,E,F,I   
2 1 B,C,G,H,J,K 
2 5 B,C,G,H,J,K 
# 
_pdbx_struct_assembly_auth_evidence.id                     1 
_pdbx_struct_assembly_auth_evidence.assembly_id            1 
_pdbx_struct_assembly_auth_evidence.experimental_support   'native gel electrophoresis' 
_pdbx_struct_assembly_auth_evidence.details                ? 
# 
loop_
_pdbx_struct_oper_list.id 
_pdbx_struct_oper_list.type 
_pdbx_struct_oper_list.name 
_pdbx_struct_oper_list.symmetry_operation 
_pdbx_struct_oper_list.matrix[1][1] 
_pdbx_struct_oper_list.matrix[1][2] 
_pdbx_struct_oper_list.matrix[1][3] 
_pdbx_struct_oper_list.vector[1] 
_pdbx_struct_oper_list.matrix[2][1] 
_pdbx_struct_oper_list.matrix[2][2] 
_pdbx_struct_oper_list.matrix[2][3] 
_pdbx_struct_oper_list.vector[2] 
_pdbx_struct_oper_list.matrix[3][1] 
_pdbx_struct_oper_list.matrix[3][2] 
_pdbx_struct_oper_list.matrix[3][3] 
_pdbx_struct_oper_list.vector[3] 
1 'identity operation'         1_555  x,y,z           1.0000000000  0.0000000000  0.0000000000  0.0000000000  0.0000000000  1.0000000000  0.0000000000  0.0000000000   0.0000000000  0.0000000000  1.0000000000  0.0000000000   
2 'crystal symmetry operation' 8_554  x,-y+1/2,-z-1/2 -0.7567485051 0.4832587240  -0.4402189293 34.7786008537 0.4832587240  -0.0399278145 -0.8745666214 7.0559745543   -0.4402189293 -0.8745666214 -0.2033236804 26.9634200591  
3 'crystal symmetry operation' 11_454 -x-1/2,y,-z-1/2 -0.7765900655 0.3590918500  0.5176494118  21.4435726820 0.3590918500  -0.4228235329 0.8320296289  -14.8346014608 0.5176494118  0.8320296289  0.1994135983  1.0359855553   
4 'crystal symmetry operation' 14_455 -x-1/2,-y+1/2,z 0.5333385705  -0.8423505740 -0.0774304825 10.9261982577 -0.8423505740 -0.5372486526 0.0425369926  17.1050429557  -0.0774304825 0.0425369926  -0.9960899180 30.2867603365  
5 'crystal symmetry operation' 14_445 -x-1/2,-y-1/2,z 0.5333385705  -0.8423505740 -0.0774304825 -9.4002377067 -0.8423505740 -0.5372486526 0.0425369926  -15.5660981429 -0.0774304825 0.0425369926  -0.9960899180 -16.8103736453   
# 
loop_
_struct_conn.id 
_struct_conn.conn_type_id 
_struct_conn.pdbx_leaving_atom_flag 
_struct_conn.pdbx_PDB_id 
_struct_conn.ptnr1_label_asym_id 
_struct_conn.ptnr1_label_comp_id 
_struct_conn.ptnr1_label_seq_id 
_struct_conn.ptnr1_label_atom_id 
_struct_conn.pdbx_ptnr1_label_alt_id 
_struct_conn.pdbx_ptnr1_PDB_ins_code 
_struct_conn.pdbx_ptnr1_standard_comp_id 
_struct_conn.ptnr1_symmetry 
_struct_conn.ptnr2_label_asym_id 
_struct_conn.ptnr2_label_comp_id 
_struct_conn.ptnr2_label_seq_id 
_struct_conn.ptnr2_label_atom_id 
_struct_conn.pdbx_ptnr2_label_alt_id 
_struct_conn.pdbx_ptnr2_PDB_ins_code 
_struct_conn.ptnr1_auth_asym_id 
_struct_conn.ptnr1_auth_comp_id 
_struct_conn.ptnr1_auth_seq_id 
_struct_conn.ptnr2_auth_asym_id 
_struct_conn.ptnr2_auth_comp_id 
_struct_conn.ptnr2_auth_seq_id 
_struct_conn.ptnr2_symmetry 
_struct_conn.pdbx_ptnr3_label_atom_id 
_struct_conn.pdbx_ptnr3_label_seq_id 
_struct_conn.pdbx_ptnr3_label_comp_id 
_struct_conn.pdbx_ptnr3_label_asym_id 
_struct_conn.pdbx_ptnr3_label_alt_id 
_struct_conn.pdbx_ptnr3_PDB_ins_code 
_struct_conn.details 
_struct_conn.pdbx_dist_value 
_struct_conn.pdbx_value_order 
_struct_conn.pdbx_role 
metalc1  metalc ? ? A DG 1  O6 ? ? ? 1_555 E BA .  BA ? ? A DG 1  A BA 102 1_555  ? ? ? ? ? ? ?           2.631 ? ? 
metalc2  metalc ? ? A DG 1  O6 ? ? ? 1_555 E BA .  BA ? ? A DG 1  A BA 102 11_454 ? ? ? ? ? ? ?           2.631 ? ? 
metalc3  metalc ? ? A DG 2  O6 ? ? ? 1_555 E BA .  BA ? ? A DG 2  A BA 102 1_555  ? ? ? ? ? ? ?           2.719 ? ? 
metalc4  metalc ? ? A DG 2  O6 ? ? ? 1_555 E BA .  BA ? ? A DG 2  A BA 102 11_454 ? ? ? ? ? ? ?           2.719 ? ? 
metalc5  metalc ? ? A DG 3  O6 ? ? ? 1_555 D BA .  BA ? ? A DG 3  A BA 101 1_555  ? ? ? ? ? ? ?           2.751 ? ? 
metalc6  metalc ? ? A DG 3  O6 ? ? ? 1_555 D BA .  BA ? ? A DG 3  A BA 101 11_454 ? ? ? ? ? ? ?           2.751 ? ? 
metalc7  metalc ? ? A DG 4  O6 ? ? ? 1_555 D BA .  BA ? ? A DG 4  A BA 101 1_555  ? ? ? ? ? ? ?           2.852 ? ? 
metalc8  metalc ? ? A DG 4  O6 ? ? ? 1_555 D BA .  BA ? ? A DG 4  A BA 101 11_454 ? ? ? ? ? ? ?           2.852 ? ? 
metalc9  metalc ? ? A DG 7  O6 ? ? ? 1_555 E BA .  BA ? ? A DG 7  A BA 102 1_555  ? ? ? ? ? ? ?           2.804 ? ? 
metalc10 metalc ? ? A DG 7  O6 ? ? ? 1_555 E BA .  BA ? ? A DG 7  A BA 102 11_454 ? ? ? ? ? ? ?           2.804 ? ? 
metalc11 metalc ? ? A DG 8  O6 ? ? ? 1_555 E BA .  BA ? ? A DG 8  A BA 102 1_555  ? ? ? ? ? ? ?           2.764 ? ? 
metalc12 metalc ? ? A DG 8  O6 ? ? ? 1_555 E BA .  BA ? ? A DG 8  A BA 102 11_454 ? ? ? ? ? ? ?           2.764 ? ? 
metalc13 metalc ? ? A DG 9  O6 ? ? ? 1_555 D BA .  BA ? ? A DG 9  A BA 101 1_555  ? ? ? ? ? ? ?           2.643 ? ? 
metalc14 metalc ? ? A DG 9  O6 ? ? ? 1_555 D BA .  BA ? ? A DG 9  A BA 101 11_454 ? ? ? ? ? ? ?           2.643 ? ? 
metalc15 metalc ? ? A DG 10 O6 ? ? ? 1_555 D BA .  BA ? ? A DG 10 A BA 101 1_555  ? ? ? ? ? ? ?           2.773 ? ? 
metalc16 metalc ? ? A DG 10 O6 ? ? ? 1_555 D BA .  BA ? ? A DG 10 A BA 101 11_454 ? ? ? ? ? ? ?           2.773 ? ? 
metalc17 metalc ? ? B DG 1  O6 ? ? ? 1_555 H BA .  BA ? ? B DG 1  C BA 102 1_555  ? ? ? ? ? ? ?           2.660 ? ? 
metalc18 metalc ? ? B DG 2  O6 ? ? ? 1_555 H BA .  BA ? ? B DG 2  C BA 102 1_555  ? ? ? ? ? ? ?           2.705 ? ? 
metalc19 metalc ? ? B DG 3  O6 ? ? ? 1_555 G BA .  BA ? ? B DG 3  C BA 101 1_555  ? ? ? ? ? ? ?           2.649 ? ? 
metalc20 metalc ? ? B DG 4  O6 ? ? ? 1_555 G BA .  BA ? ? B DG 4  C BA 101 1_555  ? ? ? ? ? ? ?           2.770 ? ? 
metalc21 metalc ? ? B DG 7  O6 ? ? ? 1_555 H BA .  BA ? ? B DG 7  C BA 102 1_555  ? ? ? ? ? ? ?           2.762 ? ? 
metalc22 metalc ? ? B DG 8  O6 ? ? ? 1_555 H BA .  BA ? ? B DG 8  C BA 102 1_555  ? ? ? ? ? ? ?           2.771 ? ? 
metalc23 metalc ? ? B DG 9  O6 ? ? ? 1_555 G BA .  BA ? ? B DG 9  C BA 101 1_555  ? ? ? ? ? ? ?           2.980 ? ? 
metalc24 metalc ? ? B DG 10 O6 ? ? ? 1_555 G BA .  BA ? ? B DG 10 C BA 101 1_555  ? ? ? ? ? ? ?           3.259 ? ? 
metalc25 metalc ? ? C DG 1  O6 ? ? ? 1_555 H BA .  BA ? ? C DG 1  C BA 102 1_555  ? ? ? ? ? ? ?           2.970 ? ? 
metalc26 metalc ? ? C DG 2  O6 ? ? ? 1_555 H BA .  BA ? ? C DG 2  C BA 102 1_555  ? ? ? ? ? ? ?           2.801 ? ? 
metalc27 metalc ? ? C DG 3  O6 ? ? ? 1_555 G BA .  BA ? ? C DG 3  C BA 101 1_555  ? ? ? ? ? ? ?           2.763 ? ? 
metalc28 metalc ? ? C DG 4  O6 ? ? ? 1_555 G BA .  BA ? ? C DG 4  C BA 101 1_555  ? ? ? ? ? ? ?           2.684 ? ? 
metalc29 metalc ? ? C DG 7  O6 ? ? ? 1_555 H BA .  BA ? ? C DG 7  C BA 102 1_555  ? ? ? ? ? ? ?           2.757 ? ? 
metalc30 metalc ? ? C DG 9  O6 ? ? ? 1_555 G BA .  BA ? ? C DG 9  C BA 101 1_555  ? ? ? ? ? ? ?           2.547 ? ? 
metalc31 metalc ? ? C DG 10 O6 ? ? ? 1_555 G BA .  BA ? ? C DG 10 C BA 101 1_555  ? ? ? ? ? ? ?           2.623 ? ? 
hydrog1  hydrog ? ? A DG 1  N1 ? ? ? 1_555 A DG 7  O6 ? ? A DG 1  A DG 7   1_555  ? ? ? ? ? ? TYPE_6_PAIR ?     ? ? 
hydrog2  hydrog ? ? A DG 1  N2 ? ? ? 1_555 A DG 7  N7 ? ? A DG 1  A DG 7   1_555  ? ? ? ? ? ? TYPE_6_PAIR ?     ? ? 
hydrog3  hydrog ? ? A DG 2  N1 ? ? ? 1_555 A DG 8  O6 ? ? A DG 2  A DG 8   1_555  ? ? ? ? ? ? TYPE_6_PAIR ?     ? ? 
hydrog4  hydrog ? ? A DG 2  N2 ? ? ? 1_555 A DG 8  N7 ? ? A DG 2  A DG 8   1_555  ? ? ? ? ? ? TYPE_6_PAIR ?     ? ? 
hydrog5  hydrog ? ? A DG 3  N1 ? ? ? 1_555 A DG 9  O6 ? ? A DG 3  A DG 9   1_555  ? ? ? ? ? ? TYPE_6_PAIR ?     ? ? 
hydrog6  hydrog ? ? A DG 3  N2 ? ? ? 1_555 A DG 9  N7 ? ? A DG 3  A DG 9   1_555  ? ? ? ? ? ? TYPE_6_PAIR ?     ? ? 
hydrog7  hydrog ? ? A DG 4  N1 ? ? ? 1_555 A DG 10 O6 ? ? A DG 4  A DG 10  1_555  ? ? ? ? ? ? TYPE_6_PAIR ?     ? ? 
hydrog8  hydrog ? ? A DG 4  N2 ? ? ? 1_555 A DG 10 N7 ? ? A DG 4  A DG 10  1_555  ? ? ? ? ? ? TYPE_6_PAIR ?     ? ? 
hydrog9  hydrog ? ? B DG 1  N1 ? ? ? 1_555 B DG 7  O6 ? ? B DG 1  B DG 7   1_555  ? ? ? ? ? ? TYPE_6_PAIR ?     ? ? 
hydrog10 hydrog ? ? B DG 1  N2 ? ? ? 1_555 B DG 7  N7 ? ? B DG 1  B DG 7   1_555  ? ? ? ? ? ? TYPE_6_PAIR ?     ? ? 
hydrog11 hydrog ? ? B DG 1  N7 ? ? ? 1_555 C DG 7  N2 ? ? B DG 1  C DG 7   1_555  ? ? ? ? ? ? TYPE_6_PAIR ?     ? ? 
hydrog12 hydrog ? ? B DG 1  O6 ? ? ? 1_555 C DG 7  N1 ? ? B DG 1  C DG 7   1_555  ? ? ? ? ? ? TYPE_6_PAIR ?     ? ? 
hydrog13 hydrog ? ? B DG 2  N1 ? ? ? 1_555 B DG 8  O6 ? ? B DG 2  B DG 8   1_555  ? ? ? ? ? ? TYPE_6_PAIR ?     ? ? 
hydrog14 hydrog ? ? B DG 2  N2 ? ? ? 1_555 B DG 8  N7 ? ? B DG 2  B DG 8   1_555  ? ? ? ? ? ? TYPE_6_PAIR ?     ? ? 
hydrog15 hydrog ? ? B DG 2  N7 ? ? ? 1_555 C DG 8  N2 ? ? B DG 2  C DG 8   1_555  ? ? ? ? ? ? TYPE_6_PAIR ?     ? ? 
hydrog16 hydrog ? ? B DG 2  O6 ? ? ? 1_555 C DG 8  N1 ? ? B DG 2  C DG 8   1_555  ? ? ? ? ? ? TYPE_6_PAIR ?     ? ? 
hydrog17 hydrog ? ? B DG 3  N1 ? ? ? 1_555 B DG 9  O6 ? ? B DG 3  B DG 9   1_555  ? ? ? ? ? ? TYPE_6_PAIR ?     ? ? 
hydrog18 hydrog ? ? B DG 3  N2 ? ? ? 1_555 B DG 9  N7 ? ? B DG 3  B DG 9   1_555  ? ? ? ? ? ? TYPE_6_PAIR ?     ? ? 
hydrog19 hydrog ? ? B DG 3  N7 ? ? ? 1_555 C DG 9  N2 ? ? B DG 3  C DG 9   1_555  ? ? ? ? ? ? TYPE_6_PAIR ?     ? ? 
hydrog20 hydrog ? ? B DG 3  O6 ? ? ? 1_555 C DG 9  N1 ? ? B DG 3  C DG 9   1_555  ? ? ? ? ? ? TYPE_6_PAIR ?     ? ? 
hydrog21 hydrog ? ? B DG 4  N1 ? ? ? 1_555 B DG 10 O6 ? ? B DG 4  B DG 10  1_555  ? ? ? ? ? ? TYPE_6_PAIR ?     ? ? 
hydrog22 hydrog ? ? B DG 4  N2 ? ? ? 1_555 B DG 10 N7 ? ? B DG 4  B DG 10  1_555  ? ? ? ? ? ? TYPE_6_PAIR ?     ? ? 
hydrog23 hydrog ? ? B DG 4  N7 ? ? ? 1_555 C DG 10 N2 ? ? B DG 4  C DG 10  1_555  ? ? ? ? ? ? TYPE_6_PAIR ?     ? ? 
hydrog24 hydrog ? ? B DG 4  O6 ? ? ? 1_555 C DG 10 N1 ? ? B DG 4  C DG 10  1_555  ? ? ? ? ? ? TYPE_6_PAIR ?     ? ? 
hydrog25 hydrog ? ? B DG 7  N1 ? ? ? 1_555 C DG 1  O6 ? ? B DG 7  C DG 1   1_555  ? ? ? ? ? ? TYPE_6_PAIR ?     ? ? 
hydrog26 hydrog ? ? B DG 7  N2 ? ? ? 1_555 C DG 1  N7 ? ? B DG 7  C DG 1   1_555  ? ? ? ? ? ? TYPE_6_PAIR ?     ? ? 
hydrog27 hydrog ? ? B DG 8  N1 ? ? ? 1_555 C DG 2  O6 ? ? B DG 8  C DG 2   1_555  ? ? ? ? ? ? TYPE_6_PAIR ?     ? ? 
hydrog28 hydrog ? ? B DG 8  N2 ? ? ? 1_555 C DG 2  N7 ? ? B DG 8  C DG 2   1_555  ? ? ? ? ? ? TYPE_6_PAIR ?     ? ? 
hydrog29 hydrog ? ? B DG 9  N1 ? ? ? 1_555 C DG 3  O6 ? ? B DG 9  C DG 3   1_555  ? ? ? ? ? ? TYPE_6_PAIR ?     ? ? 
hydrog30 hydrog ? ? B DG 9  N2 ? ? ? 1_555 C DG 3  N7 ? ? B DG 9  C DG 3   1_555  ? ? ? ? ? ? TYPE_6_PAIR ?     ? ? 
hydrog31 hydrog ? ? B DG 10 N1 ? ? ? 1_555 C DG 4  O6 ? ? B DG 10 C DG 4   1_555  ? ? ? ? ? ? TYPE_6_PAIR ?     ? ? 
hydrog32 hydrog ? ? B DG 10 N2 ? ? ? 1_555 C DG 4  N7 ? ? B DG 10 C DG 4   1_555  ? ? ? ? ? ? TYPE_6_PAIR ?     ? ? 
hydrog33 hydrog ? ? C DG 1  N1 ? ? ? 1_555 C DG 7  O6 ? ? C DG 1  C DG 7   1_555  ? ? ? ? ? ? TYPE_6_PAIR ?     ? ? 
hydrog34 hydrog ? ? C DG 1  N2 ? ? ? 1_555 C DG 7  N7 ? ? C DG 1  C DG 7   1_555  ? ? ? ? ? ? TYPE_6_PAIR ?     ? ? 
hydrog35 hydrog ? ? C DG 2  N1 ? ? ? 1_555 C DG 8  O6 ? ? C DG 2  C DG 8   1_555  ? ? ? ? ? ? TYPE_6_PAIR ?     ? ? 
hydrog36 hydrog ? ? C DG 2  N2 ? ? ? 1_555 C DG 8  N7 ? ? C DG 2  C DG 8   1_555  ? ? ? ? ? ? TYPE_6_PAIR ?     ? ? 
hydrog37 hydrog ? ? C DG 3  N1 ? ? ? 1_555 C DG 9  O6 ? ? C DG 3  C DG 9   1_555  ? ? ? ? ? ? TYPE_6_PAIR ?     ? ? 
hydrog38 hydrog ? ? C DG 3  N2 ? ? ? 1_555 C DG 9  N7 ? ? C DG 3  C DG 9   1_555  ? ? ? ? ? ? TYPE_6_PAIR ?     ? ? 
hydrog39 hydrog ? ? C DG 4  N1 ? ? ? 1_555 C DG 10 O6 ? ? C DG 4  C DG 10  1_555  ? ? ? ? ? ? TYPE_6_PAIR ?     ? ? 
hydrog40 hydrog ? ? C DG 4  N2 ? ? ? 1_555 C DG 10 N7 ? ? C DG 4  C DG 10  1_555  ? ? ? ? ? ? TYPE_6_PAIR ?     ? ? 
# 
loop_
_struct_conn_type.id 
_struct_conn_type.criteria 
_struct_conn_type.reference 
metalc ? ? 
hydrog ? ? 
# 
loop_
_pdbx_struct_conn_angle.id 
_pdbx_struct_conn_angle.ptnr1_label_atom_id 
_pdbx_struct_conn_angle.ptnr1_label_alt_id 
_pdbx_struct_conn_angle.ptnr1_label_asym_id 
_pdbx_struct_conn_angle.ptnr1_label_comp_id 
_pdbx_struct_conn_angle.ptnr1_label_seq_id 
_pdbx_struct_conn_angle.ptnr1_auth_atom_id 
_pdbx_struct_conn_angle.ptnr1_auth_asym_id 
_pdbx_struct_conn_angle.ptnr1_auth_comp_id 
_pdbx_struct_conn_angle.ptnr1_auth_seq_id 
_pdbx_struct_conn_angle.ptnr1_PDB_ins_code 
_pdbx_struct_conn_angle.ptnr1_symmetry 
_pdbx_struct_conn_angle.ptnr2_label_atom_id 
_pdbx_struct_conn_angle.ptnr2_label_alt_id 
_pdbx_struct_conn_angle.ptnr2_label_asym_id 
_pdbx_struct_conn_angle.ptnr2_label_comp_id 
_pdbx_struct_conn_angle.ptnr2_label_seq_id 
_pdbx_struct_conn_angle.ptnr2_auth_atom_id 
_pdbx_struct_conn_angle.ptnr2_auth_asym_id 
_pdbx_struct_conn_angle.ptnr2_auth_comp_id 
_pdbx_struct_conn_angle.ptnr2_auth_seq_id 
_pdbx_struct_conn_angle.ptnr2_PDB_ins_code 
_pdbx_struct_conn_angle.ptnr2_symmetry 
_pdbx_struct_conn_angle.ptnr3_label_atom_id 
_pdbx_struct_conn_angle.ptnr3_label_alt_id 
_pdbx_struct_conn_angle.ptnr3_label_asym_id 
_pdbx_struct_conn_angle.ptnr3_label_comp_id 
_pdbx_struct_conn_angle.ptnr3_label_seq_id 
_pdbx_struct_conn_angle.ptnr3_auth_atom_id 
_pdbx_struct_conn_angle.ptnr3_auth_asym_id 
_pdbx_struct_conn_angle.ptnr3_auth_comp_id 
_pdbx_struct_conn_angle.ptnr3_auth_seq_id 
_pdbx_struct_conn_angle.ptnr3_PDB_ins_code 
_pdbx_struct_conn_angle.ptnr3_symmetry 
_pdbx_struct_conn_angle.value 
_pdbx_struct_conn_angle.value_esd 
1   O6 ? A DG 1  ? A DG 1  ? 1_555 BA ? E BA . ? A BA 102 ? 1_555 O6 ? A DG 1  ? A DG 1  ? 1_555 0.0   ? 
2   O6 ? A DG 1  ? A DG 1  ? 1_555 BA ? E BA . ? A BA 102 ? 1_555 O6 ? A DG 2  ? A DG 2  ? 1_555 75.2  ? 
3   O6 ? A DG 1  ? A DG 1  ? 1_555 BA ? E BA . ? A BA 102 ? 1_555 O6 ? A DG 2  ? A DG 2  ? 1_555 75.2  ? 
4   O6 ? A DG 1  ? A DG 1  ? 1_555 BA ? E BA . ? A BA 102 ? 1_555 O6 ? A DG 2  ? A DG 2  ? 1_555 75.2  ? 
5   O6 ? A DG 1  ? A DG 1  ? 1_555 BA ? E BA . ? A BA 102 ? 1_555 O6 ? A DG 2  ? A DG 2  ? 1_555 75.2  ? 
6   O6 ? A DG 2  ? A DG 2  ? 1_555 BA ? E BA . ? A BA 102 ? 1_555 O6 ? A DG 2  ? A DG 2  ? 1_555 0.0   ? 
7   O6 ? A DG 1  ? A DG 1  ? 1_555 BA ? E BA . ? A BA 102 ? 1_555 O6 ? A DG 7  ? A DG 7  ? 1_555 72.1  ? 
8   O6 ? A DG 1  ? A DG 1  ? 1_555 BA ? E BA . ? A BA 102 ? 1_555 O6 ? A DG 7  ? A DG 7  ? 1_555 72.1  ? 
9   O6 ? A DG 2  ? A DG 2  ? 1_555 BA ? E BA . ? A BA 102 ? 1_555 O6 ? A DG 7  ? A DG 7  ? 1_555 83.5  ? 
10  O6 ? A DG 2  ? A DG 2  ? 1_555 BA ? E BA . ? A BA 102 ? 1_555 O6 ? A DG 7  ? A DG 7  ? 1_555 83.5  ? 
11  O6 ? A DG 1  ? A DG 1  ? 1_555 BA ? E BA . ? A BA 102 ? 1_555 O6 ? A DG 7  ? A DG 7  ? 1_555 72.1  ? 
12  O6 ? A DG 1  ? A DG 1  ? 1_555 BA ? E BA . ? A BA 102 ? 1_555 O6 ? A DG 7  ? A DG 7  ? 1_555 72.1  ? 
13  O6 ? A DG 2  ? A DG 2  ? 1_555 BA ? E BA . ? A BA 102 ? 1_555 O6 ? A DG 7  ? A DG 7  ? 1_555 83.5  ? 
14  O6 ? A DG 2  ? A DG 2  ? 1_555 BA ? E BA . ? A BA 102 ? 1_555 O6 ? A DG 7  ? A DG 7  ? 1_555 83.5  ? 
15  O6 ? A DG 7  ? A DG 7  ? 1_555 BA ? E BA . ? A BA 102 ? 1_555 O6 ? A DG 7  ? A DG 7  ? 1_555 0.0   ? 
16  O6 ? A DG 1  ? A DG 1  ? 1_555 BA ? E BA . ? A BA 102 ? 1_555 O6 ? A DG 8  ? A DG 8  ? 1_555 134.2 ? 
17  O6 ? A DG 1  ? A DG 1  ? 1_555 BA ? E BA . ? A BA 102 ? 1_555 O6 ? A DG 8  ? A DG 8  ? 1_555 134.2 ? 
18  O6 ? A DG 2  ? A DG 2  ? 1_555 BA ? E BA . ? A BA 102 ? 1_555 O6 ? A DG 8  ? A DG 8  ? 1_555 72.6  ? 
19  O6 ? A DG 2  ? A DG 2  ? 1_555 BA ? E BA . ? A BA 102 ? 1_555 O6 ? A DG 8  ? A DG 8  ? 1_555 72.6  ? 
20  O6 ? A DG 7  ? A DG 7  ? 1_555 BA ? E BA . ? A BA 102 ? 1_555 O6 ? A DG 8  ? A DG 8  ? 1_555 72.6  ? 
21  O6 ? A DG 7  ? A DG 7  ? 1_555 BA ? E BA . ? A BA 102 ? 1_555 O6 ? A DG 8  ? A DG 8  ? 1_555 72.6  ? 
22  O6 ? A DG 1  ? A DG 1  ? 1_555 BA ? E BA . ? A BA 102 ? 1_555 O6 ? A DG 8  ? A DG 8  ? 1_555 134.2 ? 
23  O6 ? A DG 1  ? A DG 1  ? 1_555 BA ? E BA . ? A BA 102 ? 1_555 O6 ? A DG 8  ? A DG 8  ? 1_555 134.2 ? 
24  O6 ? A DG 2  ? A DG 2  ? 1_555 BA ? E BA . ? A BA 102 ? 1_555 O6 ? A DG 8  ? A DG 8  ? 1_555 72.6  ? 
25  O6 ? A DG 2  ? A DG 2  ? 1_555 BA ? E BA . ? A BA 102 ? 1_555 O6 ? A DG 8  ? A DG 8  ? 1_555 72.6  ? 
26  O6 ? A DG 7  ? A DG 7  ? 1_555 BA ? E BA . ? A BA 102 ? 1_555 O6 ? A DG 8  ? A DG 8  ? 1_555 72.6  ? 
27  O6 ? A DG 7  ? A DG 7  ? 1_555 BA ? E BA . ? A BA 102 ? 1_555 O6 ? A DG 8  ? A DG 8  ? 1_555 72.6  ? 
28  O6 ? A DG 8  ? A DG 8  ? 1_555 BA ? E BA . ? A BA 102 ? 1_555 O6 ? A DG 8  ? A DG 8  ? 1_555 0.0   ? 
29  O6 ? A DG 3  ? A DG 3  ? 1_555 BA ? D BA . ? A BA 101 ? 1_555 O6 ? A DG 3  ? A DG 3  ? 1_555 0.0   ? 
30  O6 ? A DG 3  ? A DG 3  ? 1_555 BA ? D BA . ? A BA 101 ? 1_555 O6 ? A DG 4  ? A DG 4  ? 1_555 72.7  ? 
31  O6 ? A DG 3  ? A DG 3  ? 1_555 BA ? D BA . ? A BA 101 ? 1_555 O6 ? A DG 4  ? A DG 4  ? 1_555 72.7  ? 
32  O6 ? A DG 3  ? A DG 3  ? 1_555 BA ? D BA . ? A BA 101 ? 1_555 O6 ? A DG 4  ? A DG 4  ? 1_555 72.7  ? 
33  O6 ? A DG 3  ? A DG 3  ? 1_555 BA ? D BA . ? A BA 101 ? 1_555 O6 ? A DG 4  ? A DG 4  ? 1_555 72.7  ? 
34  O6 ? A DG 4  ? A DG 4  ? 1_555 BA ? D BA . ? A BA 101 ? 1_555 O6 ? A DG 4  ? A DG 4  ? 1_555 0.0   ? 
35  O6 ? A DG 3  ? A DG 3  ? 1_555 BA ? D BA . ? A BA 101 ? 1_555 O6 ? A DG 9  ? A DG 9  ? 1_555 79.4  ? 
36  O6 ? A DG 3  ? A DG 3  ? 1_555 BA ? D BA . ? A BA 101 ? 1_555 O6 ? A DG 9  ? A DG 9  ? 1_555 79.4  ? 
37  O6 ? A DG 4  ? A DG 4  ? 1_555 BA ? D BA . ? A BA 101 ? 1_555 O6 ? A DG 9  ? A DG 9  ? 1_555 94.3  ? 
38  O6 ? A DG 4  ? A DG 4  ? 1_555 BA ? D BA . ? A BA 101 ? 1_555 O6 ? A DG 9  ? A DG 9  ? 1_555 94.3  ? 
39  O6 ? A DG 3  ? A DG 3  ? 1_555 BA ? D BA . ? A BA 101 ? 1_555 O6 ? A DG 9  ? A DG 9  ? 1_555 79.4  ? 
40  O6 ? A DG 3  ? A DG 3  ? 1_555 BA ? D BA . ? A BA 101 ? 1_555 O6 ? A DG 9  ? A DG 9  ? 1_555 79.4  ? 
41  O6 ? A DG 4  ? A DG 4  ? 1_555 BA ? D BA . ? A BA 101 ? 1_555 O6 ? A DG 9  ? A DG 9  ? 1_555 94.3  ? 
42  O6 ? A DG 4  ? A DG 4  ? 1_555 BA ? D BA . ? A BA 101 ? 1_555 O6 ? A DG 9  ? A DG 9  ? 1_555 94.3  ? 
43  O6 ? A DG 9  ? A DG 9  ? 1_555 BA ? D BA . ? A BA 101 ? 1_555 O6 ? A DG 9  ? A DG 9  ? 1_555 0.0   ? 
44  O6 ? A DG 3  ? A DG 3  ? 1_555 BA ? D BA . ? A BA 101 ? 1_555 O6 ? A DG 10 ? A DG 10 ? 1_555 134.6 ? 
45  O6 ? A DG 3  ? A DG 3  ? 1_555 BA ? D BA . ? A BA 101 ? 1_555 O6 ? A DG 10 ? A DG 10 ? 1_555 134.6 ? 
46  O6 ? A DG 4  ? A DG 4  ? 1_555 BA ? D BA . ? A BA 101 ? 1_555 O6 ? A DG 10 ? A DG 10 ? 1_555 73.4  ? 
47  O6 ? A DG 4  ? A DG 4  ? 1_555 BA ? D BA . ? A BA 101 ? 1_555 O6 ? A DG 10 ? A DG 10 ? 1_555 73.4  ? 
48  O6 ? A DG 9  ? A DG 9  ? 1_555 BA ? D BA . ? A BA 101 ? 1_555 O6 ? A DG 10 ? A DG 10 ? 1_555 73.9  ? 
49  O6 ? A DG 9  ? A DG 9  ? 1_555 BA ? D BA . ? A BA 101 ? 1_555 O6 ? A DG 10 ? A DG 10 ? 1_555 73.9  ? 
50  O6 ? A DG 3  ? A DG 3  ? 1_555 BA ? D BA . ? A BA 101 ? 1_555 O6 ? A DG 10 ? A DG 10 ? 1_555 134.6 ? 
51  O6 ? A DG 3  ? A DG 3  ? 1_555 BA ? D BA . ? A BA 101 ? 1_555 O6 ? A DG 10 ? A DG 10 ? 1_555 134.6 ? 
52  O6 ? A DG 4  ? A DG 4  ? 1_555 BA ? D BA . ? A BA 101 ? 1_555 O6 ? A DG 10 ? A DG 10 ? 1_555 73.4  ? 
53  O6 ? A DG 4  ? A DG 4  ? 1_555 BA ? D BA . ? A BA 101 ? 1_555 O6 ? A DG 10 ? A DG 10 ? 1_555 73.4  ? 
54  O6 ? A DG 9  ? A DG 9  ? 1_555 BA ? D BA . ? A BA 101 ? 1_555 O6 ? A DG 10 ? A DG 10 ? 1_555 73.9  ? 
55  O6 ? A DG 9  ? A DG 9  ? 1_555 BA ? D BA . ? A BA 101 ? 1_555 O6 ? A DG 10 ? A DG 10 ? 1_555 73.9  ? 
56  O6 ? A DG 10 ? A DG 10 ? 1_555 BA ? D BA . ? A BA 101 ? 1_555 O6 ? A DG 10 ? A DG 10 ? 1_555 0.0   ? 
57  O6 ? B DG 1  ? B DG 1  ? 1_555 BA ? H BA . ? C BA 102 ? 1_555 O6 ? B DG 2  ? B DG 2  ? 1_555 76.6  ? 
58  O6 ? B DG 1  ? B DG 1  ? 1_555 BA ? H BA . ? C BA 102 ? 1_555 O6 ? B DG 7  ? B DG 7  ? 1_555 71.7  ? 
59  O6 ? B DG 2  ? B DG 2  ? 1_555 BA ? H BA . ? C BA 102 ? 1_555 O6 ? B DG 7  ? B DG 7  ? 1_555 85.3  ? 
60  O6 ? B DG 1  ? B DG 1  ? 1_555 BA ? H BA . ? C BA 102 ? 1_555 O6 ? B DG 8  ? B DG 8  ? 1_555 135.3 ? 
61  O6 ? B DG 2  ? B DG 2  ? 1_555 BA ? H BA . ? C BA 102 ? 1_555 O6 ? B DG 8  ? B DG 8  ? 1_555 72.5  ? 
62  O6 ? B DG 7  ? B DG 7  ? 1_555 BA ? H BA . ? C BA 102 ? 1_555 O6 ? B DG 8  ? B DG 8  ? 1_555 74.3  ? 
63  O6 ? B DG 1  ? B DG 1  ? 1_555 BA ? H BA . ? C BA 102 ? 1_555 O6 ? C DG 1  ? C DG 1  ? 1_555 113.2 ? 
64  O6 ? B DG 2  ? B DG 2  ? 1_555 BA ? H BA . ? C BA 102 ? 1_555 O6 ? C DG 1  ? C DG 1  ? 1_555 148.0 ? 
65  O6 ? B DG 7  ? B DG 7  ? 1_555 BA ? H BA . ? C BA 102 ? 1_555 O6 ? C DG 1  ? C DG 1  ? 1_555 70.5  ? 
66  O6 ? B DG 8  ? B DG 8  ? 1_555 BA ? H BA . ? C BA 102 ? 1_555 O6 ? C DG 1  ? C DG 1  ? 1_555 80.7  ? 
67  O6 ? B DG 1  ? B DG 1  ? 1_555 BA ? H BA . ? C BA 102 ? 1_555 O6 ? C DG 2  ? C DG 2  ? 1_555 160.9 ? 
68  O6 ? B DG 2  ? B DG 2  ? 1_555 BA ? H BA . ? C BA 102 ? 1_555 O6 ? C DG 2  ? C DG 2  ? 1_555 111.2 ? 
69  O6 ? B DG 7  ? B DG 7  ? 1_555 BA ? H BA . ? C BA 102 ? 1_555 O6 ? C DG 2  ? C DG 2  ? 1_555 125.1 ? 
70  O6 ? B DG 8  ? B DG 8  ? 1_555 BA ? H BA . ? C BA 102 ? 1_555 O6 ? C DG 2  ? C DG 2  ? 1_555 63.2  ? 
71  O6 ? C DG 1  ? C DG 1  ? 1_555 BA ? H BA . ? C BA 102 ? 1_555 O6 ? C DG 2  ? C DG 2  ? 1_555 69.9  ? 
72  O6 ? B DG 1  ? B DG 1  ? 1_555 BA ? H BA . ? C BA 102 ? 1_555 O6 ? C DG 7  ? C DG 7  ? 1_555 81.4  ? 
73  O6 ? B DG 2  ? B DG 2  ? 1_555 BA ? H BA . ? C BA 102 ? 1_555 O6 ? C DG 7  ? C DG 7  ? 1_555 144.0 ? 
74  O6 ? B DG 7  ? B DG 7  ? 1_555 BA ? H BA . ? C BA 102 ? 1_555 O6 ? C DG 7  ? C DG 7  ? 1_555 114.3 ? 
75  O6 ? B DG 8  ? B DG 8  ? 1_555 BA ? H BA . ? C BA 102 ? 1_555 O6 ? C DG 7  ? C DG 7  ? 1_555 140.0 ? 
76  O6 ? C DG 1  ? C DG 1  ? 1_555 BA ? H BA . ? C BA 102 ? 1_555 O6 ? C DG 7  ? C DG 7  ? 1_555 67.5  ? 
77  O6 ? C DG 2  ? C DG 2  ? 1_555 BA ? H BA . ? C BA 102 ? 1_555 O6 ? C DG 7  ? C DG 7  ? 1_555 82.9  ? 
78  O6 ? B DG 3  ? B DG 3  ? 1_555 BA ? G BA . ? C BA 101 ? 1_555 O6 ? B DG 4  ? B DG 4  ? 1_555 73.8  ? 
79  O6 ? B DG 3  ? B DG 3  ? 1_555 BA ? G BA . ? C BA 101 ? 1_555 O6 ? B DG 9  ? B DG 9  ? 1_555 76.7  ? 
80  O6 ? B DG 4  ? B DG 4  ? 1_555 BA ? G BA . ? C BA 101 ? 1_555 O6 ? B DG 9  ? B DG 9  ? 1_555 87.8  ? 
81  O6 ? B DG 3  ? B DG 3  ? 1_555 BA ? G BA . ? C BA 101 ? 1_555 O6 ? B DG 10 ? B DG 10 ? 1_555 126.3 ? 
82  O6 ? B DG 4  ? B DG 4  ? 1_555 BA ? G BA . ? C BA 101 ? 1_555 O6 ? B DG 10 ? B DG 10 ? 1_555 69.4  ? 
83  O6 ? B DG 9  ? B DG 9  ? 1_555 BA ? G BA . ? C BA 101 ? 1_555 O6 ? B DG 10 ? B DG 10 ? 1_555 64.4  ? 
84  O6 ? B DG 3  ? B DG 3  ? 1_555 BA ? G BA . ? C BA 101 ? 1_555 O6 ? C DG 3  ? C DG 3  ? 1_555 113.5 ? 
85  O6 ? B DG 4  ? B DG 4  ? 1_555 BA ? G BA . ? C BA 101 ? 1_555 O6 ? C DG 3  ? C DG 3  ? 1_555 142.3 ? 
86  O6 ? B DG 9  ? B DG 9  ? 1_555 BA ? G BA . ? C BA 101 ? 1_555 O6 ? C DG 3  ? C DG 3  ? 1_555 60.4  ? 
87  O6 ? B DG 10 ? B DG 10 ? 1_555 BA ? G BA . ? C BA 101 ? 1_555 O6 ? C DG 3  ? C DG 3  ? 1_555 78.3  ? 
88  O6 ? B DG 3  ? B DG 3  ? 1_555 BA ? G BA . ? C BA 101 ? 1_555 O6 ? C DG 4  ? C DG 4  ? 1_555 166.0 ? 
89  O6 ? B DG 4  ? B DG 4  ? 1_555 BA ? G BA . ? C BA 101 ? 1_555 O6 ? C DG 4  ? C DG 4  ? 1_555 108.3 ? 
90  O6 ? B DG 9  ? B DG 9  ? 1_555 BA ? G BA . ? C BA 101 ? 1_555 O6 ? C DG 4  ? C DG 4  ? 1_555 116.9 ? 
91  O6 ? B DG 10 ? B DG 10 ? 1_555 BA ? G BA . ? C BA 101 ? 1_555 O6 ? C DG 4  ? C DG 4  ? 1_555 65.9  ? 
92  O6 ? C DG 3  ? C DG 3  ? 1_555 BA ? G BA . ? C BA 101 ? 1_555 O6 ? C DG 4  ? C DG 4  ? 1_555 73.7  ? 
93  O6 ? B DG 3  ? B DG 3  ? 1_555 BA ? G BA . ? C BA 101 ? 1_555 O6 ? C DG 9  ? C DG 9  ? 1_555 69.4  ? 
94  O6 ? B DG 4  ? B DG 4  ? 1_555 BA ? G BA . ? C BA 101 ? 1_555 O6 ? C DG 9  ? C DG 9  ? 1_555 130.3 ? 
95  O6 ? B DG 9  ? B DG 9  ? 1_555 BA ? G BA . ? C BA 101 ? 1_555 O6 ? C DG 9  ? C DG 9  ? 1_555 114.0 ? 
96  O6 ? B DG 10 ? B DG 10 ? 1_555 BA ? G BA . ? C BA 101 ? 1_555 O6 ? C DG 9  ? C DG 9  ? 1_555 160.1 ? 
97  O6 ? C DG 3  ? C DG 3  ? 1_555 BA ? G BA . ? C BA 101 ? 1_555 O6 ? C DG 9  ? C DG 9  ? 1_555 83.9  ? 
98  O6 ? C DG 4  ? C DG 4  ? 1_555 BA ? G BA . ? C BA 101 ? 1_555 O6 ? C DG 9  ? C DG 9  ? 1_555 100.5 ? 
99  O6 ? B DG 3  ? B DG 3  ? 1_555 BA ? G BA . ? C BA 101 ? 1_555 O6 ? C DG 10 ? C DG 10 ? 1_555 90.4  ? 
100 O6 ? B DG 4  ? B DG 4  ? 1_555 BA ? G BA . ? C BA 101 ? 1_555 O6 ? C DG 10 ? C DG 10 ? 1_555 70.9  ? 
101 O6 ? B DG 9  ? B DG 9  ? 1_555 BA ? G BA . ? C BA 101 ? 1_555 O6 ? C DG 10 ? C DG 10 ? 1_555 157.6 ? 
102 O6 ? B DG 10 ? B DG 10 ? 1_555 BA ? G BA . ? C BA 101 ? 1_555 O6 ? C DG 10 ? C DG 10 ? 1_555 111.9 ? 
103 O6 ? C DG 3  ? C DG 3  ? 1_555 BA ? G BA . ? C BA 101 ? 1_555 O6 ? C DG 10 ? C DG 10 ? 1_555 141.9 ? 
104 O6 ? C DG 4  ? C DG 4  ? 1_555 BA ? G BA . ? C BA 101 ? 1_555 O6 ? C DG 10 ? C DG 10 ? 1_555 77.6  ? 
105 O6 ? C DG 9  ? C DG 9  ? 1_555 BA ? G BA . ? C BA 101 ? 1_555 O6 ? C DG 10 ? C DG 10 ? 1_555 77.2  ? 
# 
_pdbx_validate_symm_contact.id                1 
_pdbx_validate_symm_contact.PDB_model_num     1 
_pdbx_validate_symm_contact.auth_atom_id_1    N4 
_pdbx_validate_symm_contact.auth_asym_id_1    C 
_pdbx_validate_symm_contact.auth_comp_id_1    DC 
_pdbx_validate_symm_contact.auth_seq_id_1     12 
_pdbx_validate_symm_contact.PDB_ins_code_1    ? 
_pdbx_validate_symm_contact.label_alt_id_1    ? 
_pdbx_validate_symm_contact.site_symmetry_1   1_555 
_pdbx_validate_symm_contact.auth_atom_id_2    N4 
_pdbx_validate_symm_contact.auth_asym_id_2    C 
_pdbx_validate_symm_contact.auth_comp_id_2    DC 
_pdbx_validate_symm_contact.auth_seq_id_2     12 
_pdbx_validate_symm_contact.PDB_ins_code_2    ? 
_pdbx_validate_symm_contact.label_alt_id_2    ? 
_pdbx_validate_symm_contact.site_symmetry_2   11_454 
_pdbx_validate_symm_contact.dist              2.15 
# 
loop_
_pdbx_struct_special_symmetry.id 
_pdbx_struct_special_symmetry.PDB_model_num 
_pdbx_struct_special_symmetry.auth_asym_id 
_pdbx_struct_special_symmetry.auth_comp_id 
_pdbx_struct_special_symmetry.auth_seq_id 
_pdbx_struct_special_symmetry.PDB_ins_code 
_pdbx_struct_special_symmetry.label_asym_id 
_pdbx_struct_special_symmetry.label_comp_id 
_pdbx_struct_special_symmetry.label_seq_id 
1 1 A BA  101 ? D BA  . 
2 1 A BA  102 ? E BA  . 
3 1 A HOH 205 ? I HOH . 
# 
_pdbx_entry_details.entry_id                 7ECG 
_pdbx_entry_details.has_ligand_of_interest   Y 
_pdbx_entry_details.compound_details         ? 
_pdbx_entry_details.source_details           ? 
_pdbx_entry_details.nonpolymer_details       ? 
_pdbx_entry_details.sequence_details         ? 
# 
loop_
_pdbx_unobs_or_zero_occ_residues.id 
_pdbx_unobs_or_zero_occ_residues.PDB_model_num 
_pdbx_unobs_or_zero_occ_residues.polymer_flag 
_pdbx_unobs_or_zero_occ_residues.occupancy_flag 
_pdbx_unobs_or_zero_occ_residues.auth_asym_id 
_pdbx_unobs_or_zero_occ_residues.auth_comp_id 
_pdbx_unobs_or_zero_occ_residues.auth_seq_id 
_pdbx_unobs_or_zero_occ_residues.PDB_ins_code 
_pdbx_unobs_or_zero_occ_residues.label_asym_id 
_pdbx_unobs_or_zero_occ_residues.label_comp_id 
_pdbx_unobs_or_zero_occ_residues.label_seq_id 
1 1 Y 1 B DC 12 ? B DC 12 
2 1 Y 1 C DC 5  ? C DC 5  
3 1 Y 1 C DC 6  ? C DC 6  
# 
loop_
_chem_comp_atom.comp_id 
_chem_comp_atom.atom_id 
_chem_comp_atom.type_symbol 
_chem_comp_atom.pdbx_aromatic_flag 
_chem_comp_atom.pdbx_stereo_config 
_chem_comp_atom.pdbx_ordinal 
BA  BA     BA N N 1  
DC  OP3    O  N N 2  
DC  P      P  N N 3  
DC  OP1    O  N N 4  
DC  OP2    O  N N 5  
DC  "O5'"  O  N N 6  
DC  "C5'"  C  N N 7  
DC  "C4'"  C  N R 8  
DC  "O4'"  O  N N 9  
DC  "C3'"  C  N S 10 
DC  "O3'"  O  N N 11 
DC  "C2'"  C  N N 12 
DC  "C1'"  C  N R 13 
DC  N1     N  N N 14 
DC  C2     C  N N 15 
DC  O2     O  N N 16 
DC  N3     N  N N 17 
DC  C4     C  N N 18 
DC  N4     N  N N 19 
DC  C5     C  N N 20 
DC  C6     C  N N 21 
DC  HOP3   H  N N 22 
DC  HOP2   H  N N 23 
DC  "H5'"  H  N N 24 
DC  "H5''" H  N N 25 
DC  "H4'"  H  N N 26 
DC  "H3'"  H  N N 27 
DC  "HO3'" H  N N 28 
DC  "H2'"  H  N N 29 
DC  "H2''" H  N N 30 
DC  "H1'"  H  N N 31 
DC  H41    H  N N 32 
DC  H42    H  N N 33 
DC  H5     H  N N 34 
DC  H6     H  N N 35 
DG  OP3    O  N N 36 
DG  P      P  N N 37 
DG  OP1    O  N N 38 
DG  OP2    O  N N 39 
DG  "O5'"  O  N N 40 
DG  "C5'"  C  N N 41 
DG  "C4'"  C  N R 42 
DG  "O4'"  O  N N 43 
DG  "C3'"  C  N S 44 
DG  "O3'"  O  N N 45 
DG  "C2'"  C  N N 46 
DG  "C1'"  C  N R 47 
DG  N9     N  Y N 48 
DG  C8     C  Y N 49 
DG  N7     N  Y N 50 
DG  C5     C  Y N 51 
DG  C6     C  N N 52 
DG  O6     O  N N 53 
DG  N1     N  N N 54 
DG  C2     C  N N 55 
DG  N2     N  N N 56 
DG  N3     N  N N 57 
DG  C4     C  Y N 58 
DG  HOP3   H  N N 59 
DG  HOP2   H  N N 60 
DG  "H5'"  H  N N 61 
DG  "H5''" H  N N 62 
DG  "H4'"  H  N N 63 
DG  "H3'"  H  N N 64 
DG  "HO3'" H  N N 65 
DG  "H2'"  H  N N 66 
DG  "H2''" H  N N 67 
DG  "H1'"  H  N N 68 
DG  H8     H  N N 69 
DG  H1     H  N N 70 
DG  H21    H  N N 71 
DG  H22    H  N N 72 
HOH O      O  N N 73 
HOH H1     H  N N 74 
HOH H2     H  N N 75 
# 
loop_
_chem_comp_bond.comp_id 
_chem_comp_bond.atom_id_1 
_chem_comp_bond.atom_id_2 
_chem_comp_bond.value_order 
_chem_comp_bond.pdbx_aromatic_flag 
_chem_comp_bond.pdbx_stereo_config 
_chem_comp_bond.pdbx_ordinal 
DC  OP3   P      sing N N 1  
DC  OP3   HOP3   sing N N 2  
DC  P     OP1    doub N N 3  
DC  P     OP2    sing N N 4  
DC  P     "O5'"  sing N N 5  
DC  OP2   HOP2   sing N N 6  
DC  "O5'" "C5'"  sing N N 7  
DC  "C5'" "C4'"  sing N N 8  
DC  "C5'" "H5'"  sing N N 9  
DC  "C5'" "H5''" sing N N 10 
DC  "C4'" "O4'"  sing N N 11 
DC  "C4'" "C3'"  sing N N 12 
DC  "C4'" "H4'"  sing N N 13 
DC  "O4'" "C1'"  sing N N 14 
DC  "C3'" "O3'"  sing N N 15 
DC  "C3'" "C2'"  sing N N 16 
DC  "C3'" "H3'"  sing N N 17 
DC  "O3'" "HO3'" sing N N 18 
DC  "C2'" "C1'"  sing N N 19 
DC  "C2'" "H2'"  sing N N 20 
DC  "C2'" "H2''" sing N N 21 
DC  "C1'" N1     sing N N 22 
DC  "C1'" "H1'"  sing N N 23 
DC  N1    C2     sing N N 24 
DC  N1    C6     sing N N 25 
DC  C2    O2     doub N N 26 
DC  C2    N3     sing N N 27 
DC  N3    C4     doub N N 28 
DC  C4    N4     sing N N 29 
DC  C4    C5     sing N N 30 
DC  N4    H41    sing N N 31 
DC  N4    H42    sing N N 32 
DC  C5    C6     doub N N 33 
DC  C5    H5     sing N N 34 
DC  C6    H6     sing N N 35 
DG  OP3   P      sing N N 36 
DG  OP3   HOP3   sing N N 37 
DG  P     OP1    doub N N 38 
DG  P     OP2    sing N N 39 
DG  P     "O5'"  sing N N 40 
DG  OP2   HOP2   sing N N 41 
DG  "O5'" "C5'"  sing N N 42 
DG  "C5'" "C4'"  sing N N 43 
DG  "C5'" "H5'"  sing N N 44 
DG  "C5'" "H5''" sing N N 45 
DG  "C4'" "O4'"  sing N N 46 
DG  "C4'" "C3'"  sing N N 47 
DG  "C4'" "H4'"  sing N N 48 
DG  "O4'" "C1'"  sing N N 49 
DG  "C3'" "O3'"  sing N N 50 
DG  "C3'" "C2'"  sing N N 51 
DG  "C3'" "H3'"  sing N N 52 
DG  "O3'" "HO3'" sing N N 53 
DG  "C2'" "C1'"  sing N N 54 
DG  "C2'" "H2'"  sing N N 55 
DG  "C2'" "H2''" sing N N 56 
DG  "C1'" N9     sing N N 57 
DG  "C1'" "H1'"  sing N N 58 
DG  N9    C8     sing Y N 59 
DG  N9    C4     sing Y N 60 
DG  C8    N7     doub Y N 61 
DG  C8    H8     sing N N 62 
DG  N7    C5     sing Y N 63 
DG  C5    C6     sing N N 64 
DG  C5    C4     doub Y N 65 
DG  C6    O6     doub N N 66 
DG  C6    N1     sing N N 67 
DG  N1    C2     sing N N 68 
DG  N1    H1     sing N N 69 
DG  C2    N2     sing N N 70 
DG  C2    N3     doub N N 71 
DG  N2    H21    sing N N 72 
DG  N2    H22    sing N N 73 
DG  N3    C4     sing N N 74 
HOH O     H1     sing N N 75 
HOH O     H2     sing N N 76 
# 
loop_
_ndb_struct_conf_na.entry_id 
_ndb_struct_conf_na.feature 
7ECG 'double helix'         
7ECG 'parallel strands'     
7ECG 'mismatched base pair' 
# 
loop_
_ndb_struct_na_base_pair.model_number 
_ndb_struct_na_base_pair.i_label_asym_id 
_ndb_struct_na_base_pair.i_label_comp_id 
_ndb_struct_na_base_pair.i_label_seq_id 
_ndb_struct_na_base_pair.i_symmetry 
_ndb_struct_na_base_pair.j_label_asym_id 
_ndb_struct_na_base_pair.j_label_comp_id 
_ndb_struct_na_base_pair.j_label_seq_id 
_ndb_struct_na_base_pair.j_symmetry 
_ndb_struct_na_base_pair.shear 
_ndb_struct_na_base_pair.stretch 
_ndb_struct_na_base_pair.stagger 
_ndb_struct_na_base_pair.buckle 
_ndb_struct_na_base_pair.propeller 
_ndb_struct_na_base_pair.opening 
_ndb_struct_na_base_pair.pair_number 
_ndb_struct_na_base_pair.pair_name 
_ndb_struct_na_base_pair.i_auth_asym_id 
_ndb_struct_na_base_pair.i_auth_seq_id 
_ndb_struct_na_base_pair.i_PDB_ins_code 
_ndb_struct_na_base_pair.j_auth_asym_id 
_ndb_struct_na_base_pair.j_auth_seq_id 
_ndb_struct_na_base_pair.j_PDB_ins_code 
_ndb_struct_na_base_pair.hbond_type_28 
_ndb_struct_na_base_pair.hbond_type_12 
1 A DG 1 1_555 A DG 7  1_555 1.560  3.349  -0.296 1.409  -1.442 -91.914 1 A_DG1:DG7_A  A 1 ? A 7  ? 6 3 
1 A DG 2 1_555 A DG 8  1_555 1.562  3.507  -0.152 7.651  -5.375 -90.215 2 A_DG2:DG8_A  A 2 ? A 8  ? 6 3 
1 A DG 3 1_555 A DG 9  1_555 1.843  3.523  0.010  1.320  -7.475 -85.686 3 A_DG3:DG9_A  A 3 ? A 9  ? 6 3 
1 A DG 4 1_555 A DG 10 1_555 1.724  3.539  0.177  2.969  -7.989 -86.894 4 A_DG4:DG10_A A 4 ? A 10 ? 6 3 
1 B DG 1 1_555 C DG 7  1_555 -1.940 -3.409 0.101  1.838  3.503  91.502  5 B_DG1:DG7_C  B 1 ? C 7  ? 6 3 
1 B DG 2 1_555 C DG 8  1_555 -1.508 -3.314 0.027  -3.515 3.266  91.859  6 B_DG2:DG8_C  B 2 ? C 8  ? 6 3 
1 B DG 8 1_555 C DG 2  1_555 1.477  3.047  0.131  3.093  -2.634 -85.227 7 B_DG8:DG2_C  B 8 ? C 2  ? 6 3 
# 
loop_
_ndb_struct_na_base_pair_step.model_number 
_ndb_struct_na_base_pair_step.i_label_asym_id_1 
_ndb_struct_na_base_pair_step.i_label_comp_id_1 
_ndb_struct_na_base_pair_step.i_label_seq_id_1 
_ndb_struct_na_base_pair_step.i_symmetry_1 
_ndb_struct_na_base_pair_step.j_label_asym_id_1 
_ndb_struct_na_base_pair_step.j_label_comp_id_1 
_ndb_struct_na_base_pair_step.j_label_seq_id_1 
_ndb_struct_na_base_pair_step.j_symmetry_1 
_ndb_struct_na_base_pair_step.i_label_asym_id_2 
_ndb_struct_na_base_pair_step.i_label_comp_id_2 
_ndb_struct_na_base_pair_step.i_label_seq_id_2 
_ndb_struct_na_base_pair_step.i_symmetry_2 
_ndb_struct_na_base_pair_step.j_label_asym_id_2 
_ndb_struct_na_base_pair_step.j_label_comp_id_2 
_ndb_struct_na_base_pair_step.j_label_seq_id_2 
_ndb_struct_na_base_pair_step.j_symmetry_2 
_ndb_struct_na_base_pair_step.shift 
_ndb_struct_na_base_pair_step.slide 
_ndb_struct_na_base_pair_step.rise 
_ndb_struct_na_base_pair_step.tilt 
_ndb_struct_na_base_pair_step.roll 
_ndb_struct_na_base_pair_step.twist 
_ndb_struct_na_base_pair_step.x_displacement 
_ndb_struct_na_base_pair_step.y_displacement 
_ndb_struct_na_base_pair_step.helical_rise 
_ndb_struct_na_base_pair_step.inclination 
_ndb_struct_na_base_pair_step.tip 
_ndb_struct_na_base_pair_step.helical_twist 
_ndb_struct_na_base_pair_step.step_number 
_ndb_struct_na_base_pair_step.step_name 
_ndb_struct_na_base_pair_step.i_auth_asym_id_1 
_ndb_struct_na_base_pair_step.i_auth_seq_id_1 
_ndb_struct_na_base_pair_step.i_PDB_ins_code_1 
_ndb_struct_na_base_pair_step.j_auth_asym_id_1 
_ndb_struct_na_base_pair_step.j_auth_seq_id_1 
_ndb_struct_na_base_pair_step.j_PDB_ins_code_1 
_ndb_struct_na_base_pair_step.i_auth_asym_id_2 
_ndb_struct_na_base_pair_step.i_auth_seq_id_2 
_ndb_struct_na_base_pair_step.i_PDB_ins_code_2 
_ndb_struct_na_base_pair_step.j_auth_asym_id_2 
_ndb_struct_na_base_pair_step.j_auth_seq_id_2 
_ndb_struct_na_base_pair_step.j_PDB_ins_code_2 
1 A DG 1 1_555 A DG 7 1_555 A DG 2 1_555 A DG 8  1_555 -0.353 -1.013 3.215 -0.624 4.465  33.162   -2.470 0.515 3.062 7.778  1.087  
33.458   1 AA_DG1DG2:DG8DG7_AA  A 1 ? A 7 ? A 2 ? A 8  ? 
1 A DG 2 1_555 A DG 8 1_555 A DG 3 1_555 A DG 9  1_555 -0.359 -0.839 3.349 -1.222 0.858  27.434   -1.981 0.449 3.334 1.808  2.573  
27.474   2 AA_DG2DG3:DG9DG8_AA  A 2 ? A 8 ? A 3 ? A 9  ? 
1 A DG 3 1_555 A DG 9 1_555 A DG 4 1_555 A DG 10 1_555 -0.611 -0.732 3.197 0.227  5.850  27.778   -2.780 1.296 2.979 12.016 -0.466 
28.376   3 AA_DG3DG4:DG10DG9_AA A 3 ? A 9 ? A 4 ? A 10 ? 
1 B DG 1 1_555 C DG 7 1_555 B DG 2 1_555 C DG 8  1_555 -0.643 -0.910 3.178 0.308  4.528  33.061   -2.301 1.168 3.025 7.911  -0.537 
33.363   4 BB_DG1DG2:DG8DG7_CC  B 1 ? C 7 ? B 2 ? C 8  ? 
1 B DG 2 1_555 C DG 8 1_555 B DG 8 1_555 C DG 2  1_555 1.603  3.472  0.025 6.736  -3.582 -179.077 -1.736 0.802 0.025 1.791  3.368  
-179.079 5 BB_DG2DG8:DG2DG8_CC  B 2 ? C 8 ? B 8 ? C 2  ? 
# 
_pdbx_entity_instance_feature.ordinal        1 
_pdbx_entity_instance_feature.comp_id        BA 
_pdbx_entity_instance_feature.asym_id        ? 
_pdbx_entity_instance_feature.seq_num        ? 
_pdbx_entity_instance_feature.auth_comp_id   BA 
_pdbx_entity_instance_feature.auth_asym_id   ? 
_pdbx_entity_instance_feature.auth_seq_num   ? 
_pdbx_entity_instance_feature.feature_type   'SUBJECT OF INVESTIGATION' 
_pdbx_entity_instance_feature.details        ? 
# 
_atom_sites.entry_id                    7ECG 
_atom_sites.Cartn_transf_matrix[1][1]   ? 
_atom_sites.Cartn_transf_matrix[1][2]   ? 
_atom_sites.Cartn_transf_matrix[1][3]   ? 
_atom_sites.Cartn_transf_matrix[2][1]   ? 
_atom_sites.Cartn_transf_matrix[2][2]   ? 
_atom_sites.Cartn_transf_matrix[2][3]   ? 
_atom_sites.Cartn_transf_matrix[3][1]   ? 
_atom_sites.Cartn_transf_matrix[3][2]   ? 
_atom_sites.Cartn_transf_matrix[3][3]   ? 
_atom_sites.Cartn_transf_vector[1]      ? 
_atom_sites.Cartn_transf_vector[2]      ? 
_atom_sites.Cartn_transf_vector[3]      ? 
_atom_sites.fract_transf_matrix[1][1]   -0.00627085 
_atom_sites.fract_transf_matrix[1][2]   -0.01245807 
_atom_sites.fract_transf_matrix[1][3]   0.01134853 
_atom_sites.fract_transf_matrix[2][1]   0.00549563 
_atom_sites.fract_transf_matrix[2][2]   0.00883325 
_atom_sites.fract_transf_matrix[2][3]   0.01273358 
_atom_sites.fract_transf_matrix[3][1]   -0.00798894 
_atom_sites.fract_transf_matrix[3][2]   0.00438878 
_atom_sites.fract_transf_matrix[3][3]   0.00040343 
_atom_sites.fract_transf_vector[1]      -0.281043 
_atom_sites.fract_transf_vector[2]      -0.048396 
_atom_sites.fract_transf_vector[3]      -0.132009 
_atom_sites.solution_primary            ? 
_atom_sites.solution_secondary          ? 
_atom_sites.solution_hydrogens          ? 
_atom_sites.special_details             ? 
# 
loop_
_atom_type.symbol 
BA 
C  
N  
O  
P  
# 
loop_
_atom_site.group_PDB 
_atom_site.id 
_atom_site.type_symbol 
_atom_site.label_atom_id 
_atom_site.label_alt_id 
_atom_site.label_comp_id 
_atom_site.label_asym_id 
_atom_site.label_entity_id 
_atom_site.label_seq_id 
_atom_site.pdbx_PDB_ins_code 
_atom_site.Cartn_x 
_atom_site.Cartn_y 
_atom_site.Cartn_z 
_atom_site.occupancy 
_atom_site.B_iso_or_equiv 
_atom_site.pdbx_formal_charge 
_atom_site.auth_seq_id 
_atom_site.auth_comp_id 
_atom_site.auth_asym_id 
_atom_site.auth_atom_id 
_atom_site.pdbx_PDB_model_num 
ATOM   1   O  "O5'" . DG  A 1 1  ? 23.048  -5.204  15.693  1.00 68.81  ? 1   DG  A "O5'" 1 
ATOM   2   C  "C5'" . DG  A 1 1  ? 22.892  -6.451  16.383  1.00 54.64  ? 1   DG  A "C5'" 1 
ATOM   3   C  "C4'" . DG  A 1 1  ? 21.459  -6.571  16.849  1.00 61.15  ? 1   DG  A "C4'" 1 
ATOM   4   O  "O4'" . DG  A 1 1  ? 20.844  -5.253  16.782  1.00 51.63  ? 1   DG  A "O4'" 1 
ATOM   5   C  "C3'" . DG  A 1 1  ? 20.575  -7.499  16.014  1.00 59.10  ? 1   DG  A "C3'" 1 
ATOM   6   O  "O3'" . DG  A 1 1  ? 19.751  -8.291  16.864  1.00 66.91  ? 1   DG  A "O3'" 1 
ATOM   7   C  "C2'" . DG  A 1 1  ? 19.737  -6.539  15.185  1.00 51.23  ? 1   DG  A "C2'" 1 
ATOM   8   C  "C1'" . DG  A 1 1  ? 19.602  -5.336  16.111  1.00 50.59  ? 1   DG  A "C1'" 1 
ATOM   9   N  N9    . DG  A 1 1  ? 19.368  -4.068  15.412  1.00 35.88  ? 1   DG  A N9    1 
ATOM   10  C  C8    . DG  A 1 1  ? 20.252  -3.387  14.606  1.00 37.62  ? 1   DG  A C8    1 
ATOM   11  N  N7    . DG  A 1 1  ? 19.734  -2.315  14.075  1.00 36.04  ? 1   DG  A N7    1 
ATOM   12  C  C5    . DG  A 1 1  ? 18.500  -2.193  14.699  1.00 38.31  ? 1   DG  A C5    1 
ATOM   13  C  C6    . DG  A 1 1  ? 17.507  -1.220  14.546  1.00 37.85  ? 1   DG  A C6    1 
ATOM   14  O  O6    . DG  A 1 1  ? 17.520  -0.226  13.811  1.00 34.18  ? 1   DG  A O6    1 
ATOM   15  N  N1    . DG  A 1 1  ? 16.390  -1.498  15.331  1.00 38.76  ? 1   DG  A N1    1 
ATOM   16  C  C2    . DG  A 1 1  ? 16.240  -2.624  16.121  1.00 35.90  ? 1   DG  A C2    1 
ATOM   17  N  N2    . DG  A 1 1  ? 15.068  -2.758  16.762  1.00 37.30  ? 1   DG  A N2    1 
ATOM   18  N  N3    . DG  A 1 1  ? 17.160  -3.552  16.255  1.00 39.68  ? 1   DG  A N3    1 
ATOM   19  C  C4    . DG  A 1 1  ? 18.262  -3.272  15.529  1.00 41.10  ? 1   DG  A C4    1 
ATOM   20  P  P     . DG  A 1 2  ? 18.936  -9.551  16.268  1.00 69.72  ? 2   DG  A P     1 
ATOM   21  O  OP1   . DG  A 1 2  ? 18.866  -10.580 17.336  1.00 84.13  ? 2   DG  A OP1   1 
ATOM   22  O  OP2   . DG  A 1 2  ? 19.469  -9.877  14.904  1.00 63.71  ? 2   DG  A OP2   1 
ATOM   23  O  "O5'" . DG  A 1 2  ? 17.447  -9.024  16.086  1.00 73.02  ? 2   DG  A "O5'" 1 
ATOM   24  C  "C5'" . DG  A 1 2  ? 16.866  -8.138  17.046  1.00 75.00  ? 2   DG  A "C5'" 1 
ATOM   25  C  "C4'" . DG  A 1 2  ? 15.353  -8.167  17.024  1.00 72.16  ? 2   DG  A "C4'" 1 
ATOM   26  O  "O4'" . DG  A 1 2  ? 14.860  -6.870  16.604  1.00 66.90  ? 2   DG  A "O4'" 1 
ATOM   27  C  "C3'" . DG  A 1 2  ? 14.642  -9.178  16.122  1.00 67.13  ? 2   DG  A "C3'" 1 
ATOM   28  O  "O3'" . DG  A 1 2  ? 13.412  -9.473  16.803  1.00 66.21  ? 2   DG  A "O3'" 1 
ATOM   29  C  "C2'" . DG  A 1 2  ? 14.468  -8.391  14.831  1.00 59.53  ? 2   DG  A "C2'" 1 
ATOM   30  C  "C1'" . DG  A 1 2  ? 14.229  -6.972  15.333  1.00 48.56  ? 2   DG  A "C1'" 1 
ATOM   31  N  N9    . DG  A 1 2  ? 14.783  -5.935  14.471  1.00 43.50  ? 2   DG  A N9    1 
ATOM   32  C  C8    . DG  A 1 2  ? 16.055  -5.888  13.965  1.00 34.69  ? 2   DG  A C8    1 
ATOM   33  N  N7    . DG  A 1 2  ? 16.291  -4.809  13.273  1.00 35.31  ? 2   DG  A N7    1 
ATOM   34  C  C5    . DG  A 1 2  ? 15.100  -4.099  13.331  1.00 34.43  ? 2   DG  A C5    1 
ATOM   35  C  C6    . DG  A 1 2  ? 14.763  -2.844  12.781  1.00 31.60  ? 2   DG  A C6    1 
ATOM   36  O  O6    . DG  A 1 2  ? 15.470  -2.099  12.091  1.00 35.14  ? 2   DG  A O6    1 
ATOM   37  N  N1    . DG  A 1 2  ? 13.451  -2.489  13.083  1.00 34.81  ? 2   DG  A N1    1 
ATOM   38  C  C2    . DG  A 1 2  ? 12.598  -3.220  13.877  1.00 36.40  ? 2   DG  A C2    1 
ATOM   39  N  N2    . DG  A 1 2  ? 11.381  -2.688  14.104  1.00 37.55  ? 2   DG  A N2    1 
ATOM   40  N  N3    . DG  A 1 2  ? 12.917  -4.382  14.418  1.00 37.72  ? 2   DG  A N3    1 
ATOM   41  C  C4    . DG  A 1 2  ? 14.179  -4.752  14.113  1.00 32.67  ? 2   DG  A C4    1 
ATOM   42  P  P     . DG  A 1 3  ? 12.316  -10.500 16.204  1.00 71.36  ? 3   DG  A P     1 
ATOM   43  O  OP1   . DG  A 1 3  ? 11.658  -11.192 17.337  1.00 69.93  ? 3   DG  A OP1   1 
ATOM   44  O  OP2   . DG  A 1 3  ? 12.904  -11.254 15.093  1.00 55.44  ? 3   DG  A OP2   1 
ATOM   45  O  "O5'" . DG  A 1 3  ? 11.230  -9.538  15.544  1.00 67.89  ? 3   DG  A "O5'" 1 
ATOM   46  C  "C5'" . DG  A 1 3  ? 10.602  -8.469  16.286  1.00 66.31  ? 3   DG  A "C5'" 1 
ATOM   47  C  "C4'" . DG  A 1 3  ? 9.564   -7.795  15.415  1.00 66.46  ? 3   DG  A "C4'" 1 
ATOM   48  O  "O4'" . DG  A 1 3  ? 10.177  -6.751  14.616  1.00 51.88  ? 3   DG  A "O4'" 1 
ATOM   49  C  "C3'" . DG  A 1 3  ? 8.848   -8.718  14.419  1.00 63.31  ? 3   DG  A "C3'" 1 
ATOM   50  O  "O3'" . DG  A 1 3  ? 7.450   -8.447  14.539  1.00 77.25  ? 3   DG  A "O3'" 1 
ATOM   51  C  "C2'" . DG  A 1 3  ? 9.447   -8.335  13.071  1.00 64.09  ? 3   DG  A "C2'" 1 
ATOM   52  C  "C1'" . DG  A 1 3  ? 9.762   -6.861  13.268  1.00 53.03  ? 3   DG  A "C1'" 1 
ATOM   53  N  N9    . DG  A 1 3  ? 10.843  -6.360  12.430  1.00 47.29  ? 3   DG  A N9    1 
ATOM   54  C  C8    . DG  A 1 3  ? 12.074  -6.932  12.258  1.00 43.99  ? 3   DG  A C8    1 
ATOM   55  N  N7    . DG  A 1 3  ? 12.860  -6.231  11.492  1.00 39.05  ? 3   DG  A N7    1 
ATOM   56  C  C5    . DG  A 1 3  ? 12.081  -5.153  11.097  1.00 39.45  ? 3   DG  A C5    1 
ATOM   57  C  C6    . DG  A 1 3  ? 12.402  -4.047  10.278  1.00 31.91  ? 3   DG  A C6    1 
ATOM   58  O  O6    . DG  A 1 3  ? 13.462  -3.814  9.683   1.00 34.68  ? 3   DG  A O6    1 
ATOM   59  N  N1    . DG  A 1 3  ? 11.340  -3.160  10.178  1.00 34.37  ? 3   DG  A N1    1 
ATOM   60  C  C2    . DG  A 1 3  ? 10.125  -3.309  10.803  1.00 44.06  ? 3   DG  A C2    1 
ATOM   61  N  N2    . DG  A 1 3  ? 9.207   -2.349  10.586  1.00 39.69  ? 3   DG  A N2    1 
ATOM   62  N  N3    . DG  A 1 3  ? 9.827   -4.323  11.590  1.00 40.99  ? 3   DG  A N3    1 
ATOM   63  C  C4    . DG  A 1 3  ? 10.841  -5.209  11.679  1.00 39.19  ? 3   DG  A C4    1 
ATOM   64  P  P     . DG  A 1 4  ? 6.362   -9.170  13.586  1.00 75.96  ? 4   DG  A P     1 
ATOM   65  O  OP1   . DG  A 1 4  ? 5.185   -9.462  14.410  1.00 72.57  ? 4   DG  A OP1   1 
ATOM   66  O  OP2   . DG  A 1 4  ? 7.047   -10.230 12.764  1.00 61.84  ? 4   DG  A OP2   1 
ATOM   67  O  "O5'" . DG  A 1 4  ? 5.978   -8.022  12.555  1.00 68.79  ? 4   DG  A "O5'" 1 
ATOM   68  C  "C5'" . DG  A 1 4  ? 5.408   -6.770  12.962  1.00 58.80  ? 4   DG  A "C5'" 1 
ATOM   69  C  "C4'" . DG  A 1 4  ? 5.006   -6.001  11.725  1.00 65.65  ? 4   DG  A "C4'" 1 
ATOM   70  O  "O4'" . DG  A 1 4  ? 6.189   -5.495  11.060  1.00 51.53  ? 4   DG  A "O4'" 1 
ATOM   71  C  "C3'" . DG  A 1 4  ? 4.245   -6.802  10.664  1.00 59.69  ? 4   DG  A "C3'" 1 
ATOM   72  O  "O3'" . DG  A 1 4  ? 3.206   -5.946  10.182  1.00 70.70  ? 4   DG  A "O3'" 1 
ATOM   73  C  "C2'" . DG  A 1 4  ? 5.291   -7.079  9.600   1.00 53.77  ? 4   DG  A "C2'" 1 
ATOM   74  C  "C1'" . DG  A 1 4  ? 6.115   -5.799  9.681   1.00 51.02  ? 4   DG  A "C1'" 1 
ATOM   75  N  N9    . DG  A 1 4  ? 7.483   -5.863  9.186   1.00 49.16  ? 4   DG  A N9    1 
ATOM   76  C  C8    . DG  A 1 4  ? 8.470   -6.739  9.563   1.00 48.59  ? 4   DG  A C8    1 
ATOM   77  N  N7    . DG  A 1 4  ? 9.616   -6.494  8.989   1.00 37.45  ? 4   DG  A N7    1 
ATOM   78  C  C5    . DG  A 1 4  ? 9.376   -5.371  8.214   1.00 40.87  ? 4   DG  A C5    1 
ATOM   79  C  C6    . DG  A 1 4  ? 10.261  -4.591  7.423   1.00 44.67  ? 4   DG  A C6    1 
ATOM   80  O  O6    . DG  A 1 4  ? 11.465  -4.769  7.205   1.00 56.84  ? 4   DG  A O6    1 
ATOM   81  N  N1    . DG  A 1 4  ? 9.603   -3.519  6.832   1.00 47.25  ? 4   DG  A N1    1 
ATOM   82  C  C2    . DG  A 1 4  ? 8.278   -3.210  7.016   1.00 42.74  ? 4   DG  A C2    1 
ATOM   83  N  N2    . DG  A 1 4  ? 7.821   -2.138  6.371   1.00 45.36  ? 4   DG  A N2    1 
ATOM   84  N  N3    . DG  A 1 4  ? 7.466   -3.887  7.798   1.00 39.71  ? 4   DG  A N3    1 
ATOM   85  C  C4    . DG  A 1 4  ? 8.071   -4.954  8.349   1.00 41.88  ? 4   DG  A C4    1 
ATOM   86  P  P     . DC  A 1 5  ? 1.716   -6.482  10.116  1.00 80.91  ? 5   DC  A P     1 
ATOM   87  O  OP1   . DC  A 1 5  ? 1.729   -7.742  9.331   1.00 72.13  ? 5   DC  A OP1   1 
ATOM   88  O  OP2   . DC  A 1 5  ? 0.861   -5.343  9.697   1.00 76.57  ? 5   DC  A OP2   1 
ATOM   89  O  "O5'" . DC  A 1 5  ? 1.411   -6.886  11.623  1.00 79.82  ? 5   DC  A "O5'" 1 
ATOM   90  C  "C5'" . DC  A 1 5  ? 1.426   -5.918  12.693  1.00 97.79  ? 5   DC  A "C5'" 1 
ATOM   91  C  "C4'" . DC  A 1 5  ? 0.718   -6.476  13.906  1.00 98.61  ? 5   DC  A "C4'" 1 
ATOM   92  O  "O4'" . DC  A 1 5  ? -0.630  -6.819  13.521  1.00 116.98 ? 5   DC  A "O4'" 1 
ATOM   93  C  "C3'" . DC  A 1 5  ? 1.303   -7.768  14.478  1.00 99.11  ? 5   DC  A "C3'" 1 
ATOM   94  O  "O3'" . DC  A 1 5  ? 0.849   -8.002  15.817  1.00 100.61 ? 5   DC  A "O3'" 1 
ATOM   95  C  "C2'" . DC  A 1 5  ? 0.641   -8.821  13.611  1.00 109.11 ? 5   DC  A "C2'" 1 
ATOM   96  C  "C1'" . DC  A 1 5  ? -0.774  -8.241  13.457  1.00 120.94 ? 5   DC  A "C1'" 1 
ATOM   97  N  N1    . DC  A 1 5  ? -1.561  -8.559  12.239  1.00 137.46 ? 5   DC  A N1    1 
ATOM   98  C  C2    . DC  A 1 5  ? -1.101  -9.520  11.323  1.00 141.54 ? 5   DC  A C2    1 
ATOM   99  O  O2    . DC  A 1 5  ? -0.031  -10.107 11.550  1.00 141.55 ? 5   DC  A O2    1 
ATOM   100 N  N3    . DC  A 1 5  ? -1.834  -9.779  10.214  1.00 132.90 ? 5   DC  A N3    1 
ATOM   101 C  C4    . DC  A 1 5  ? -2.985  -9.135  10.008  1.00 130.58 ? 5   DC  A C4    1 
ATOM   102 N  N4    . DC  A 1 5  ? -3.676  -9.429  8.906   1.00 131.10 ? 5   DC  A N4    1 
ATOM   103 C  C5    . DC  A 1 5  ? -3.483  -8.164  10.927  1.00 133.55 ? 5   DC  A C5    1 
ATOM   104 C  C6    . DC  A 1 5  ? -2.745  -7.907  12.016  1.00 135.33 ? 5   DC  A C6    1 
ATOM   105 P  P     . DC  A 1 6  ? 1.605   -7.378  17.097  1.00 105.25 ? 6   DC  A P     1 
ATOM   106 O  OP1   . DC  A 1 6  ? 1.374   -8.282  18.257  1.00 94.14  ? 6   DC  A OP1   1 
ATOM   107 O  OP2   . DC  A 1 6  ? 1.283   -5.924  17.198  1.00 97.09  ? 6   DC  A OP2   1 
ATOM   108 O  "O5'" . DC  A 1 6  ? 3.134   -7.551  16.718  1.00 111.87 ? 6   DC  A "O5'" 1 
ATOM   109 C  "C5'" . DC  A 1 6  ? 4.138   -7.544  17.733  1.00 112.30 ? 6   DC  A "C5'" 1 
ATOM   110 C  "C4'" . DC  A 1 6  ? 5.146   -6.460  17.431  1.00 113.32 ? 6   DC  A "C4'" 1 
ATOM   111 O  "O4'" . DC  A 1 6  ? 4.819   -5.780  16.198  1.00 110.25 ? 6   DC  A "O4'" 1 
ATOM   112 C  "C3'" . DC  A 1 6  ? 5.238   -5.376  18.506  1.00 112.36 ? 6   DC  A "C3'" 1 
ATOM   113 O  "O3'" . DC  A 1 6  ? 6.592   -5.331  18.951  1.00 109.49 ? 6   DC  A "O3'" 1 
ATOM   114 C  "C2'" . DC  A 1 6  ? 4.768   -4.109  17.807  1.00 111.05 ? 6   DC  A "C2'" 1 
ATOM   115 C  "C1'" . DC  A 1 6  ? 5.096   -4.400  16.359  1.00 117.21 ? 6   DC  A "C1'" 1 
ATOM   116 N  N1    . DC  A 1 6  ? 4.269   -3.654  15.395  1.00 121.12 ? 6   DC  A N1    1 
ATOM   117 C  C2    . DC  A 1 6  ? 4.877   -2.731  14.522  1.00 120.43 ? 6   DC  A C2    1 
ATOM   118 O  O2    . DC  A 1 6  ? 6.109   -2.579  14.565  1.00 95.56  ? 6   DC  A O2    1 
ATOM   119 N  N3    . DC  A 1 6  ? 4.105   -2.039  13.651  1.00 125.47 ? 6   DC  A N3    1 
ATOM   120 C  C4    . DC  A 1 6  ? 2.782   -2.224  13.639  1.00 124.50 ? 6   DC  A C4    1 
ATOM   121 N  N4    . DC  A 1 6  ? 2.061   -1.514  12.768  1.00 118.12 ? 6   DC  A N4    1 
ATOM   122 C  C5    . DC  A 1 6  ? 2.140   -3.152  14.517  1.00 125.20 ? 6   DC  A C5    1 
ATOM   123 C  C6    . DC  A 1 6  ? 2.914   -3.836  15.372  1.00 119.31 ? 6   DC  A C6    1 
ATOM   124 P  P     . DG  A 1 7  ? 6.970   -4.526  20.268  1.00 111.97 ? 7   DG  A P     1 
ATOM   125 O  OP1   . DG  A 1 7  ? 8.320   -4.961  20.714  1.00 107.39 ? 7   DG  A OP1   1 
ATOM   126 O  OP2   . DG  A 1 7  ? 5.809   -4.542  21.198  1.00 105.58 ? 7   DG  A OP2   1 
ATOM   127 O  "O5'" . DG  A 1 7  ? 7.086   -3.039  19.736  1.00 99.11  ? 7   DG  A "O5'" 1 
ATOM   128 C  "C5'" . DG  A 1 7  ? 8.319   -2.348  19.855  1.00 71.13  ? 7   DG  A "C5'" 1 
ATOM   129 C  "C4'" . DG  A 1 7  ? 8.125   -0.962  19.308  1.00 61.87  ? 7   DG  A "C4'" 1 
ATOM   130 O  "O4'" . DG  A 1 7  ? 9.429   -0.538  18.869  1.00 50.34  ? 7   DG  A "O4'" 1 
ATOM   131 C  "C3'" . DG  A 1 7  ? 7.214   -0.855  18.080  1.00 53.19  ? 7   DG  A "C3'" 1 
ATOM   132 O  "O3'" . DG  A 1 7  ? 6.608   0.435   18.124  1.00 57.63  ? 7   DG  A "O3'" 1 
ATOM   133 C  "C2'" . DG  A 1 7  ? 8.207   -0.952  16.935  1.00 46.15  ? 7   DG  A "C2'" 1 
ATOM   134 C  "C1'" . DG  A 1 7  ? 9.341   -0.139  17.529  1.00 46.22  ? 7   DG  A "C1'" 1 
ATOM   135 N  N9    . DG  A 1 7  ? 10.661  -0.298  16.951  1.00 42.61  ? 7   DG  A N9    1 
ATOM   136 C  C8    . DG  A 1 7  ? 11.588  -1.272  17.221  1.00 39.98  ? 7   DG  A C8    1 
ATOM   137 N  N7    . DG  A 1 7  ? 12.687  -1.131  16.537  1.00 40.94  ? 7   DG  A N7    1 
ATOM   138 C  C5    . DG  A 1 7  ? 12.503  0.053   15.842  1.00 35.92  ? 7   DG  A C5    1 
ATOM   139 C  C6    . DG  A 1 7  ? 13.370  0.741   14.981  1.00 36.92  ? 7   DG  A C6    1 
ATOM   140 O  O6    . DG  A 1 7  ? 14.482  0.405   14.598  1.00 35.99  ? 7   DG  A O6    1 
ATOM   141 N  N1    . DG  A 1 7  ? 12.780  1.896   14.475  1.00 37.75  ? 7   DG  A N1    1 
ATOM   142 C  C2    . DG  A 1 7  ? 11.519  2.330   14.772  1.00 34.74  ? 7   DG  A C2    1 
ATOM   143 N  N2    . DG  A 1 7  ? 11.128  3.462   14.172  1.00 33.47  ? 7   DG  A N2    1 
ATOM   144 N  N3    . DG  A 1 7  ? 10.703  1.706   15.598  1.00 37.06  ? 7   DG  A N3    1 
ATOM   145 C  C4    . DG  A 1 7  ? 11.257  0.577   16.087  1.00 40.47  ? 7   DG  A C4    1 
ATOM   146 P  P     . DG  A 1 8  ? 5.234   0.748   17.293  1.00 60.88  ? 8   DG  A P     1 
ATOM   147 O  OP1   . DG  A 1 8  ? 4.641   1.988   17.864  1.00 75.23  ? 8   DG  A OP1   1 
ATOM   148 O  OP2   . DG  A 1 8  ? 4.429   -0.512  17.269  1.00 60.24  ? 8   DG  A OP2   1 
ATOM   149 O  "O5'" . DG  A 1 8  ? 5.721   1.068   15.800  1.00 67.49  ? 8   DG  A "O5'" 1 
ATOM   150 C  "C5'" . DG  A 1 8  ? 4.900   1.877   14.926  1.00 68.23  ? 8   DG  A "C5'" 1 
ATOM   151 C  "C4'" . DG  A 1 8  ? 5.512   2.066   13.554  1.00 69.07  ? 8   DG  A "C4'" 1 
ATOM   152 O  "O4'" . DG  A 1 8  ? 6.954   2.040   13.622  1.00 62.20  ? 8   DG  A "O4'" 1 
ATOM   153 C  "C3'" . DG  A 1 8  ? 5.159   1.001   12.509  1.00 62.75  ? 8   DG  A "C3'" 1 
ATOM   154 O  "O3'" . DG  A 1 8  ? 3.922   1.109   11.775  1.00 81.01  ? 8   DG  A "O3'" 1 
ATOM   155 C  "C2'" . DG  A 1 8  ? 6.358   1.014   11.569  1.00 56.48  ? 8   DG  A "C2'" 1 
ATOM   156 C  "C1'" . DG  A 1 8  ? 7.412   1.854   12.285  1.00 56.65  ? 8   DG  A "C1'" 1 
ATOM   157 N  N9    . DG  A 1 8  ? 8.701   1.180   12.330  1.00 45.77  ? 8   DG  A N9    1 
ATOM   158 C  C8    . DG  A 1 8  ? 9.039   0.083   13.084  1.00 44.51  ? 8   DG  A C8    1 
ATOM   159 N  N7    . DG  A 1 8  ? 10.271  -0.297  12.906  1.00 39.04  ? 8   DG  A N7    1 
ATOM   160 C  C5    . DG  A 1 8  ? 10.783  0.613   11.991  1.00 37.51  ? 8   DG  A C5    1 
ATOM   161 C  C6    . DG  A 1 8  ? 12.076  0.731   11.454  1.00 37.62  ? 8   DG  A C6    1 
ATOM   162 O  O6    . DG  A 1 8  ? 13.050  0.020   11.653  1.00 36.25  ? 8   DG  A O6    1 
ATOM   163 N  N1    . DG  A 1 8  ? 12.161  1.777   10.549  1.00 44.15  ? 8   DG  A N1    1 
ATOM   164 C  C2    . DG  A 1 8  ? 11.136  2.632   10.237  1.00 32.01  ? 8   DG  A C2    1 
ATOM   165 N  N2    . DG  A 1 8  ? 11.419  3.590   9.360   1.00 36.39  ? 8   DG  A N2    1 
ATOM   166 N  N3    . DG  A 1 8  ? 9.941   2.570   10.773  1.00 37.44  ? 8   DG  A N3    1 
ATOM   167 C  C4    . DG  A 1 8  ? 9.828   1.530   11.625  1.00 38.49  ? 8   DG  A C4    1 
ATOM   168 P  P     . DG  A 1 9  ? 3.500   2.455   10.948  1.00 79.04  ? 9   DG  A P     1 
ATOM   169 O  OP1   . DG  A 1 9  ? 3.658   3.631   11.854  1.00 83.72  ? 9   DG  A OP1   1 
ATOM   170 O  OP2   . DG  A 1 9  ? 2.217   2.210   10.275  1.00 95.64  ? 9   DG  A OP2   1 
ATOM   171 O  "O5'" . DG  A 1 9  ? 4.499   2.588   9.716   1.00 69.87  ? 9   DG  A "O5'" 1 
ATOM   172 C  "C5'" . DG  A 1 9  ? 4.853   3.936   9.341   1.00 61.28  ? 9   DG  A "C5'" 1 
ATOM   173 C  "C4'" . DG  A 1 9  ? 5.748   3.959   8.128   1.00 57.02  ? 9   DG  A "C4'" 1 
ATOM   174 O  "O4'" . DG  A 1 9  ? 6.990   3.282   8.419   1.00 52.54  ? 9   DG  A "O4'" 1 
ATOM   175 C  "C3'" . DG  A 1 9  ? 5.185   3.305   6.864   1.00 53.68  ? 9   DG  A "C3'" 1 
ATOM   176 O  "O3'" . DG  A 1 9  ? 5.248   4.298   5.834   1.00 52.36  ? 9   DG  A "O3'" 1 
ATOM   177 C  "C2'" . DG  A 1 9  ? 6.154   2.158   6.571   1.00 53.13  ? 9   DG  A "C2'" 1 
ATOM   178 C  "C1'" . DG  A 1 9  ? 7.429   2.627   7.248   1.00 45.23  ? 9   DG  A "C1'" 1 
ATOM   179 N  N9    . DG  A 1 9  ? 8.359   1.581   7.654   1.00 41.11  ? 9   DG  A N9    1 
ATOM   180 C  C8    . DG  A 1 9  ? 8.127   0.589   8.577   1.00 42.41  ? 9   DG  A C8    1 
ATOM   181 N  N7    . DG  A 1 9  ? 9.167   -0.158  8.795   1.00 40.07  ? 9   DG  A N7    1 
ATOM   182 C  C5    . DG  A 1 9  ? 10.153  0.378   7.974   1.00 36.05  ? 9   DG  A C5    1 
ATOM   183 C  C6    . DG  A 1 9  ? 11.523  0.007   7.798   1.00 36.36  ? 9   DG  A C6    1 
ATOM   184 O  O6    . DG  A 1 9  ? 12.153  -0.948  8.290   1.00 37.91  ? 9   DG  A O6    1 
ATOM   185 N  N1    . DG  A 1 9  ? 12.167  0.866   6.929   1.00 37.81  ? 9   DG  A N1    1 
ATOM   186 C  C2    . DG  A 1 9  ? 11.582  1.911   6.267   1.00 32.90  ? 9   DG  A C2    1 
ATOM   187 N  N2    . DG  A 1 9  ? 12.380  2.592   5.446   1.00 34.96  ? 9   DG  A N2    1 
ATOM   188 N  N3    . DG  A 1 9  ? 10.325  2.277   6.431   1.00 38.54  ? 9   DG  A N3    1 
ATOM   189 C  C4    . DG  A 1 9  ? 9.675   1.470   7.289   1.00 34.22  ? 9   DG  A C4    1 
ATOM   190 P  P     . DG  A 1 10 ? 4.584   4.019   4.407   1.00 61.69  ? 10  DG  A P     1 
ATOM   191 O  OP1   . DG  A 1 10 ? 3.923   5.279   3.975   1.00 64.17  ? 10  DG  A OP1   1 
ATOM   192 O  OP2   . DG  A 1 10 ? 3.786   2.751   4.524   1.00 59.40  ? 10  DG  A OP2   1 
ATOM   193 O  "O5'" . DG  A 1 10 ? 5.834   3.738   3.468   1.00 52.56  ? 10  DG  A "O5'" 1 
ATOM   194 C  "C5'" . DG  A 1 10 ? 6.917   4.687   3.319   1.00 57.81  ? 10  DG  A "C5'" 1 
ATOM   195 C  "C4'" . DG  A 1 10 ? 7.851   4.268   2.202   1.00 57.05  ? 10  DG  A "C4'" 1 
ATOM   196 O  "O4'" . DG  A 1 10 ? 8.895   3.408   2.731   1.00 54.16  ? 10  DG  A "O4'" 1 
ATOM   197 C  "C3'" . DG  A 1 10 ? 7.222   3.479   1.048   1.00 52.81  ? 10  DG  A "C3'" 1 
ATOM   198 O  "O3'" . DG  A 1 10 ? 7.861   3.753   -0.206  1.00 55.42  ? 10  DG  A "O3'" 1 
ATOM   199 C  "C2'" . DG  A 1 10 ? 7.556   2.042   1.397   1.00 51.93  ? 10  DG  A "C2'" 1 
ATOM   200 C  "C1'" . DG  A 1 10 ? 8.940   2.192   1.999   1.00 47.45  ? 10  DG  A "C1'" 1 
ATOM   201 N  N9    . DG  A 1 10 ? 9.324   1.123   2.922   1.00 43.33  ? 10  DG  A N9    1 
ATOM   202 C  C8    . DG  A 1 10 ? 8.521   0.497   3.844   1.00 46.50  ? 10  DG  A C8    1 
ATOM   203 N  N7    . DG  A 1 10 ? 9.146   -0.421  4.525   1.00 43.33  ? 10  DG  A N7    1 
ATOM   204 C  C5    . DG  A 1 10 ? 10.444  -0.379  4.046   1.00 36.59  ? 10  DG  A C5    1 
ATOM   205 C  C6    . DG  A 1 10 ? 11.582  -1.138  4.413   1.00 44.03  ? 10  DG  A C6    1 
ATOM   206 O  O6    . DG  A 1 10 ? 11.669  -2.034  5.258   1.00 42.08  ? 10  DG  A O6    1 
ATOM   207 N  N1    . DG  A 1 10 ? 12.687  -0.808  3.640   1.00 46.70  ? 10  DG  A N1    1 
ATOM   208 C  C2    . DG  A 1 10 ? 12.715  0.174   2.684   1.00 43.88  ? 10  DG  A C2    1 
ATOM   209 N  N2    . DG  A 1 10 ? 13.889  0.368   2.077   1.00 43.28  ? 10  DG  A N2    1 
ATOM   210 N  N3    . DG  A 1 10 ? 11.666  0.909   2.349   1.00 41.45  ? 10  DG  A N3    1 
ATOM   211 C  C4    . DG  A 1 10 ? 10.567  0.562   3.048   1.00 43.30  ? 10  DG  A C4    1 
ATOM   212 P  P     . DC  A 1 11 ? 7.498   5.088   -1.054  1.00 57.60  ? 11  DC  A P     1 
ATOM   213 O  OP1   . DC  A 1 11 ? 8.597   5.372   -2.005  1.00 51.87  ? 11  DC  A OP1   1 
ATOM   214 O  OP2   . DC  A 1 11 ? 7.050   6.126   -0.101  1.00 54.51  ? 11  DC  A OP2   1 
ATOM   215 O  "O5'" . DC  A 1 11 ? 6.166   4.653   -1.817  1.00 55.16  ? 11  DC  A "O5'" 1 
ATOM   216 C  "C5'" . DC  A 1 11 ? 6.165   4.004   -3.084  1.00 57.42  ? 11  DC  A "C5'" 1 
ATOM   217 C  "C4'" . DC  A 1 11 ? 4.756   4.058   -3.629  1.00 54.61  ? 11  DC  A "C4'" 1 
ATOM   218 O  "O4'" . DC  A 1 11 ? 3.857   3.331   -2.759  1.00 52.41  ? 11  DC  A "O4'" 1 
ATOM   219 C  "C3'" . DC  A 1 11 ? 4.181   5.473   -3.750  1.00 56.89  ? 11  DC  A "C3'" 1 
ATOM   220 O  "O3'" . DC  A 1 11 ? 3.370   5.568   -4.924  1.00 69.36  ? 11  DC  A "O3'" 1 
ATOM   221 C  "C2'" . DC  A 1 11 ? 3.228   5.568   -2.576  1.00 55.28  ? 11  DC  A "C2'" 1 
ATOM   222 C  "C1'" . DC  A 1 11 ? 2.735   4.128   -2.444  1.00 49.17  ? 11  DC  A "C1'" 1 
ATOM   223 N  N1    . DC  A 1 11 ? 2.277   3.737   -1.112  1.00 43.67  ? 11  DC  A N1    1 
ATOM   224 C  C2    . DC  A 1 11 ? 0.928   3.890   -0.791  1.00 50.69  ? 11  DC  A C2    1 
ATOM   225 O  O2    . DC  A 1 11 ? 0.136   4.256   -1.674  1.00 56.33  ? 11  DC  A O2    1 
ATOM   226 N  N3    . DC  A 1 11 ? 0.501   3.552   0.441   1.00 58.09  ? 11  DC  A N3    1 
ATOM   227 C  C4    . DC  A 1 11 ? 1.370   3.116   1.353   1.00 63.85  ? 11  DC  A C4    1 
ATOM   228 N  N4    . DC  A 1 11 ? 0.900   2.824   2.568   1.00 63.14  ? 11  DC  A N4    1 
ATOM   229 C  C5    . DC  A 1 11 ? 2.756   2.973   1.063   1.00 52.16  ? 11  DC  A C5    1 
ATOM   230 C  C6    . DC  A 1 11 ? 3.163   3.292   -0.172  1.00 55.68  ? 11  DC  A C6    1 
ATOM   231 P  P     . DC  A 1 12 ? 4.005   6.004   -6.322  1.00 82.06  ? 12  DC  A P     1 
ATOM   232 O  OP1   . DC  A 1 12 ? 3.657   4.948   -7.322  1.00 82.25  ? 12  DC  A OP1   1 
ATOM   233 O  OP2   . DC  A 1 12 ? 5.434   6.350   -6.094  1.00 91.66  ? 12  DC  A OP2   1 
ATOM   234 O  "O5'" . DC  A 1 12 ? 3.228   7.363   -6.641  1.00 91.00  ? 12  DC  A "O5'" 1 
ATOM   235 C  "C5'" . DC  A 1 12 ? 2.543   7.583   -7.902  1.00 82.09  ? 12  DC  A "C5'" 1 
ATOM   236 C  "C4'" . DC  A 1 12 ? 1.372   8.519   -7.724  1.00 73.32  ? 12  DC  A "C4'" 1 
ATOM   237 O  "O4'" . DC  A 1 12 ? 0.172   7.764   -7.459  1.00 66.26  ? 12  DC  A "O4'" 1 
ATOM   238 C  "C3'" . DC  A 1 12 ? 1.489   9.489   -6.556  1.00 76.17  ? 12  DC  A "C3'" 1 
ATOM   239 O  "O3'" . DC  A 1 12 ? 2.189   10.664  -6.972  1.00 82.81  ? 12  DC  A "O3'" 1 
ATOM   240 C  "C2'" . DC  A 1 12 ? 0.042   9.771   -6.195  1.00 70.82  ? 12  DC  A "C2'" 1 
ATOM   241 C  "C1'" . DC  A 1 12 ? -0.712  8.514   -6.631  1.00 59.63  ? 12  DC  A "C1'" 1 
ATOM   242 N  N1    . DC  A 1 12 ? -1.116  7.657   -5.510  1.00 60.02  ? 12  DC  A N1    1 
ATOM   243 C  C2    . DC  A 1 12 ? -2.401  7.791   -4.976  1.00 66.50  ? 12  DC  A C2    1 
ATOM   244 O  O2    . DC  A 1 12 ? -3.175  8.622   -5.469  1.00 76.66  ? 12  DC  A O2    1 
ATOM   245 N  N3    . DC  A 1 12 ? -2.761  7.027   -3.925  1.00 66.33  ? 12  DC  A N3    1 
ATOM   246 C  C4    . DC  A 1 12 ? -1.895  6.155   -3.407  1.00 53.63  ? 12  DC  A C4    1 
ATOM   247 N  N4    . DC  A 1 12 ? -2.312  5.393   -2.391  1.00 56.09  ? 12  DC  A N4    1 
ATOM   248 C  C5    . DC  A 1 12 ? -0.580  5.994   -3.935  1.00 54.38  ? 12  DC  A C5    1 
ATOM   249 C  C6    . DC  A 1 12 ? -0.230  6.771   -4.964  1.00 56.90  ? 12  DC  A C6    1 
ATOM   250 O  "O5'" . DG  B 1 1  ? -0.720  -11.320 -5.102  1.00 73.64  ? 1   DG  B "O5'" 1 
ATOM   251 C  "C5'" . DG  B 1 1  ? 0.200   -10.209 -5.241  1.00 76.27  ? 1   DG  B "C5'" 1 
ATOM   252 C  "C4'" . DG  B 1 1  ? 0.227   -9.671  -6.658  1.00 66.51  ? 1   DG  B "C4'" 1 
ATOM   253 O  "O4'" . DG  B 1 1  ? -1.118  -9.381  -7.147  1.00 62.75  ? 1   DG  B "O4'" 1 
ATOM   254 C  "C3'" . DG  B 1 1  ? 1.012   -8.367  -6.793  1.00 63.54  ? 1   DG  B "C3'" 1 
ATOM   255 O  "O3'" . DG  B 1 1  ? 1.787   -8.333  -7.986  1.00 62.37  ? 1   DG  B "O3'" 1 
ATOM   256 C  "C2'" . DG  B 1 1  ? -0.074  -7.303  -6.828  1.00 59.56  ? 1   DG  B "C2'" 1 
ATOM   257 C  "C1'" . DG  B 1 1  ? -1.225  -8.014  -7.523  1.00 52.51  ? 1   DG  B "C1'" 1 
ATOM   258 N  N9    . DG  B 1 1  ? -2.536  -7.544  -7.088  1.00 42.10  ? 1   DG  B N9    1 
ATOM   259 C  C8    . DG  B 1 1  ? -3.145  -7.759  -5.876  1.00 36.94  ? 1   DG  B C8    1 
ATOM   260 N  N7    . DG  B 1 1  ? -4.315  -7.188  -5.783  1.00 44.72  ? 1   DG  B N7    1 
ATOM   261 C  C5    . DG  B 1 1  ? -4.460  -6.508  -6.985  1.00 39.03  ? 1   DG  B C5    1 
ATOM   262 C  C6    . DG  B 1 1  ? -5.510  -5.686  -7.450  1.00 31.96  ? 1   DG  B C6    1 
ATOM   263 O  O6    . DG  B 1 1  ? -6.582  -5.394  -6.884  1.00 44.76  ? 1   DG  B O6    1 
ATOM   264 N  N1    . DG  B 1 1  ? -5.278  -5.250  -8.749  1.00 34.74  ? 1   DG  B N1    1 
ATOM   265 C  C2    . DG  B 1 1  ? -4.133  -5.499  -9.471  1.00 36.11  ? 1   DG  B C2    1 
ATOM   266 N  N2    . DG  B 1 1  ? -4.072  -4.965  -10.676 1.00 35.27  ? 1   DG  B N2    1 
ATOM   267 N  N3    . DG  B 1 1  ? -3.138  -6.261  -9.043  1.00 38.48  ? 1   DG  B N3    1 
ATOM   268 C  C4    . DG  B 1 1  ? -3.358  -6.709  -7.793  1.00 38.82  ? 1   DG  B C4    1 
ATOM   269 P  P     . DG  B 1 2  ? 2.853   -7.152  -8.227  1.00 82.40  ? 2   DG  B P     1 
ATOM   270 O  OP1   . DG  B 1 2  ? 3.860   -7.679  -9.176  1.00 89.26  ? 2   DG  B OP1   1 
ATOM   271 O  OP2   . DG  B 1 2  ? 3.272   -6.610  -6.901  1.00 73.76  ? 2   DG  B OP2   1 
ATOM   272 O  "O5'" . DG  B 1 2  ? 2.033   -5.983  -8.953  1.00 71.20  ? 2   DG  B "O5'" 1 
ATOM   273 C  "C5'" . DG  B 1 2  ? 1.754   -6.055  -10.360 1.00 69.91  ? 2   DG  B "C5'" 1 
ATOM   274 C  "C4'" . DG  B 1 2  ? 1.414   -4.697  -10.932 1.00 64.94  ? 2   DG  B "C4'" 1 
ATOM   275 O  "O4'" . DG  B 1 2  ? 0.049   -4.338  -10.615 1.00 59.38  ? 2   DG  B "O4'" 1 
ATOM   276 C  "C3'" . DG  B 1 2  ? 2.270   -3.508  -10.490 1.00 60.18  ? 2   DG  B "C3'" 1 
ATOM   277 O  "O3'" . DG  B 1 2  ? 2.428   -2.746  -11.691 1.00 68.50  ? 2   DG  B "O3'" 1 
ATOM   278 C  "C2'" . DG  B 1 2  ? 1.390   -2.816  -9.456  1.00 54.74  ? 2   DG  B "C2'" 1 
ATOM   279 C  "C1'" . DG  B 1 2  ? 0.005   -3.047  -10.025 1.00 51.59  ? 2   DG  B "C1'" 1 
ATOM   280 N  N9    . DG  B 1 2  ? -1.079  -3.051  -9.051  1.00 47.69  ? 2   DG  B N9    1 
ATOM   281 C  C8    . DG  B 1 2  ? -1.066  -3.744  -7.872  1.00 39.35  ? 2   DG  B C8    1 
ATOM   282 N  N7    . DG  B 1 2  ? -2.159  -3.602  -7.183  1.00 44.78  ? 2   DG  B N7    1 
ATOM   283 C  C5    . DG  B 1 2  ? -2.952  -2.768  -7.960  1.00 38.76  ? 2   DG  B C5    1 
ATOM   284 C  C6    . DG  B 1 2  ? -4.257  -2.272  -7.722  1.00 36.65  ? 2   DG  B C6    1 
ATOM   285 O  O6    . DG  B 1 2  ? -4.981  -2.484  -6.749  1.00 35.25  ? 2   DG  B O6    1 
ATOM   286 N  N1    . DG  B 1 2  ? -4.690  -1.442  -8.753  1.00 36.54  ? 2   DG  B N1    1 
ATOM   287 C  C2    . DG  B 1 2  ? -3.968  -1.151  -9.888  1.00 34.95  ? 2   DG  B C2    1 
ATOM   288 N  N2    . DG  B 1 2  ? -4.572  -0.344  -10.783 1.00 33.17  ? 2   DG  B N2    1 
ATOM   289 N  N3    . DG  B 1 2  ? -2.744  -1.628  -10.128 1.00 37.30  ? 2   DG  B N3    1 
ATOM   290 C  C4    . DG  B 1 2  ? -2.302  -2.416  -9.118  1.00 34.97  ? 2   DG  B C4    1 
ATOM   291 P  P     . DG  B 1 3  ? 3.398   -1.461  -11.772 1.00 80.77  ? 3   DG  B P     1 
ATOM   292 O  OP1   . DG  B 1 3  ? 4.184   -1.572  -13.026 1.00 84.15  ? 3   DG  B OP1   1 
ATOM   293 O  OP2   . DG  B 1 3  ? 4.075   -1.266  -10.464 1.00 70.49  ? 3   DG  B OP2   1 
ATOM   294 O  "O5'" . DG  B 1 3  ? 2.376   -0.256  -11.969 1.00 79.50  ? 3   DG  B "O5'" 1 
ATOM   295 C  "C5'" . DG  B 1 3  ? 1.289   -0.326  -12.931 1.00 67.14  ? 3   DG  B "C5'" 1 
ATOM   296 C  "C4'" . DG  B 1 3  ? 0.488   0.958   -12.892 1.00 61.89  ? 3   DG  B "C4'" 1 
ATOM   297 O  "O4'" . DG  B 1 3  ? -0.573  0.856   -11.916 1.00 53.37  ? 3   DG  B "O4'" 1 
ATOM   298 C  "C3'" . DG  B 1 3  ? 1.280   2.203   -12.496 1.00 51.14  ? 3   DG  B "C3'" 1 
ATOM   299 O  "O3'" . DG  B 1 3  ? 0.905   3.257   -13.380 1.00 68.79  ? 3   DG  B "O3'" 1 
ATOM   300 C  "C2'" . DG  B 1 3  ? 0.903   2.432   -11.043 1.00 45.38  ? 3   DG  B "C2'" 1 
ATOM   301 C  "C1'" . DG  B 1 3  ? -0.533  1.956   -11.021 1.00 44.06  ? 3   DG  B "C1'" 1 
ATOM   302 N  N9    . DG  B 1 3  ? -1.029  1.490   -9.733  1.00 38.73  ? 3   DG  B N9    1 
ATOM   303 C  C8    . DG  B 1 3  ? -0.427  0.606   -8.872  1.00 38.45  ? 3   DG  B C8    1 
ATOM   304 N  N7    . DG  B 1 3  ? -1.145  0.362   -7.809  1.00 38.11  ? 3   DG  B N7    1 
ATOM   305 C  C5    . DG  B 1 3  ? -2.293  1.119   -7.988  1.00 33.99  ? 3   DG  B C5    1 
ATOM   306 C  C6    . DG  B 1 3  ? -3.449  1.234   -7.178  1.00 34.51  ? 3   DG  B C6    1 
ATOM   307 O  O6    . DG  B 1 3  ? -3.668  0.715   -6.082  1.00 29.69  ? 3   DG  B O6    1 
ATOM   308 N  N1    . DG  B 1 3  ? -4.389  2.087   -7.748  1.00 34.46  ? 3   DG  B N1    1 
ATOM   309 C  C2    . DG  B 1 3  ? -4.226  2.747   -8.934  1.00 36.61  ? 3   DG  B C2    1 
ATOM   310 N  N2    . DG  B 1 3  ? -5.226  3.541   -9.318  1.00 41.63  ? 3   DG  B N2    1 
ATOM   311 N  N3    . DG  B 1 3  ? -3.167  2.625   -9.710  1.00 39.33  ? 3   DG  B N3    1 
ATOM   312 C  C4    . DG  B 1 3  ? -2.253  1.789   -9.185  1.00 37.61  ? 3   DG  B C4    1 
ATOM   313 P  P     . DG  B 1 4  ? 1.727   4.659   -13.360 1.00 70.12  ? 4   DG  B P     1 
ATOM   314 O  OP1   . DG  B 1 4  ? 2.039   5.011   -14.764 1.00 85.77  ? 4   DG  B OP1   1 
ATOM   315 O  OP2   . DG  B 1 4  ? 2.791   4.584   -12.303 1.00 65.32  ? 4   DG  B OP2   1 
ATOM   316 O  "O5'" . DG  B 1 4  ? 0.636   5.716   -12.890 1.00 74.88  ? 4   DG  B "O5'" 1 
ATOM   317 C  "C5'" . DG  B 1 4  ? -0.718  5.644   -13.366 1.00 67.75  ? 4   DG  B "C5'" 1 
ATOM   318 C  "C4'" . DG  B 1 4  ? -1.542  6.680   -12.648 1.00 67.54  ? 4   DG  B "C4'" 1 
ATOM   319 O  "O4'" . DG  B 1 4  ? -2.142  6.075   -11.481 1.00 63.53  ? 4   DG  B "O4'" 1 
ATOM   320 C  "C3'" . DG  B 1 4  ? -0.747  7.884   -12.137 1.00 70.96  ? 4   DG  B "C3'" 1 
ATOM   321 O  "O3'" . DG  B 1 4  ? -1.511  9.076   -12.358 1.00 89.73  ? 4   DG  B "O3'" 1 
ATOM   322 C  "C2'" . DG  B 1 4  ? -0.608  7.613   -10.649 1.00 61.27  ? 4   DG  B "C2'" 1 
ATOM   323 C  "C1'" . DG  B 1 4  ? -1.921  6.894   -10.354 1.00 49.94  ? 4   DG  B "C1'" 1 
ATOM   324 N  N9    . DG  B 1 4  ? -1.903  6.035   -9.184  1.00 50.96  ? 4   DG  B N9    1 
ATOM   325 C  C8    . DG  B 1 4  ? -0.930  5.125   -8.850  1.00 47.96  ? 4   DG  B C8    1 
ATOM   326 N  N7    . DG  B 1 4  ? -1.191  4.476   -7.752  1.00 47.33  ? 4   DG  B N7    1 
ATOM   327 C  C5    . DG  B 1 4  ? -2.401  4.998   -7.324  1.00 46.07  ? 4   DG  B C5    1 
ATOM   328 C  C6    . DG  B 1 4  ? -3.202  4.649   -6.226  1.00 40.00  ? 4   DG  B C6    1 
ATOM   329 O  O6    . DG  B 1 4  ? -2.980  3.808   -5.344  1.00 38.40  ? 4   DG  B O6    1 
ATOM   330 N  N1    . DG  B 1 4  ? -4.363  5.411   -6.178  1.00 51.68  ? 4   DG  B N1    1 
ATOM   331 C  C2    . DG  B 1 4  ? -4.727  6.354   -7.103  1.00 50.98  ? 4   DG  B C2    1 
ATOM   332 N  N2    . DG  B 1 4  ? -5.887  6.985   -6.879  1.00 57.49  ? 4   DG  B N2    1 
ATOM   333 N  N3    . DG  B 1 4  ? -4.011  6.655   -8.166  1.00 47.41  ? 4   DG  B N3    1 
ATOM   334 C  C4    . DG  B 1 4  ? -2.859  5.957   -8.205  1.00 50.04  ? 4   DG  B C4    1 
ATOM   335 P  P     . DC  B 1 5  ? -1.093  10.126  -13.486 1.00 98.29  ? 5   DC  B P     1 
ATOM   336 O  OP1   . DC  B 1 5  ? 0.345   10.466  -13.282 1.00 91.56  ? 5   DC  B OP1   1 
ATOM   337 O  OP2   . DC  B 1 5  ? -2.130  11.185  -13.470 1.00 101.83 ? 5   DC  B OP2   1 
ATOM   338 O  "O5'" . DC  B 1 5  ? -1.201  9.300   -14.849 1.00 98.15  ? 5   DC  B "O5'" 1 
ATOM   339 C  "C5'" . DC  B 1 5  ? -1.627  9.943   -16.068 1.00 114.22 ? 5   DC  B "C5'" 1 
ATOM   340 C  "C4'" . DC  B 1 5  ? -0.838  9.433   -17.254 1.00 124.64 ? 5   DC  B "C4'" 1 
ATOM   341 O  "O4'" . DC  B 1 5  ? 0.520   9.951   -17.275 1.00 135.80 ? 5   DC  B "O4'" 1 
ATOM   342 C  "C3'" . DC  B 1 5  ? -0.708  7.911   -17.306 1.00 138.37 ? 5   DC  B "C3'" 1 
ATOM   343 O  "O3'" . DC  B 1 5  ? -1.199  7.454   -18.572 1.00 152.81 ? 5   DC  B "O3'" 1 
ATOM   344 C  "C2'" . DC  B 1 5  ? 0.778   7.667   -17.063 1.00 138.44 ? 5   DC  B "C2'" 1 
ATOM   345 C  "C1'" . DC  B 1 5  ? 1.387   8.900   -17.674 1.00 139.79 ? 5   DC  B "C1'" 1 
ATOM   346 N  N1    . DC  B 1 5  ? 2.763   9.223   -17.229 1.00 138.56 ? 5   DC  B N1    1 
ATOM   347 C  C2    . DC  B 1 5  ? 3.837   8.941   -18.086 1.00 129.44 ? 5   DC  B C2    1 
ATOM   348 O  O2    . DC  B 1 5  ? 3.605   8.425   -19.190 1.00 116.96 ? 5   DC  B O2    1 
ATOM   349 N  N3    . DC  B 1 5  ? 5.098   9.235   -17.689 1.00 121.57 ? 5   DC  B N3    1 
ATOM   350 C  C4    . DC  B 1 5  ? 5.308   9.782   -16.490 1.00 120.31 ? 5   DC  B C4    1 
ATOM   351 N  N4    . DC  B 1 5  ? 6.568   10.055  -16.139 1.00 107.55 ? 5   DC  B N4    1 
ATOM   352 C  C5    . DC  B 1 5  ? 4.236   10.074  -15.596 1.00 127.43 ? 5   DC  B C5    1 
ATOM   353 C  C6    . DC  B 1 5  ? 2.992   9.779   -16.000 1.00 133.21 ? 5   DC  B C6    1 
ATOM   354 P  P     . DC  B 1 6  ? -1.151  5.897   -18.934 1.00 182.52 ? 6   DC  B P     1 
ATOM   355 O  OP1   . DC  B 1 6  ? 0.255   5.560   -19.276 1.00 180.19 ? 6   DC  B OP1   1 
ATOM   356 O  OP2   . DC  B 1 6  ? -2.224  5.614   -19.926 1.00 169.62 ? 6   DC  B OP2   1 
ATOM   357 O  "O5'" . DC  B 1 6  ? -1.579  5.198   -17.562 1.00 183.47 ? 6   DC  B "O5'" 1 
ATOM   358 C  "C5'" . DC  B 1 6  ? -0.946  3.996   -17.078 1.00 167.93 ? 6   DC  B "C5'" 1 
ATOM   359 C  "C4'" . DC  B 1 6  ? -1.862  2.808   -17.253 1.00 151.21 ? 6   DC  B "C4'" 1 
ATOM   360 O  "O4'" . DC  B 1 6  ? -3.067  2.948   -16.464 1.00 142.46 ? 6   DC  B "O4'" 1 
ATOM   361 C  "C3'" . DC  B 1 6  ? -2.312  2.554   -18.692 1.00 140.90 ? 6   DC  B "C3'" 1 
ATOM   362 O  "O3'" . DC  B 1 6  ? -2.001  1.210   -19.096 1.00 130.78 ? 6   DC  B "O3'" 1 
ATOM   363 C  "C2'" . DC  B 1 6  ? -3.787  2.937   -18.721 1.00 142.87 ? 6   DC  B "C2'" 1 
ATOM   364 C  "C1'" . DC  B 1 6  ? -4.159  3.319   -17.286 1.00 140.85 ? 6   DC  B "C1'" 1 
ATOM   365 N  N1    . DC  B 1 6  ? -4.489  4.727   -16.979 1.00 136.21 ? 6   DC  B N1    1 
ATOM   366 C  C2    . DC  B 1 6  ? -4.828  5.045   -15.659 1.00 124.36 ? 6   DC  B C2    1 
ATOM   367 O  O2    . DC  B 1 6  ? -4.864  4.137   -14.816 1.00 108.59 ? 6   DC  B O2    1 
ATOM   368 N  N3    . DC  B 1 6  ? -5.129  6.327   -15.342 1.00 122.37 ? 6   DC  B N3    1 
ATOM   369 C  C4    . DC  B 1 6  ? -5.091  7.272   -16.285 1.00 142.09 ? 6   DC  B C4    1 
ATOM   370 N  N4    . DC  B 1 6  ? -5.383  8.525   -15.928 1.00 147.47 ? 6   DC  B N4    1 
ATOM   371 C  C5    . DC  B 1 6  ? -4.742  6.977   -17.636 1.00 143.89 ? 6   DC  B C5    1 
ATOM   372 C  C6    . DC  B 1 6  ? -4.462  5.703   -17.939 1.00 142.12 ? 6   DC  B C6    1 
ATOM   373 P  P     . DG  B 1 7  ? -2.201  -0.036  -18.085 1.00 121.64 ? 7   DG  B P     1 
ATOM   374 O  OP1   . DG  B 1 7  ? -1.122  -0.020  -17.052 1.00 105.78 ? 7   DG  B OP1   1 
ATOM   375 O  OP2   . DG  B 1 7  ? -2.368  -1.265  -18.902 1.00 125.01 ? 7   DG  B OP2   1 
ATOM   376 O  "O5'" . DG  B 1 7  ? -3.618  0.288   -17.443 1.00 104.17 ? 7   DG  B "O5'" 1 
ATOM   377 C  "C5'" . DG  B 1 7  ? -4.203  -0.607  -16.496 1.00 77.68  ? 7   DG  B "C5'" 1 
ATOM   378 C  "C4'" . DG  B 1 7  ? -5.710  -0.620  -16.617 1.00 66.41  ? 7   DG  B "C4'" 1 
ATOM   379 O  "O4'" . DG  B 1 7  ? -6.231  -1.672  -15.767 1.00 53.77  ? 7   DG  B "O4'" 1 
ATOM   380 C  "C3'" . DG  B 1 7  ? -6.388  0.657   -16.124 1.00 64.62  ? 7   DG  B "C3'" 1 
ATOM   381 O  "O3'" . DG  B 1 7  ? -7.661  0.827   -16.740 1.00 75.45  ? 7   DG  B "O3'" 1 
ATOM   382 C  "C2'" . DG  B 1 7  ? -6.627  0.364   -14.663 1.00 58.15  ? 7   DG  B "C2'" 1 
ATOM   383 C  "C1'" . DG  B 1 7  ? -7.023  -1.086  -14.735 1.00 51.12  ? 7   DG  B "C1'" 1 
ATOM   384 N  N9    . DG  B 1 7  ? -6.793  -1.816  -13.497 1.00 45.96  ? 7   DG  B N9    1 
ATOM   385 C  C8    . DG  B 1 7  ? -5.708  -2.568  -13.119 1.00 41.61  ? 7   DG  B C8    1 
ATOM   386 N  N7    . DG  B 1 7  ? -5.842  -3.093  -11.933 1.00 40.68  ? 7   DG  B N7    1 
ATOM   387 C  C5    . DG  B 1 7  ? -7.074  -2.630  -11.494 1.00 38.94  ? 7   DG  B C5    1 
ATOM   388 C  C6    . DG  B 1 7  ? -7.763  -2.867  -10.291 1.00 35.21  ? 7   DG  B C6    1 
ATOM   389 O  O6    . DG  B 1 7  ? -7.418  -3.546  -9.329  1.00 35.04  ? 7   DG  B O6    1 
ATOM   390 N  N1    . DG  B 1 7  ? -8.997  -2.221  -10.273 1.00 41.82  ? 7   DG  B N1    1 
ATOM   391 C  C2    . DG  B 1 7  ? -9.486  -1.433  -11.281 1.00 43.87  ? 7   DG  B C2    1 
ATOM   392 N  N2    . DG  B 1 7  ? -10.684 -0.874  -11.082 1.00 46.54  ? 7   DG  B N2    1 
ATOM   393 N  N3    . DG  B 1 7  ? -8.857  -1.217  -12.409 1.00 48.05  ? 7   DG  B N3    1 
ATOM   394 C  C4    . DG  B 1 7  ? -7.671  -1.847  -12.452 1.00 43.27  ? 7   DG  B C4    1 
ATOM   395 P  P     . DG  B 1 8  ? -8.339  2.286   -16.843 1.00 89.41  ? 8   DG  B P     1 
ATOM   396 O  OP1   . DG  B 1 8  ? -9.434  2.189   -17.835 1.00 87.59  ? 8   DG  B OP1   1 
ATOM   397 O  OP2   . DG  B 1 8  ? -7.272  3.322   -16.969 1.00 75.95  ? 8   DG  B OP2   1 
ATOM   398 O  "O5'" . DG  B 1 8  ? -9.002  2.518   -15.415 1.00 83.71  ? 8   DG  B "O5'" 1 
ATOM   399 C  "C5'" . DG  B 1 8  ? -10.076 3.465   -15.276 1.00 94.67  ? 8   DG  B "C5'" 1 
ATOM   400 C  "C4'" . DG  B 1 8  ? -10.140 3.981   -13.859 1.00 86.40  ? 8   DG  B "C4'" 1 
ATOM   401 O  "O4'" . DG  B 1 8  ? -10.021 2.862   -12.975 1.00 75.03  ? 8   DG  B "O4'" 1 
ATOM   402 C  "C3'" . DG  B 1 8  ? -8.994  4.894   -13.437 1.00 85.83  ? 8   DG  B "C3'" 1 
ATOM   403 O  "O3'" . DG  B 1 8  ? -9.132  6.287   -13.770 1.00 109.85 ? 8   DG  B "O3'" 1 
ATOM   404 C  "C2'" . DG  B 1 8  ? -8.943  4.685   -11.932 1.00 74.63  ? 8   DG  B "C2'" 1 
ATOM   405 C  "C1'" . DG  B 1 8  ? -9.703  3.383   -11.699 1.00 67.89  ? 8   DG  B "C1'" 1 
ATOM   406 N  N9    . DG  B 1 8  ? -8.883  2.397   -11.027 1.00 53.67  ? 8   DG  B N9    1 
ATOM   407 C  C8    . DG  B 1 8  ? -7.703  1.825   -11.454 1.00 55.98  ? 8   DG  B C8    1 
ATOM   408 N  N7    . DG  B 1 8  ? -7.197  0.991   -10.587 1.00 47.98  ? 8   DG  B N7    1 
ATOM   409 C  C5    . DG  B 1 8  ? -8.084  1.035   -9.520  1.00 47.01  ? 8   DG  B C5    1 
ATOM   410 C  C6    . DG  B 1 8  ? -8.100  0.311   -8.316  1.00 48.89  ? 8   DG  B C6    1 
ATOM   411 O  O6    . DG  B 1 8  ? -7.291  -0.527  -7.906  1.00 51.66  ? 8   DG  B O6    1 
ATOM   412 N  N1    . DG  B 1 8  ? -9.205  0.639   -7.539  1.00 48.94  ? 8   DG  B N1    1 
ATOM   413 C  C2    . DG  B 1 8  ? -10.183 1.524   -7.893  1.00 42.85  ? 8   DG  B C2    1 
ATOM   414 N  N2    . DG  B 1 8  ? -11.154 1.720   -6.991  1.00 46.03  ? 8   DG  B N2    1 
ATOM   415 N  N3    . DG  B 1 8  ? -10.205 2.175   -9.030  1.00 48.23  ? 8   DG  B N3    1 
ATOM   416 C  C4    . DG  B 1 8  ? -9.133  1.893   -9.788  1.00 46.83  ? 8   DG  B C4    1 
ATOM   417 P  P     . DG  B 1 9  ? -10.495 7.150   -13.444 1.00 125.15 ? 9   DG  B P     1 
ATOM   418 O  OP1   . DG  B 1 9  ? -11.647 6.515   -14.152 1.00 104.91 ? 9   DG  B OP1   1 
ATOM   419 O  OP2   . DG  B 1 9  ? -10.181 8.580   -13.696 1.00 122.55 ? 9   DG  B OP2   1 
ATOM   420 O  "O5'" . DG  B 1 9  ? -10.746 7.015   -11.873 1.00 85.12  ? 9   DG  B "O5'" 1 
ATOM   421 C  "C5'" . DG  B 1 9  ? -12.050 6.613   -11.407 1.00 74.37  ? 9   DG  B "C5'" 1 
ATOM   422 C  "C4'" . DG  B 1 9  ? -12.185 6.838   -9.921  1.00 73.63  ? 9   DG  B "C4'" 1 
ATOM   423 O  "O4'" . DG  B 1 9  ? -11.510 5.785   -9.189  1.00 62.22  ? 9   DG  B "O4'" 1 
ATOM   424 C  "C3'" . DG  B 1 9  ? -11.627 8.160   -9.387  1.00 74.69  ? 9   DG  B "C3'" 1 
ATOM   425 O  "O3'" . DG  B 1 9  ? -12.608 8.689   -8.486  1.00 90.86  ? 9   DG  B "O3'" 1 
ATOM   426 C  "C2'" . DG  B 1 9  ? -10.379 7.735   -8.640  1.00 72.77  ? 9   DG  B "C2'" 1 
ATOM   427 C  "C1'" . DG  B 1 9  ? -10.777 6.359   -8.131  1.00 65.79  ? 9   DG  B "C1'" 1 
ATOM   428 N  N9    . DG  B 1 9  ? -9.631  5.498   -7.880  1.00 64.54  ? 9   DG  B N9    1 
ATOM   429 C  C8    . DG  B 1 9  ? -8.559  5.313   -8.716  1.00 55.30  ? 9   DG  B C8    1 
ATOM   430 N  N7    . DG  B 1 9  ? -7.693  4.459   -8.248  1.00 46.49  ? 9   DG  B N7    1 
ATOM   431 C  C5    . DG  B 1 9  ? -8.221  4.064   -7.030  1.00 45.19  ? 9   DG  B C5    1 
ATOM   432 C  C6    . DG  B 1 9  ? -7.713  3.164   -6.063  1.00 45.39  ? 9   DG  B C6    1 
ATOM   433 O  O6    . DG  B 1 9  ? -6.677  2.509   -6.092  1.00 57.14  ? 9   DG  B O6    1 
ATOM   434 N  N1    . DG  B 1 9  ? -8.551  3.067   -4.967  1.00 44.21  ? 9   DG  B N1    1 
ATOM   435 C  C2    . DG  B 1 9  ? -9.750  3.723   -4.836  1.00 44.02  ? 9   DG  B C2    1 
ATOM   436 N  N2    . DG  B 1 9  ? -10.415 3.481   -3.701  1.00 44.25  ? 9   DG  B N2    1 
ATOM   437 N  N3    . DG  B 1 9  ? -10.234 4.571   -5.729  1.00 44.27  ? 9   DG  B N3    1 
ATOM   438 C  C4    . DG  B 1 9  ? -9.424  4.687   -6.795  1.00 48.89  ? 9   DG  B C4    1 
ATOM   439 P  P     . DG  B 1 10 ? -12.440 10.151  -7.834  1.00 90.46  ? 10  DG  B P     1 
ATOM   440 O  OP1   . DG  B 1 10 ? -13.711 10.885  -8.061  1.00 103.25 ? 10  DG  B OP1   1 
ATOM   441 O  OP2   . DG  B 1 10 ? -11.135 10.725  -8.287  1.00 87.25  ? 10  DG  B OP2   1 
ATOM   442 O  "O5'" . DG  B 1 10 ? -12.331 9.848   -6.277  1.00 76.07  ? 10  DG  B "O5'" 1 
ATOM   443 C  "C5'" . DG  B 1 10 ? -13.306 9.016   -5.640  1.00 76.62  ? 10  DG  B "C5'" 1 
ATOM   444 C  "C4'" . DG  B 1 10 ? -12.947 8.836   -4.187  1.00 87.33  ? 10  DG  B "C4'" 1 
ATOM   445 O  "O4'" . DG  B 1 10 ? -11.898 7.848   -4.069  1.00 81.43  ? 10  DG  B "O4'" 1 
ATOM   446 C  "C3'" . DG  B 1 10 ? -12.433 10.085  -3.460  1.00 94.35  ? 10  DG  B "C3'" 1 
ATOM   447 O  "O3'" . DG  B 1 10 ? -13.013 10.031  -2.135  1.00 126.10 ? 10  DG  B "O3'" 1 
ATOM   448 C  "C2'" . DG  B 1 10 ? -10.922 9.900   -3.502  1.00 88.91  ? 10  DG  B "C2'" 1 
ATOM   449 C  "C1'" . DG  B 1 10 ? -10.819 8.394   -3.331  1.00 72.79  ? 10  DG  B "C1'" 1 
ATOM   450 N  N9    . DG  B 1 10 ? -9.598  7.756   -3.807  1.00 61.69  ? 10  DG  B N9    1 
ATOM   451 C  C8    . DG  B 1 10 ? -8.964  7.885   -5.018  1.00 55.09  ? 10  DG  B C8    1 
ATOM   452 N  N7    . DG  B 1 10 ? -7.909  7.117   -5.127  1.00 56.49  ? 10  DG  B N7    1 
ATOM   453 C  C5    . DG  B 1 10 ? -7.845  6.454   -3.910  1.00 50.03  ? 10  DG  B C5    1 
ATOM   454 C  C6    . DG  B 1 10 ? -6.922  5.494   -3.439  1.00 42.36  ? 10  DG  B C6    1 
ATOM   455 O  O6    . DG  B 1 10 ? -5.933  5.014   -4.022  1.00 61.62  ? 10  DG  B O6    1 
ATOM   456 N  N1    . DG  B 1 10 ? -7.231  5.088   -2.151  1.00 37.75  ? 10  DG  B N1    1 
ATOM   457 C  C2    . DG  B 1 10 ? -8.297  5.520   -1.419  1.00 36.39  ? 10  DG  B C2    1 
ATOM   458 N  N2    . DG  B 1 10 ? -8.444  4.976   -0.213  1.00 38.91  ? 10  DG  B N2    1 
ATOM   459 N  N3    . DG  B 1 10 ? -9.189  6.391   -1.857  1.00 47.56  ? 10  DG  B N3    1 
ATOM   460 C  C4    . DG  B 1 10 ? -8.896  6.816   -3.099  1.00 46.57  ? 10  DG  B C4    1 
ATOM   461 P  P     . DC  B 1 11 ? -13.042 11.320  -1.151  1.00 141.35 ? 11  DC  B P     1 
ATOM   462 O  OP1   . DC  B 1 11 ? -13.129 12.549  -1.995  1.00 123.13 ? 11  DC  B OP1   1 
ATOM   463 O  OP2   . DC  B 1 11 ? -11.921 11.175  -0.182  1.00 149.09 ? 11  DC  B OP2   1 
ATOM   464 O  "O5'" . DC  B 1 11 ? -14.379 11.119  -0.298  1.00 120.97 ? 11  DC  B "O5'" 1 
ATOM   465 C  "C5'" . DC  B 1 11 ? -14.451 10.153  0.778   1.00 109.83 ? 11  DC  B "C5'" 1 
ATOM   466 C  "C4'" . DC  B 1 11 ? -15.482 10.581  1.802   1.00 91.69  ? 11  DC  B "C4'" 1 
ATOM   467 O  "O4'" . DC  B 1 11 ? -15.095 11.844  2.399   1.00 77.79  ? 11  DC  B "O4'" 1 
ATOM   468 C  "C3'" . DC  B 1 11 ? -16.883 10.807  1.252   1.00 84.67  ? 11  DC  B "C3'" 1 
ATOM   469 O  "O3'" . DC  B 1 11 ? -17.818 10.294  2.210   1.00 81.87  ? 11  DC  B "O3'" 1 
ATOM   470 C  "C2'" . DC  B 1 11 ? -16.941 12.315  1.022   1.00 79.50  ? 11  DC  B "C2'" 1 
ATOM   471 C  "C1'" . DC  B 1 11 ? -16.009 12.889  2.082   1.00 71.58  ? 11  DC  B "C1'" 1 
ATOM   472 N  N1    . DC  B 1 11 ? -15.208 14.064  1.676   1.00 57.95  ? 11  DC  B N1    1 
ATOM   473 C  C2    . DC  B 1 11 ? -15.669 15.355  1.971   1.00 59.15  ? 11  DC  B C2    1 
ATOM   474 O  O2    . DC  B 1 11 ? -16.752 15.488  2.559   1.00 52.19  ? 11  DC  B O2    1 
ATOM   475 N  N3    . DC  B 1 11 ? -14.903 16.418  1.644   1.00 55.09  ? 11  DC  B N3    1 
ATOM   476 C  C4    . DC  B 1 11 ? -13.722 16.229  1.049   1.00 56.21  ? 11  DC  B C4    1 
ATOM   477 N  N4    . DC  B 1 11 ? -13.006 17.300  0.716   1.00 51.62  ? 11  DC  B N4    1 
ATOM   478 C  C5    . DC  B 1 11 ? -13.236 14.931  0.738   1.00 58.10  ? 11  DC  B C5    1 
ATOM   479 C  C6    . DC  B 1 11 ? -13.986 13.886  1.097   1.00 57.54  ? 11  DC  B C6    1 
ATOM   480 O  "O5'" . DG  C 1 1  ? -16.475 2.394   -10.213 1.00 100.54 ? 1   DG  C "O5'" 1 
ATOM   481 C  "C5'" . DG  C 1 1  ? -17.639 1.634   -9.883  1.00 90.65  ? 1   DG  C "C5'" 1 
ATOM   482 C  "C4'" . DG  C 1 1  ? -17.450 1.000   -8.526  1.00 89.89  ? 1   DG  C "C4'" 1 
ATOM   483 O  "O4'" . DG  C 1 1  ? -16.407 0.008   -8.607  1.00 74.39  ? 1   DG  C "O4'" 1 
ATOM   484 C  "C3'" . DG  C 1 1  ? -17.043 1.956   -7.396  1.00 82.02  ? 1   DG  C "C3'" 1 
ATOM   485 O  "O3'" . DG  C 1 1  ? -17.834 1.643   -6.230  1.00 89.35  ? 1   DG  C "O3'" 1 
ATOM   486 C  "C2'" . DG  C 1 1  ? -15.565 1.653   -7.199  1.00 69.46  ? 1   DG  C "C2'" 1 
ATOM   487 C  "C1'" . DG  C 1 1  ? -15.532 0.178   -7.506  1.00 58.01  ? 1   DG  C "C1'" 1 
ATOM   488 N  N9    . DG  C 1 1  ? -14.230 -0.360  -7.877  1.00 51.36  ? 1   DG  C N9    1 
ATOM   489 C  C8    . DG  C 1 1  ? -13.546 -0.149  -9.048  1.00 50.07  ? 1   DG  C C8    1 
ATOM   490 N  N7    . DG  C 1 1  ? -12.409 -0.796  -9.100  1.00 39.00  ? 1   DG  C N7    1 
ATOM   491 C  C5    . DG  C 1 1  ? -12.372 -1.517  -7.913  1.00 35.38  ? 1   DG  C C5    1 
ATOM   492 C  C6    . DG  C 1 1  ? -11.375 -2.378  -7.405  1.00 38.28  ? 1   DG  C C6    1 
ATOM   493 O  O6    . DG  C 1 1  ? -10.302 -2.712  -7.930  1.00 51.20  ? 1   DG  C O6    1 
ATOM   494 N  N1    . DG  C 1 1  ? -11.718 -2.871  -6.160  1.00 40.29  ? 1   DG  C N1    1 
ATOM   495 C  C2    . DG  C 1 1  ? -12.855 -2.546  -5.470  1.00 35.26  ? 1   DG  C C2    1 
ATOM   496 N  N2    . DG  C 1 1  ? -12.995 -3.107  -4.280  1.00 32.91  ? 1   DG  C N2    1 
ATOM   497 N  N3    . DG  C 1 1  ? -13.786 -1.726  -5.923  1.00 44.74  ? 1   DG  C N3    1 
ATOM   498 C  C4    . DG  C 1 1  ? -13.471 -1.238  -7.136  1.00 39.16  ? 1   DG  C C4    1 
ATOM   499 P  P     . DG  C 1 2  ? -18.072 2.721   -5.049  1.00 114.78 ? 2   DG  C P     1 
ATOM   500 O  OP1   . DG  C 1 2  ? -19.551 2.931   -4.892  1.00 94.44  ? 2   DG  C OP1   1 
ATOM   501 O  OP2   . DG  C 1 2  ? -17.178 3.889   -5.281  1.00 95.09  ? 2   DG  C OP2   1 
ATOM   502 O  "O5'" . DG  C 1 2  ? -17.619 1.913   -3.755  1.00 93.47  ? 2   DG  C "O5'" 1 
ATOM   503 C  "C5'" . DG  C 1 2  ? -16.279 1.469   -3.640  1.00 91.63  ? 2   DG  C "C5'" 1 
ATOM   504 C  "C4'" . DG  C 1 2  ? -15.980 0.895   -2.280  1.00 89.28  ? 2   DG  C "C4'" 1 
ATOM   505 O  "O4'" . DG  C 1 2  ? -14.850 0.019   -2.458  1.00 82.64  ? 2   DG  C "O4'" 1 
ATOM   506 C  "C3'" . DG  C 1 2  ? -15.506 1.910   -1.251  1.00 96.43  ? 2   DG  C "C3'" 1 
ATOM   507 O  "O3'" . DG  C 1 2  ? -15.694 1.320   0.044   1.00 119.00 ? 2   DG  C "O3'" 1 
ATOM   508 C  "C2'" . DG  C 1 2  ? -14.035 2.079   -1.604  1.00 86.15  ? 2   DG  C "C2'" 1 
ATOM   509 C  "C1'" . DG  C 1 2  ? -13.644 0.657   -2.003  1.00 82.16  ? 2   DG  C "C1'" 1 
ATOM   510 N  N9    . DG  C 1 2  ? -12.642 0.544   -3.063  1.00 53.64  ? 2   DG  C N9    1 
ATOM   511 C  C8    . DG  C 1 2  ? -12.676 1.120   -4.313  1.00 51.75  ? 2   DG  C C8    1 
ATOM   512 N  N7    . DG  C 1 2  ? -11.663 0.774   -5.064  1.00 44.05  ? 2   DG  C N7    1 
ATOM   513 C  C5    . DG  C 1 2  ? -10.921 -0.085  -4.260  1.00 40.63  ? 2   DG  C C5    1 
ATOM   514 C  C6    . DG  C 1 2  ? -9.718  -0.790  -4.533  1.00 54.96  ? 2   DG  C C6    1 
ATOM   515 O  O6    . DG  C 1 2  ? -9.025  -0.778  -5.571  1.00 40.45  ? 2   DG  C O6    1 
ATOM   516 N  N1    . DG  C 1 2  ? -9.316  -1.550  -3.439  1.00 56.06  ? 2   DG  C N1    1 
ATOM   517 C  C2    . DG  C 1 2  ? -10.002 -1.651  -2.250  1.00 48.38  ? 2   DG  C C2    1 
ATOM   518 N  N2    . DG  C 1 2  ? -9.469  -2.466  -1.316  1.00 50.04  ? 2   DG  C N2    1 
ATOM   519 N  N3    . DG  C 1 2  ? -11.133 -1.021  -1.997  1.00 41.91  ? 2   DG  C N3    1 
ATOM   520 C  C4    . DG  C 1 2  ? -11.525 -0.251  -3.032  1.00 42.10  ? 2   DG  C C4    1 
ATOM   521 P  P     . DG  C 1 3  ? -15.465 2.173   1.390   1.00 127.88 ? 3   DG  C P     1 
ATOM   522 O  OP1   . DG  C 1 3  ? -16.505 1.748   2.372   1.00 118.91 ? 3   DG  C OP1   1 
ATOM   523 O  OP2   . DG  C 1 3  ? -15.337 3.612   1.015   1.00 102.48 ? 3   DG  C OP2   1 
ATOM   524 O  "O5'" . DG  C 1 3  ? -14.035 1.683   1.910   1.00 98.06  ? 3   DG  C "O5'" 1 
ATOM   525 C  "C5'" . DG  C 1 3  ? -13.749 0.293   2.106   1.00 77.69  ? 3   DG  C "C5'" 1 
ATOM   526 C  "C4'" . DG  C 1 3  ? -12.333 0.135   2.609   1.00 78.43  ? 3   DG  C "C4'" 1 
ATOM   527 O  "O4'" . DG  C 1 3  ? -11.428 0.022   1.480   1.00 70.83  ? 3   DG  C "O4'" 1 
ATOM   528 C  "C3'" . DG  C 1 3  ? -11.810 1.302   3.449   1.00 69.78  ? 3   DG  C "C3'" 1 
ATOM   529 O  "O3'" . DG  C 1 3  ? -11.162 0.752   4.595   1.00 83.80  ? 3   DG  C "O3'" 1 
ATOM   530 C  "C2'" . DG  C 1 3  ? -10.831 2.003   2.515   1.00 71.07  ? 3   DG  C "C2'" 1 
ATOM   531 C  "C1'" . DG  C 1 3  ? -10.296 0.847   1.688   1.00 59.68  ? 3   DG  C "C1'" 1 
ATOM   532 N  N9    . DG  C 1 3  ? -9.762  1.210   0.381   1.00 55.13  ? 3   DG  C N9    1 
ATOM   533 C  C8    . DG  C 1 3  ? -10.381 2.004   -0.559  1.00 55.21  ? 3   DG  C C8    1 
ATOM   534 N  N7    . DG  C 1 3  ? -9.702  2.109   -1.669  1.00 41.26  ? 3   DG  C N7    1 
ATOM   535 C  C5    . DG  C 1 3  ? -8.567  1.339   -1.448  1.00 47.49  ? 3   DG  C C5    1 
ATOM   536 C  C6    . DG  C 1 3  ? -7.476  1.045   -2.317  1.00 51.18  ? 3   DG  C C6    1 
ATOM   537 O  O6    . DG  C 1 3  ? -7.272  1.480   -3.452  1.00 44.18  ? 3   DG  C O6    1 
ATOM   538 N  N1    . DG  C 1 3  ? -6.555  0.178   -1.722  1.00 41.49  ? 3   DG  C N1    1 
ATOM   539 C  C2    . DG  C 1 3  ? -6.684  -0.351  -0.455  1.00 54.97  ? 3   DG  C C2    1 
ATOM   540 N  N2    . DG  C 1 3  ? -5.672  -1.155  -0.048  1.00 46.35  ? 3   DG  C N2    1 
ATOM   541 N  N3    . DG  C 1 3  ? -7.706  -0.093  0.358   1.00 40.48  ? 3   DG  C N3    1 
ATOM   542 C  C4    . DG  C 1 3  ? -8.603  0.750   -0.204  1.00 45.69  ? 3   DG  C C4    1 
ATOM   543 P  P     . DG  C 1 4  ? -10.610 1.713   5.776   1.00 86.30  ? 4   DG  C P     1 
ATOM   544 O  OP1   . DG  C 1 4  ? -11.149 1.213   7.080   1.00 87.99  ? 4   DG  C OP1   1 
ATOM   545 O  OP2   . DG  C 1 4  ? -10.846 3.124   5.398   1.00 72.23  ? 4   DG  C OP2   1 
ATOM   546 O  "O5'" . DG  C 1 4  ? -9.029  1.468   5.728   1.00 104.58 ? 4   DG  C "O5'" 1 
ATOM   547 C  "C5'" . DG  C 1 4  ? -8.466  0.161   5.956   1.00 90.26  ? 4   DG  C "C5'" 1 
ATOM   548 C  "C4'" . DG  C 1 4  ? -6.972  0.214   5.743   1.00 85.46  ? 4   DG  C "C4'" 1 
ATOM   549 O  "O4'" . DG  C 1 4  ? -6.675  0.376   4.334   1.00 83.47  ? 4   DG  C "O4'" 1 
ATOM   550 C  "C3'" . DG  C 1 4  ? -6.264  1.366   6.459   1.00 88.71  ? 4   DG  C "C3'" 1 
ATOM   551 O  "O3'" . DG  C 1 4  ? -5.075  0.861   7.082   1.00 90.88  ? 4   DG  C "O3'" 1 
ATOM   552 C  "C2'" . DG  C 1 4  ? -5.958  2.345   5.336   1.00 80.14  ? 4   DG  C "C2'" 1 
ATOM   553 C  "C1'" . DG  C 1 4  ? -5.701  1.392   4.183   1.00 69.34  ? 4   DG  C "C1'" 1 
ATOM   554 N  N9    . DG  C 1 4  ? -5.838  1.939   2.840   1.00 62.20  ? 4   DG  C N9    1 
ATOM   555 C  C8    . DG  C 1 4  ? -6.904  2.643   2.327   1.00 61.52  ? 4   DG  C C8    1 
ATOM   556 N  N7    . DG  C 1 4  ? -6.729  3.003   1.083   1.00 57.26  ? 4   DG  C N7    1 
ATOM   557 C  C5    . DG  C 1 4  ? -5.485  2.482   0.749   1.00 59.74  ? 4   DG  C C5    1 
ATOM   558 C  C6    . DG  C 1 4  ? -4.779  2.511   -0.478  1.00 48.40  ? 4   DG  C C6    1 
ATOM   559 O  O6    . DG  C 1 4  ? -5.118  3.037   -1.552  1.00 56.24  ? 4   DG  C O6    1 
ATOM   560 N  N1    . DG  C 1 4  ? -3.581  1.810   -0.394  1.00 44.89  ? 4   DG  C N1    1 
ATOM   561 C  C2    . DG  C 1 4  ? -3.116  1.172   0.727   1.00 47.79  ? 4   DG  C C2    1 
ATOM   562 N  N2    . DG  C 1 4  ? -1.915  0.582   0.622   1.00 49.22  ? 4   DG  C N2    1 
ATOM   563 N  N3    . DG  C 1 4  ? -3.762  1.145   1.880   1.00 42.84  ? 4   DG  C N3    1 
ATOM   564 C  C4    . DG  C 1 4  ? -4.934  1.805   1.815   1.00 57.39  ? 4   DG  C C4    1 
ATOM   565 P  P     . DG  C 1 7  ? -13.780 -5.718  4.655   1.00 107.29 ? 7   DG  C P     1 
ATOM   566 O  OP1   . DG  C 1 7  ? -12.594 -5.001  5.199   1.00 78.84  ? 7   DG  C OP1   1 
ATOM   567 O  OP2   . DG  C 1 7  ? -14.890 -4.947  4.009   1.00 84.01  ? 7   DG  C OP2   1 
ATOM   568 O  "O5'" . DG  C 1 7  ? -13.201 -6.802  3.637   1.00 85.47  ? 7   DG  C "O5'" 1 
ATOM   569 C  "C5'" . DG  C 1 7  ? -12.814 -6.450  2.302   1.00 78.13  ? 7   DG  C "C5'" 1 
ATOM   570 C  "C4'" . DG  C 1 7  ? -11.722 -7.385  1.842   1.00 69.96  ? 7   DG  C "C4'" 1 
ATOM   571 O  "O4'" . DG  C 1 7  ? -11.614 -7.320  0.399   1.00 64.68  ? 7   DG  C "O4'" 1 
ATOM   572 C  "C3'" . DG  C 1 7  ? -10.329 -7.043  2.368   1.00 70.49  ? 7   DG  C "C3'" 1 
ATOM   573 O  "O3'" . DG  C 1 7  ? -9.519  -8.225  2.443   1.00 68.04  ? 7   DG  C "O3'" 1 
ATOM   574 C  "C2'" . DG  C 1 7  ? -9.799  -6.125  1.285   1.00 63.91  ? 7   DG  C "C2'" 1 
ATOM   575 C  "C1'" . DG  C 1 7  ? -10.307 -6.872  0.060   1.00 61.51  ? 7   DG  C "C1'" 1 
ATOM   576 N  N9    . DG  C 1 7  ? -10.398 -6.105  -1.168  1.00 48.45  ? 7   DG  C N9    1 
ATOM   577 C  C8    . DG  C 1 7  ? -11.405 -5.259  -1.563  1.00 54.26  ? 7   DG  C C8    1 
ATOM   578 N  N7    . DG  C 1 7  ? -11.215 -4.759  -2.751  1.00 39.84  ? 7   DG  C N7    1 
ATOM   579 C  C5    . DG  C 1 7  ? -10.012 -5.310  -3.161  1.00 52.66  ? 7   DG  C C5    1 
ATOM   580 C  C6    . DG  C 1 7  ? -9.295  -5.130  -4.354  1.00 45.40  ? 7   DG  C C6    1 
ATOM   581 O  O6    . DG  C 1 7  ? -9.592  -4.403  -5.326  1.00 36.12  ? 7   DG  C O6    1 
ATOM   582 N  N1    . DG  C 1 7  ? -8.139  -5.902  -4.372  1.00 33.94  ? 7   DG  C N1    1 
ATOM   583 C  C2    . DG  C 1 7  ? -7.708  -6.704  -3.351  1.00 40.99  ? 7   DG  C C2    1 
ATOM   584 N  N2    . DG  C 1 7  ? -6.542  -7.347  -3.543  1.00 41.49  ? 7   DG  C N2    1 
ATOM   585 N  N3    . DG  C 1 7  ? -8.371  -6.876  -2.229  1.00 43.07  ? 7   DG  C N3    1 
ATOM   586 C  C4    . DG  C 1 7  ? -9.507  -6.155  -2.202  1.00 46.70  ? 7   DG  C C4    1 
ATOM   587 P  P     . DG  C 1 8  ? -8.232  -8.267  3.388   1.00 81.80  ? 8   DG  C P     1 
ATOM   588 O  OP1   . DG  C 1 8  ? -7.760  -9.666  3.485   1.00 86.26  ? 8   DG  C OP1   1 
ATOM   589 O  OP2   . DG  C 1 8  ? -8.543  -7.495  4.620   1.00 77.21  ? 8   DG  C OP2   1 
ATOM   590 O  "O5'" . DG  C 1 8  ? -7.067  -7.624  2.518   1.00 73.09  ? 8   DG  C "O5'" 1 
ATOM   591 C  "C5'" . DG  C 1 8  ? -5.763  -7.527  3.123   1.00 83.65  ? 8   DG  C "C5'" 1 
ATOM   592 C  "C4'" . DG  C 1 8  ? -4.677  -7.195  2.121   1.00 84.34  ? 8   DG  C "C4'" 1 
ATOM   593 O  "O4'" . DG  C 1 8  ? -5.206  -6.953  0.794   1.00 74.68  ? 8   DG  C "O4'" 1 
ATOM   594 C  "C3'" . DG  C 1 8  ? -3.852  -5.955  2.483   1.00 86.94  ? 8   DG  C "C3'" 1 
ATOM   595 O  "O3'" . DG  C 1 8  ? -2.664  -6.237  3.261   1.00 88.35  ? 8   DG  C "O3'" 1 
ATOM   596 C  "C2'" . DG  C 1 8  ? -3.566  -5.281  1.149   1.00 81.56  ? 8   DG  C "C2'" 1 
ATOM   597 C  "C1'" . DG  C 1 8  ? -4.378  -6.035  0.108   1.00 61.24  ? 8   DG  C "C1'" 1 
ATOM   598 N  N9    . DG  C 1 8  ? -5.226  -5.186  -0.725  1.00 45.89  ? 8   DG  C N9    1 
ATOM   599 C  C8    . DG  C 1 8  ? -6.487  -4.697  -0.463  1.00 53.32  ? 8   DG  C C8    1 
ATOM   600 N  N7    . DG  C 1 8  ? -6.977  -3.982  -1.443  1.00 54.73  ? 8   DG  C N7    1 
ATOM   601 C  C5    . DG  C 1 8  ? -5.983  -4.014  -2.416  1.00 48.79  ? 8   DG  C C5    1 
ATOM   602 C  C6    . DG  C 1 8  ? -5.948  -3.449  -3.705  1.00 39.44  ? 8   DG  C C6    1 
ATOM   603 O  O6    . DG  C 1 8  ? -6.821  -2.793  -4.291  1.00 56.69  ? 8   DG  C O6    1 
ATOM   604 N  N1    . DG  C 1 8  ? -4.754  -3.745  -4.361  1.00 53.62  ? 8   DG  C N1    1 
ATOM   605 C  C2    . DG  C 1 8  ? -3.730  -4.484  -3.837  1.00 41.43  ? 8   DG  C C2    1 
ATOM   606 N  N2    . DG  C 1 8  ? -2.661  -4.657  -4.624  1.00 47.61  ? 8   DG  C N2    1 
ATOM   607 N  N3    . DG  C 1 8  ? -3.760  -5.032  -2.636  1.00 44.49  ? 8   DG  C N3    1 
ATOM   608 C  C4    . DG  C 1 8  ? -4.901  -4.759  -1.985  1.00 37.78  ? 8   DG  C C4    1 
ATOM   609 P  P     . DG  C 1 9  ? -1.451  -7.141  2.683   1.00 108.65 ? 9   DG  C P     1 
ATOM   610 O  OP1   . DG  C 1 9  ? -2.010  -8.240  1.835   1.00 96.42  ? 9   DG  C OP1   1 
ATOM   611 O  OP2   . DG  C 1 9  ? -0.501  -7.423  3.793   1.00 110.23 ? 9   DG  C OP2   1 
ATOM   612 O  "O5'" . DG  C 1 9  ? -0.702  -6.205  1.640   1.00 97.57  ? 9   DG  C "O5'" 1 
ATOM   613 C  "C5'" . DG  C 1 9  ? 0.099   -6.861  0.643   1.00 80.95  ? 9   DG  C "C5'" 1 
ATOM   614 C  "C4'" . DG  C 1 9  ? 0.690   -5.888  -0.349  1.00 79.15  ? 9   DG  C "C4'" 1 
ATOM   615 O  "O4'" . DG  C 1 9  ? -0.337  -5.120  -1.020  1.00 73.38  ? 9   DG  C "O4'" 1 
ATOM   616 C  "C3'" . DG  C 1 9  ? 1.655   -4.862  0.242   1.00 67.41  ? 9   DG  C "C3'" 1 
ATOM   617 O  "O3'" . DG  C 1 9  ? 2.829   -4.871  -0.593  1.00 75.03  ? 9   DG  C "O3'" 1 
ATOM   618 C  "C2'" . DG  C 1 9  ? 0.864   -3.554  0.186   1.00 64.86  ? 9   DG  C "C2'" 1 
ATOM   619 C  "C1'" . DG  C 1 9  ? 0.087   -3.768  -1.086  1.00 57.61  ? 9   DG  C "C1'" 1 
ATOM   620 N  N9    . DG  C 1 9  ? -1.093  -2.957  -1.318  1.00 48.83  ? 9   DG  C N9    1 
ATOM   621 C  C8    . DG  C 1 9  ? -2.204  -2.799  -0.516  1.00 44.96  ? 9   DG  C C8    1 
ATOM   622 N  N7    . DG  C 1 9  ? -3.134  -2.071  -1.069  1.00 56.41  ? 9   DG  C N7    1 
ATOM   623 C  C5    . DG  C 1 9  ? -2.621  -1.759  -2.321  1.00 46.87  ? 9   DG  C C5    1 
ATOM   624 C  C6    . DG  C 1 9  ? -3.186  -1.020  -3.383  1.00 45.34  ? 9   DG  C C6    1 
ATOM   625 O  O6    . DG  C 1 9  ? -4.270  -0.425  -3.419  1.00 47.38  ? 9   DG  C O6    1 
ATOM   626 N  N1    . DG  C 1 9  ? -2.320  -0.952  -4.472  1.00 40.64  ? 9   DG  C N1    1 
ATOM   627 C  C2    . DG  C 1 9  ? -1.069  -1.514  -4.526  1.00 47.79  ? 9   DG  C C2    1 
ATOM   628 N  N2    . DG  C 1 9  ? -0.366  -1.313  -5.651  1.00 39.67  ? 9   DG  C N2    1 
ATOM   629 N  N3    . DG  C 1 9  ? -0.548  -2.240  -3.558  1.00 46.51  ? 9   DG  C N3    1 
ATOM   630 C  C4    . DG  C 1 9  ? -1.375  -2.329  -2.497  1.00 39.02  ? 9   DG  C C4    1 
ATOM   631 P  P     . DG  C 1 10 ? 4.196   -4.252  -0.053  1.00 80.93  ? 10  DG  C P     1 
ATOM   632 O  OP1   . DG  C 1 10 ? 5.289   -5.249  -0.249  1.00 76.16  ? 10  DG  C OP1   1 
ATOM   633 O  OP2   . DG  C 1 10 ? 3.882   -3.708  1.287   1.00 70.91  ? 10  DG  C OP2   1 
ATOM   634 O  "O5'" . DG  C 1 10 ? 4.543   -3.064  -1.066  1.00 83.18  ? 10  DG  C "O5'" 1 
ATOM   635 C  "C5'" . DG  C 1 10 ? 4.567   -3.263  -2.497  1.00 74.75  ? 10  DG  C "C5'" 1 
ATOM   636 C  "C4'" . DG  C 1 10 ? 4.672   -1.941  -3.225  1.00 73.23  ? 10  DG  C "C4'" 1 
ATOM   637 O  "O4'" . DG  C 1 10 ? 3.362   -1.355  -3.411  1.00 68.07  ? 10  DG  C "O4'" 1 
ATOM   638 C  "C3'" . DG  C 1 10 ? 5.493   -0.855  -2.527  1.00 73.62  ? 10  DG  C "C3'" 1 
ATOM   639 O  "O3'" . DG  C 1 10 ? 6.271   -0.128  -3.493  1.00 75.71  ? 10  DG  C "O3'" 1 
ATOM   640 C  "C2'" . DG  C 1 10 ? 4.418   0.014   -1.886  1.00 68.44  ? 10  DG  C "C2'" 1 
ATOM   641 C  "C1'" . DG  C 1 10 ? 3.391   0.001   -2.983  1.00 53.93  ? 10  DG  C "C1'" 1 
ATOM   642 N  N9    . DG  C 1 10 ? 2.030   0.393   -2.620  1.00 45.32  ? 10  DG  C N9    1 
ATOM   643 C  C8    . DG  C 1 10 ? 1.302   0.022   -1.522  1.00 46.70  ? 10  DG  C C8    1 
ATOM   644 N  N7    . DG  C 1 10 ? 0.085   0.497   -1.529  1.00 48.43  ? 10  DG  C N7    1 
ATOM   645 C  C5    . DG  C 1 10 ? -0.008  1.176   -2.736  1.00 43.09  ? 10  DG  C C5    1 
ATOM   646 C  C6    . DG  C 1 10 ? -1.090  1.877   -3.316  1.00 42.33  ? 10  DG  C C6    1 
ATOM   647 O  O6    . DG  C 1 10 ? -2.241  2.024   -2.882  1.00 49.56  ? 10  DG  C O6    1 
ATOM   648 N  N1    . DG  C 1 10 ? -0.739  2.433   -4.545  1.00 42.01  ? 10  DG  C N1    1 
ATOM   649 C  C2    . DG  C 1 10 ? 0.481   2.300   -5.151  1.00 39.40  ? 10  DG  C C2    1 
ATOM   650 N  N2    . DG  C 1 10 ? 0.613   2.874   -6.343  1.00 37.28  ? 10  DG  C N2    1 
ATOM   651 N  N3    . DG  C 1 10 ? 1.479   1.605   -4.646  1.00 42.20  ? 10  DG  C N3    1 
ATOM   652 C  C4    . DG  C 1 10 ? 1.184   1.120   -3.420  1.00 39.29  ? 10  DG  C C4    1 
ATOM   653 P  P     . DC  C 1 11 ? 7.688   -0.676  -3.922  1.00 76.13  ? 11  DC  C P     1 
ATOM   654 O  OP1   . DC  C 1 11 ? 8.331   0.288   -4.854  1.00 64.01  ? 11  DC  C OP1   1 
ATOM   655 O  OP2   . DC  C 1 11 ? 7.524   -2.113  -4.275  1.00 66.36  ? 11  DC  C OP2   1 
ATOM   656 O  "O5'" . DC  C 1 11 ? 8.486   -0.653  -2.543  1.00 72.57  ? 11  DC  C "O5'" 1 
ATOM   657 C  "C5'" . DC  C 1 11 ? 9.254   0.488   -2.160  1.00 77.31  ? 11  DC  C "C5'" 1 
ATOM   658 C  "C4'" . DC  C 1 11 ? 10.350  0.054   -1.211  1.00 79.71  ? 11  DC  C "C4'" 1 
ATOM   659 O  "O4'" . DC  C 1 11 ? 9.747   -0.379  0.018   1.00 70.10  ? 11  DC  C "O4'" 1 
ATOM   660 C  "C3'" . DC  C 1 11 ? 11.198  -1.125  -1.691  1.00 77.43  ? 11  DC  C "C3'" 1 
ATOM   661 O  "O3'" . DC  C 1 11 ? 12.547  -0.896  -1.308  1.00 88.90  ? 11  DC  C "O3'" 1 
ATOM   662 C  "C2'" . DC  C 1 11 ? 10.587  -2.316  -0.969  1.00 67.38  ? 11  DC  C "C2'" 1 
ATOM   663 C  "C1'" . DC  C 1 11 ? 10.203  -1.679  0.339   1.00 59.70  ? 11  DC  C "C1'" 1 
ATOM   664 N  N1    . DC  C 1 11 ? 9.159   -2.331  1.134   1.00 51.17  ? 11  DC  C N1    1 
ATOM   665 C  C2    . DC  C 1 11 ? 9.535   -3.190  2.167   1.00 59.73  ? 11  DC  C C2    1 
ATOM   666 O  O2    . DC  C 1 11 ? 10.732  -3.450  2.327   1.00 58.59  ? 11  DC  C O2    1 
ATOM   667 N  N3    . DC  C 1 11 ? 8.585   -3.726  2.963   1.00 59.43  ? 11  DC  C N3    1 
ATOM   668 C  C4    . DC  C 1 11 ? 7.312   -3.393  2.792   1.00 57.00  ? 11  DC  C C4    1 
ATOM   669 N  N4    . DC  C 1 11 ? 6.408   -3.948  3.604   1.00 62.43  ? 11  DC  C N4    1 
ATOM   670 C  C5    . DC  C 1 11 ? 6.899   -2.495  1.767   1.00 62.26  ? 11  DC  C C5    1 
ATOM   671 C  C6    . DC  C 1 11 ? 7.851   -1.974  0.981   1.00 57.01  ? 11  DC  C C6    1 
ATOM   672 P  P     . DC  C 1 12 ? 13.445  0.169   -2.085  1.00 110.33 ? 12  DC  C P     1 
ATOM   673 O  OP1   . DC  C 1 12 ? 14.086  1.061   -1.065  1.00 103.65 ? 12  DC  C OP1   1 
ATOM   674 O  OP2   . DC  C 1 12 ? 12.629  0.773   -3.162  1.00 106.34 ? 12  DC  C OP2   1 
ATOM   675 O  "O5'" . DC  C 1 12 ? 14.556  -0.755  -2.774  1.00 116.03 ? 12  DC  C "O5'" 1 
ATOM   676 C  "C5'" . DC  C 1 12 ? 15.978  -0.535  -2.579  1.00 112.60 ? 12  DC  C "C5'" 1 
ATOM   677 C  "C4'" . DC  C 1 12 ? 16.688  -1.845  -2.311  1.00 100.19 ? 12  DC  C "C4'" 1 
ATOM   678 O  "O4'" . DC  C 1 12 ? 16.427  -2.303  -0.963  1.00 76.29  ? 12  DC  C "O4'" 1 
ATOM   679 C  "C3'" . DC  C 1 12 ? 16.301  -3.001  -3.244  1.00 91.98  ? 12  DC  C "C3'" 1 
ATOM   680 O  "O3'" . DC  C 1 12 ? 17.474  -3.471  -3.908  1.00 85.51  ? 12  DC  C "O3'" 1 
ATOM   681 C  "C2'" . DC  C 1 12 ? 15.733  -4.070  -2.321  1.00 77.50  ? 12  DC  C "C2'" 1 
ATOM   682 C  "C1'" . DC  C 1 12 ? 16.300  -3.712  -0.960  1.00 66.60  ? 12  DC  C "C1'" 1 
ATOM   683 N  N1    . DC  C 1 12 ? 15.420  -4.081  0.154   1.00 53.73  ? 12  DC  C N1    1 
ATOM   684 C  C2    . DC  C 1 12 ? 15.681  -5.251  0.869   1.00 61.73  ? 12  DC  C C2    1 
ATOM   685 O  O2    . DC  C 1 12 ? 16.670  -5.933  0.563   1.00 60.41  ? 12  DC  C O2    1 
ATOM   686 N  N3    . DC  C 1 12 ? 14.869  -5.599  1.894   1.00 52.69  ? 12  DC  C N3    1 
ATOM   687 C  C4    . DC  C 1 12 ? 13.825  -4.831  2.204   1.00 62.42  ? 12  DC  C C4    1 
ATOM   688 N  N4    . DC  C 1 12 ? 13.059  -5.203  3.228   1.00 55.60  ? 12  DC  C N4    1 
ATOM   689 C  C5    . DC  C 1 12 ? 13.520  -3.647  1.477   1.00 54.32  ? 12  DC  C C5    1 
ATOM   690 C  C6    . DC  C 1 12 ? 14.346  -3.303  0.478   1.00 59.89  ? 12  DC  C C6    1 
HETATM 691 BA BA    . BA  D 2 .  ? 13.567  -2.844  7.111   0.50 49.36  ? 101 BA  A BA    1 
HETATM 692 BA BA    . BA  E 2 .  ? 15.715  0.609   12.088  0.50 44.19  ? 102 BA  A BA    1 
HETATM 693 BA BA    . BA  F 2 .  ? 3.431   -1.943  6.232   0.30 61.65  ? 103 BA  A BA    1 
HETATM 694 BA BA    . BA  G 2 .  ? -4.619  2.033   -3.990  1.00 59.67  ? 101 BA  C BA    1 
HETATM 695 BA BA    . BA  H 2 .  ? -7.640  -2.966  -6.638  1.00 52.45  ? 102 BA  C BA    1 
HETATM 696 O  O     . HOH I 3 .  ? 3.578   4.143   17.519  1.00 62.66  ? 201 HOH A O     1 
HETATM 697 O  O     . HOH I 3 .  ? 16.935  -12.337 17.526  1.00 59.98  ? 202 HOH A O     1 
HETATM 698 O  O     . HOH I 3 .  ? 10.262  5.332   6.447   1.00 44.90  ? 203 HOH A O     1 
HETATM 699 O  O     . HOH I 3 .  ? -3.591  -4.999  11.552  1.00 68.78  ? 204 HOH A O     1 
HETATM 700 O  O     . HOH I 3 .  ? 3.763   -13.769 11.728  0.50 56.71  ? 205 HOH A O     1 
HETATM 701 O  O     . HOH I 3 .  ? 8.043   5.349   -10.616 1.00 66.76  ? 206 HOH A O     1 
HETATM 702 O  O     . HOH J 3 .  ? -19.781 14.788  2.844   1.00 55.04  ? 101 HOH B O     1 
HETATM 703 O  O     . HOH J 3 .  ? 5.662   -5.707  -10.797 1.00 63.79  ? 102 HOH B O     1 
HETATM 704 O  O     . HOH J 3 .  ? -18.353 11.514  -1.380  1.00 52.77  ? 103 HOH B O     1 
HETATM 705 O  O     . HOH J 3 .  ? -19.425 15.074  -0.283  1.00 62.25  ? 104 HOH B O     1 
HETATM 706 O  O     . HOH K 3 .  ? -2.891  3.804   3.605   1.00 55.66  ? 201 HOH C O     1 
# 
